data_6LE4
#
_entry.id   6LE4
#
_cell.length_a   216.568
_cell.length_b   200.738
_cell.length_c   114.883
_cell.angle_alpha   90.000
_cell.angle_beta   117.210
_cell.angle_gamma   90.000
#
_symmetry.space_group_name_H-M   'C 1 2 1'
#
loop_
_entity.id
_entity.type
_entity.pdbx_description
1 polymer 'Cystathionine gamma-lyase'
2 non-polymer '(2~{S})-4-[(2~{R})-2-azanyl-3-oxidanyl-3-oxidanylidene-propyl]sulfanyl-2-[(~{E})-[2-methyl-3-oxidanyl-5-(phosphonooxymethyl)pyridin-4-yl]methylideneamino]butanoic acid'
3 non-polymer 'PHOSPHATE ION'
4 water water
#
_entity_poly.entity_id   1
_entity_poly.type   'polypeptide(L)'
_entity_poly.pdbx_seq_one_letter_code
;MKFETQLIHGGISEDATTGATSVPIYMASTFRQTKIGQNQYEYSRTGNPTRAAVEALIATLEHGSAGFAFASGSAAINTV
FSLFSAGDHIIVGNDVYGGTFRLIDAVLKHFGMTFTAVDTRDLAAVEAAITPTTKAIYLETPTNPLLHITDIAAIAKLAQ
AHDLLSIIDNTFASPYVQKPLDLGVDIVLHSASAYLGGHSDVIGGLVVTKTPALGEKIGYLQNAIGSILAPQESWLLQRG
MKTLALRMQAHLNNAAKIFTYLKSHPAVTKIYYPGDPDNPDFSIAKQQMNGFGAMISFELQPGMNPQTFVEHLQVITLAE
SLGALESLIEIPALMTHGAIPRTIRLQNGIKDELIRLSVGVEASDDLLADLERGFASIQADLEHHHHHH
;
_entity_poly.pdbx_strand_id   A,B,C,D,E,F
#
# COMPACT_ATOMS: atom_id res chain seq x y z
N MET A 1 32.39 3.63 -12.12
CA MET A 1 32.66 2.21 -12.28
C MET A 1 33.03 1.96 -13.74
N LYS A 2 32.79 0.77 -14.26
CA LYS A 2 32.92 0.54 -15.69
C LYS A 2 31.66 1.01 -16.44
N PHE A 3 31.76 1.11 -17.76
CA PHE A 3 30.69 1.75 -18.52
C PHE A 3 29.37 0.97 -18.47
N GLU A 4 29.44 -0.36 -18.55
CA GLU A 4 28.21 -1.14 -18.46
C GLU A 4 27.50 -0.90 -17.14
N THR A 5 28.25 -0.69 -16.06
CA THR A 5 27.67 -0.47 -14.74
C THR A 5 27.10 0.92 -14.59
N GLN A 6 27.63 1.89 -15.34
CA GLN A 6 27.12 3.26 -15.29
C GLN A 6 25.73 3.35 -15.91
N LEU A 7 25.43 2.54 -16.92
CA LEU A 7 24.10 2.51 -17.53
C LEU A 7 23.05 2.10 -16.52
N ILE A 8 23.37 1.11 -15.68
CA ILE A 8 22.41 0.56 -14.72
C ILE A 8 22.25 1.49 -13.52
N HIS A 9 23.34 2.13 -13.10
CA HIS A 9 23.39 2.78 -11.80
C HIS A 9 23.77 4.26 -11.84
N GLY A 10 24.31 4.75 -12.97
CA GLY A 10 24.78 6.11 -13.07
C GLY A 10 23.65 7.12 -13.22
N GLY A 11 24.04 8.37 -13.50
CA GLY A 11 23.08 9.47 -13.39
C GLY A 11 22.44 9.47 -12.02
N ILE A 12 21.16 9.82 -11.98
CA ILE A 12 20.29 9.46 -10.87
C ILE A 12 19.47 8.28 -11.32
N SER A 13 19.58 7.16 -10.63
CA SER A 13 18.92 5.94 -11.11
C SER A 13 18.00 5.34 -10.06
N GLU A 14 17.74 6.03 -8.97
CA GLU A 14 16.82 5.57 -7.94
C GLU A 14 16.22 6.78 -7.22
N ASP A 15 15.52 6.53 -6.12
CA ASP A 15 14.79 7.55 -5.39
C ASP A 15 15.31 7.60 -3.96
N ALA A 16 15.92 8.72 -3.59
CA ALA A 16 16.61 8.78 -2.32
C ALA A 16 15.69 8.42 -1.15
N THR A 17 14.48 8.96 -1.11
CA THR A 17 13.64 8.79 0.08
C THR A 17 13.05 7.39 0.22
N THR A 18 12.59 6.78 -0.87
CA THR A 18 11.89 5.50 -0.78
C THR A 18 12.78 4.29 -0.99
N GLY A 19 13.85 4.45 -1.77
CA GLY A 19 14.65 3.33 -2.25
C GLY A 19 14.24 2.82 -3.60
N ALA A 20 13.17 3.38 -4.17
CA ALA A 20 12.62 2.92 -5.43
C ALA A 20 13.73 2.70 -6.43
N THR A 21 13.73 1.52 -7.07
CA THR A 21 14.77 1.15 -8.03
C THR A 21 14.46 1.69 -9.42
N SER A 22 13.81 2.85 -9.45
CA SER A 22 13.35 3.47 -10.67
C SER A 22 12.89 4.88 -10.34
N VAL A 23 13.56 5.89 -10.92
CA VAL A 23 13.17 7.28 -10.79
C VAL A 23 11.68 7.44 -11.04
N PRO A 24 10.93 7.94 -10.06
CA PRO A 24 9.48 8.10 -10.26
C PRO A 24 9.18 9.07 -11.38
N ILE A 25 7.99 8.93 -11.94
CA ILE A 25 7.58 9.79 -13.05
C ILE A 25 6.83 10.93 -12.40
N TYR A 26 7.46 12.12 -12.40
CA TYR A 26 6.95 13.28 -11.69
C TYR A 26 6.13 14.04 -12.73
N MET A 27 4.85 13.70 -12.79
CA MET A 27 3.96 14.35 -13.72
C MET A 27 3.60 15.76 -13.29
N ALA A 28 3.80 16.12 -12.02
CA ALA A 28 3.39 17.44 -11.53
C ALA A 28 3.96 18.56 -12.39
N SER A 29 3.11 19.55 -12.68
CA SER A 29 3.56 20.70 -13.44
C SER A 29 4.29 21.67 -12.53
N THR A 30 3.87 21.76 -11.28
CA THR A 30 4.44 22.72 -10.35
C THR A 30 4.63 22.03 -9.01
N PHE A 31 5.39 22.71 -8.15
CA PHE A 31 5.83 22.22 -6.86
C PHE A 31 5.50 23.27 -5.80
N ARG A 32 4.88 22.85 -4.70
CA ARG A 32 4.63 23.78 -3.59
C ARG A 32 5.94 24.23 -2.95
N GLN A 33 5.91 25.43 -2.37
CA GLN A 33 7.09 26.00 -1.72
C GLN A 33 6.73 26.42 -0.30
N THR A 34 7.58 26.04 0.67
CA THR A 34 7.39 26.47 2.06
C THR A 34 7.85 27.92 2.25
N LYS A 35 9.08 28.17 1.86
CA LYS A 35 9.63 29.51 1.68
C LYS A 35 9.88 29.77 0.20
N ILE A 36 9.69 31.03 -0.23
CA ILE A 36 9.93 31.36 -1.63
C ILE A 36 11.42 31.24 -1.94
N GLY A 37 11.73 30.76 -3.15
CA GLY A 37 13.10 30.60 -3.59
C GLY A 37 13.80 29.37 -3.07
N GLN A 38 13.54 28.99 -1.81
CA GLN A 38 14.19 27.87 -1.15
C GLN A 38 13.81 26.52 -1.69
N ASN A 39 12.78 26.44 -2.49
CA ASN A 39 12.31 25.14 -2.99
C ASN A 39 13.31 24.55 -3.98
N GLN A 40 13.49 23.22 -3.92
CA GLN A 40 14.48 22.59 -4.79
C GLN A 40 14.01 22.58 -6.24
N TYR A 41 12.76 22.19 -6.47
CA TYR A 41 12.14 22.29 -7.79
C TYR A 41 11.01 23.30 -7.75
N GLU A 42 10.73 23.95 -8.90
CA GLU A 42 9.65 24.93 -8.93
C GLU A 42 8.61 24.70 -10.04
N TYR A 43 9.02 24.28 -11.21
CA TYR A 43 8.11 24.19 -12.35
C TYR A 43 8.69 23.15 -13.29
N SER A 44 7.81 22.26 -13.78
CA SER A 44 8.27 21.04 -14.43
C SER A 44 9.09 21.36 -15.67
N ARG A 45 8.81 22.48 -16.33
CA ARG A 45 9.58 22.88 -17.49
C ARG A 45 11.00 23.25 -17.10
N THR A 46 11.15 24.02 -16.01
CA THR A 46 12.47 24.42 -15.55
C THR A 46 13.29 23.24 -15.08
N GLY A 47 12.64 22.18 -14.61
CA GLY A 47 13.32 20.95 -14.25
C GLY A 47 12.54 20.20 -13.19
N ASN A 48 12.64 18.88 -13.24
CA ASN A 48 11.86 17.99 -12.39
C ASN A 48 12.70 16.75 -12.12
N PRO A 49 12.40 16.01 -11.05
CA PRO A 49 13.21 14.81 -10.75
C PRO A 49 13.30 13.81 -11.90
N THR A 50 12.25 13.65 -12.71
CA THR A 50 12.29 12.62 -13.75
C THR A 50 13.26 12.99 -14.87
N ARG A 51 13.07 14.16 -15.50
CA ARG A 51 13.99 14.59 -16.55
C ARG A 51 15.37 14.91 -16.00
N ALA A 52 15.45 15.38 -14.75
CA ALA A 52 16.77 15.61 -14.13
C ALA A 52 17.63 14.36 -14.15
N ALA A 53 17.02 13.20 -13.97
CA ALA A 53 17.77 11.96 -13.86
C ALA A 53 18.28 11.49 -15.22
N VAL A 54 17.45 11.61 -16.25
CA VAL A 54 17.89 11.27 -17.59
C VAL A 54 19.03 12.20 -17.99
N GLU A 55 18.92 13.47 -17.60
CA GLU A 55 19.95 14.46 -17.90
C GLU A 55 21.25 14.07 -17.23
N ALA A 56 21.18 13.71 -15.95
CA ALA A 56 22.35 13.22 -15.23
C ALA A 56 23.02 12.06 -15.96
N LEU A 57 22.23 11.10 -16.46
CA LEU A 57 22.79 9.88 -17.00
C LEU A 57 23.51 10.13 -18.31
N ILE A 58 22.88 10.85 -19.25
CA ILE A 58 23.54 11.07 -20.54
C ILE A 58 24.86 11.80 -20.33
N ALA A 59 24.96 12.60 -19.27
CA ALA A 59 26.18 13.37 -19.02
C ALA A 59 27.29 12.51 -18.41
N THR A 60 26.99 11.62 -17.46
CA THR A 60 28.08 10.76 -16.98
C THR A 60 28.53 9.81 -18.07
N LEU A 61 27.59 9.38 -18.92
CA LEU A 61 27.95 8.51 -20.04
C LEU A 61 28.82 9.22 -21.04
N GLU A 62 28.63 10.52 -21.24
CA GLU A 62 29.38 11.22 -22.27
C GLU A 62 30.65 11.85 -21.74
N HIS A 63 30.99 11.62 -20.47
CA HIS A 63 32.18 12.20 -19.83
C HIS A 63 32.12 13.74 -19.90
N GLY A 64 30.91 14.27 -19.70
CA GLY A 64 30.67 15.68 -19.57
C GLY A 64 30.13 16.09 -18.21
N SER A 65 29.83 17.38 -18.10
CA SER A 65 29.44 17.97 -16.83
C SER A 65 27.93 18.15 -16.67
N ALA A 66 27.18 18.36 -17.75
CA ALA A 66 25.77 18.67 -17.62
C ALA A 66 24.97 18.06 -18.76
N GLY A 67 23.85 17.43 -18.43
CA GLY A 67 22.92 16.92 -19.41
C GLY A 67 21.72 17.83 -19.59
N PHE A 68 21.14 17.81 -20.78
CA PHE A 68 19.92 18.57 -21.07
C PHE A 68 19.05 17.77 -22.03
N ALA A 69 17.85 17.41 -21.60
CA ALA A 69 16.95 16.58 -22.40
C ALA A 69 15.90 17.44 -23.10
N PHE A 70 15.68 17.18 -24.39
CA PHE A 70 14.80 17.99 -25.23
C PHE A 70 13.75 17.11 -25.89
N ALA A 71 12.73 17.78 -26.43
CA ALA A 71 11.54 17.10 -26.95
C ALA A 71 11.84 16.23 -28.15
N SER A 72 12.92 16.54 -28.87
CA SER A 72 13.37 15.83 -30.06
C SER A 72 14.80 16.26 -30.31
N GLY A 73 15.51 15.47 -31.10
CA GLY A 73 16.86 15.85 -31.48
C GLY A 73 16.88 17.17 -32.23
N SER A 74 15.91 17.37 -33.12
CA SER A 74 15.72 18.65 -33.80
C SER A 74 15.60 19.80 -32.80
N ALA A 75 14.75 19.62 -31.79
CA ALA A 75 14.55 20.65 -30.76
C ALA A 75 15.84 20.92 -29.98
N ALA A 76 16.65 19.89 -29.75
CA ALA A 76 17.95 20.09 -29.11
C ALA A 76 18.87 20.92 -30.01
N ILE A 77 18.98 20.54 -31.27
CA ILE A 77 19.78 21.30 -32.23
C ILE A 77 19.31 22.76 -32.27
N ASN A 78 18.00 22.97 -32.27
CA ASN A 78 17.50 24.33 -32.42
C ASN A 78 17.91 25.21 -31.25
N THR A 79 17.83 24.70 -30.02
CA THR A 79 18.16 25.62 -28.93
C THR A 79 19.67 25.69 -28.69
N VAL A 80 20.43 24.70 -29.16
CA VAL A 80 21.88 24.83 -29.19
C VAL A 80 22.29 25.96 -30.14
N PHE A 81 21.72 25.97 -31.35
CA PHE A 81 22.03 27.06 -32.27
C PHE A 81 21.46 28.39 -31.79
N SER A 82 20.54 28.37 -30.83
CA SER A 82 20.06 29.61 -30.25
C SER A 82 21.10 30.31 -29.39
N LEU A 83 22.24 29.66 -29.12
CA LEU A 83 23.39 30.39 -28.57
C LEU A 83 23.83 31.52 -29.50
N PHE A 84 23.73 31.33 -30.81
CA PHE A 84 24.27 32.27 -31.78
C PHE A 84 23.25 33.37 -32.14
N SER A 85 23.80 34.49 -32.60
CA SER A 85 23.01 35.68 -32.92
C SER A 85 23.27 36.07 -34.37
N ALA A 86 22.45 36.98 -34.89
CA ALA A 86 22.62 37.47 -36.25
C ALA A 86 24.01 38.08 -36.42
N GLY A 87 24.63 37.79 -37.56
CA GLY A 87 26.01 38.14 -37.81
C GLY A 87 26.95 36.95 -37.70
N ASP A 88 26.61 36.00 -36.85
CA ASP A 88 27.49 34.86 -36.62
C ASP A 88 27.53 33.97 -37.85
N HIS A 89 28.71 33.40 -38.09
CA HIS A 89 28.93 32.44 -39.18
C HIS A 89 29.28 31.10 -38.56
N ILE A 90 28.68 30.02 -39.08
CA ILE A 90 28.95 28.67 -38.62
C ILE A 90 29.43 27.84 -39.80
N ILE A 91 30.49 27.08 -39.58
CA ILE A 91 30.94 26.05 -40.51
C ILE A 91 30.17 24.77 -40.19
N VAL A 92 29.60 24.15 -41.23
CA VAL A 92 28.86 22.90 -41.08
C VAL A 92 29.47 21.84 -41.98
N GLY A 93 29.18 20.57 -41.67
CA GLY A 93 29.60 19.46 -42.52
C GLY A 93 28.76 19.33 -43.78
N ASN A 94 29.43 18.95 -44.87
CA ASN A 94 28.75 18.83 -46.17
C ASN A 94 27.69 17.74 -46.17
N ASP A 95 27.75 16.78 -45.25
CA ASP A 95 26.79 15.68 -45.15
C ASP A 95 26.23 15.64 -43.74
N VAL A 96 25.05 16.23 -43.55
CA VAL A 96 24.34 16.14 -42.28
C VAL A 96 22.92 15.71 -42.58
N TYR A 97 22.27 15.20 -41.54
CA TYR A 97 20.87 14.82 -41.61
C TYR A 97 20.06 15.95 -42.27
N GLY A 98 19.18 15.55 -43.19
CA GLY A 98 18.46 16.52 -44.00
C GLY A 98 17.70 17.56 -43.19
N GLY A 99 17.25 17.18 -42.00
CA GLY A 99 16.58 18.14 -41.14
C GLY A 99 17.52 19.20 -40.60
N THR A 100 18.75 18.82 -40.22
CA THR A 100 19.72 19.84 -39.82
C THR A 100 19.97 20.80 -40.97
N PHE A 101 20.04 20.27 -42.19
CA PHE A 101 20.07 21.10 -43.39
C PHE A 101 18.84 22.01 -43.46
N ARG A 102 17.66 21.45 -43.21
CA ARG A 102 16.42 22.22 -43.29
C ARG A 102 16.36 23.32 -42.22
N LEU A 103 16.65 22.97 -40.96
CA LEU A 103 16.59 23.97 -39.89
C LEU A 103 17.52 25.13 -40.20
N ILE A 104 18.69 24.84 -40.77
CA ILE A 104 19.64 25.89 -41.14
C ILE A 104 19.07 26.78 -42.23
N ASP A 105 18.69 26.16 -43.36
CA ASP A 105 18.26 26.93 -44.54
C ASP A 105 16.95 27.66 -44.30
N ALA A 106 15.98 26.96 -43.71
CA ALA A 106 14.60 27.45 -43.59
C ALA A 106 14.37 28.26 -42.32
N VAL A 107 15.19 28.10 -41.29
CA VAL A 107 14.97 28.88 -40.09
C VAL A 107 16.18 29.71 -39.72
N LEU A 108 17.34 29.07 -39.57
CA LEU A 108 18.44 29.76 -38.91
C LEU A 108 18.96 30.92 -39.75
N LYS A 109 18.99 30.77 -41.07
CA LYS A 109 19.43 31.87 -41.92
C LYS A 109 18.47 33.05 -41.87
N HIS A 110 17.19 32.83 -41.50
CA HIS A 110 16.29 33.93 -41.22
C HIS A 110 16.81 34.80 -40.10
N PHE A 111 17.54 34.21 -39.15
CA PHE A 111 17.96 34.89 -37.94
C PHE A 111 19.29 35.62 -38.11
N GLY A 112 19.73 35.86 -39.34
CA GLY A 112 20.99 36.52 -39.57
C GLY A 112 22.21 35.64 -39.45
N MET A 113 22.02 34.33 -39.31
CA MET A 113 23.13 33.38 -39.22
C MET A 113 23.52 32.90 -40.61
N THR A 114 24.83 32.84 -40.87
CA THR A 114 25.39 32.46 -42.16
C THR A 114 26.08 31.12 -42.03
N PHE A 115 26.09 30.34 -43.11
CA PHE A 115 26.65 29.00 -43.05
C PHE A 115 27.52 28.71 -44.27
N THR A 116 28.52 27.87 -44.05
CA THR A 116 29.41 27.35 -45.08
C THR A 116 29.53 25.84 -44.90
N ALA A 117 29.17 25.09 -45.95
CA ALA A 117 29.31 23.63 -45.93
C ALA A 117 30.70 23.19 -46.34
N VAL A 118 31.23 22.21 -45.61
CA VAL A 118 32.64 21.83 -45.69
C VAL A 118 32.77 20.34 -45.40
N ASP A 119 33.52 19.63 -46.24
CA ASP A 119 33.89 18.24 -45.93
C ASP A 119 34.91 18.25 -44.81
N THR A 120 34.42 18.08 -43.58
CA THR A 120 35.30 18.23 -42.42
C THR A 120 36.30 17.08 -42.26
N ARG A 121 36.36 16.14 -43.21
CA ARG A 121 37.49 15.24 -43.29
C ARG A 121 38.73 15.94 -43.82
N ASP A 122 38.55 16.90 -44.73
CA ASP A 122 39.62 17.78 -45.19
C ASP A 122 39.75 18.92 -44.19
N LEU A 123 40.79 18.87 -43.36
CA LEU A 123 40.95 19.91 -42.35
C LEU A 123 41.34 21.25 -42.96
N ALA A 124 42.10 21.23 -44.06
CA ALA A 124 42.42 22.48 -44.73
C ALA A 124 41.16 23.17 -45.26
N ALA A 125 40.23 22.39 -45.80
CA ALA A 125 38.93 22.97 -46.18
C ALA A 125 38.27 23.64 -44.99
N VAL A 126 38.29 22.99 -43.83
CA VAL A 126 37.72 23.57 -42.61
C VAL A 126 38.49 24.81 -42.21
N GLU A 127 39.80 24.68 -42.07
CA GLU A 127 40.65 25.81 -41.72
C GLU A 127 40.38 27.00 -42.64
N ALA A 128 40.20 26.73 -43.93
CA ALA A 128 40.02 27.80 -44.91
C ALA A 128 38.65 28.48 -44.80
N ALA A 129 37.69 27.84 -44.15
CA ALA A 129 36.34 28.37 -44.09
C ALA A 129 36.15 29.38 -42.96
N ILE A 130 37.14 29.53 -42.08
CA ILE A 130 37.01 30.27 -40.84
C ILE A 130 37.17 31.76 -41.11
N THR A 131 36.09 32.51 -40.94
CA THR A 131 36.04 33.95 -41.15
C THR A 131 36.04 34.67 -39.80
N PRO A 132 36.28 35.98 -39.80
CA PRO A 132 36.30 36.72 -38.52
C PRO A 132 34.98 36.67 -37.76
N THR A 133 33.86 36.47 -38.43
CA THR A 133 32.58 36.32 -37.79
C THR A 133 32.21 34.85 -37.52
N THR A 134 33.11 33.91 -37.81
CA THR A 134 32.83 32.52 -37.52
C THR A 134 32.90 32.27 -36.02
N LYS A 135 31.92 31.51 -35.52
CA LYS A 135 31.77 31.28 -34.09
C LYS A 135 31.73 29.82 -33.68
N ALA A 136 31.55 28.89 -34.62
CA ALA A 136 31.43 27.48 -34.26
C ALA A 136 31.66 26.60 -35.48
N ILE A 137 31.87 25.31 -35.20
CA ILE A 137 31.99 24.24 -36.19
C ILE A 137 31.00 23.15 -35.80
N TYR A 138 30.04 22.86 -36.67
CA TYR A 138 29.01 21.85 -36.41
C TYR A 138 29.16 20.72 -37.41
N LEU A 139 29.19 19.48 -36.91
CA LEU A 139 29.36 18.34 -37.79
C LEU A 139 28.82 17.08 -37.14
N GLU A 140 28.52 16.09 -37.96
CA GLU A 140 28.25 14.73 -37.50
C GLU A 140 29.33 13.77 -37.99
N THR A 141 29.56 12.76 -37.19
CA THR A 141 30.43 11.63 -37.53
C THR A 141 29.99 10.43 -36.70
N PRO A 142 29.52 9.34 -37.34
CA PRO A 142 29.36 9.27 -38.80
C PRO A 142 28.20 10.12 -39.34
N THR A 143 28.33 10.57 -40.59
CA THR A 143 27.33 11.45 -41.16
C THR A 143 26.12 10.67 -41.63
N ASN A 144 24.99 11.36 -41.67
CA ASN A 144 23.72 10.82 -42.14
C ASN A 144 23.55 11.20 -43.62
N PRO A 145 23.55 10.25 -44.56
CA PRO A 145 23.62 8.78 -44.43
C PRO A 145 24.93 8.19 -44.96
N LEU A 146 25.88 9.01 -45.39
CA LEU A 146 27.05 8.46 -46.05
C LEU A 146 28.14 7.98 -45.09
N LEU A 147 27.99 8.29 -43.80
CA LEU A 147 28.86 7.76 -42.76
C LEU A 147 30.31 8.19 -42.96
N HIS A 148 30.49 9.44 -43.40
CA HIS A 148 31.83 10.00 -43.47
C HIS A 148 32.39 10.15 -42.05
N ILE A 149 33.55 9.57 -41.81
CA ILE A 149 34.18 9.67 -40.49
C ILE A 149 35.11 10.88 -40.45
N THR A 150 34.84 11.79 -39.50
CA THR A 150 35.59 13.02 -39.32
C THR A 150 36.52 12.86 -38.12
N ASP A 151 37.65 13.57 -38.14
CA ASP A 151 38.61 13.49 -37.04
C ASP A 151 38.18 14.46 -35.95
N ILE A 152 37.61 13.92 -34.88
CA ILE A 152 37.00 14.78 -33.87
C ILE A 152 38.07 15.63 -33.19
N ALA A 153 39.10 14.97 -32.64
CA ALA A 153 40.15 15.70 -31.94
C ALA A 153 40.85 16.70 -32.83
N ALA A 154 40.96 16.40 -34.12
CA ALA A 154 41.51 17.39 -35.03
C ALA A 154 40.62 18.62 -35.10
N ILE A 155 39.32 18.41 -35.32
CA ILE A 155 38.41 19.54 -35.44
C ILE A 155 38.36 20.33 -34.15
N ALA A 156 38.40 19.61 -33.02
CA ALA A 156 38.43 20.28 -31.72
C ALA A 156 39.63 21.22 -31.58
N LYS A 157 40.84 20.72 -31.92
CA LYS A 157 42.03 21.57 -31.83
C LYS A 157 41.91 22.79 -32.73
N LEU A 158 41.46 22.59 -33.97
CA LEU A 158 41.18 23.72 -34.85
C LEU A 158 40.26 24.72 -34.18
N ALA A 159 39.23 24.23 -33.49
CA ALA A 159 38.24 25.11 -32.87
C ALA A 159 38.88 25.95 -31.77
N GLN A 160 39.63 25.31 -30.87
CA GLN A 160 40.22 26.04 -29.75
C GLN A 160 41.24 27.06 -30.24
N ALA A 161 41.99 26.70 -31.28
CA ALA A 161 42.98 27.58 -31.88
C ALA A 161 42.38 28.89 -32.37
N HIS A 162 41.08 28.91 -32.63
CA HIS A 162 40.43 30.06 -33.23
C HIS A 162 39.27 30.58 -32.39
N ASP A 163 39.16 30.15 -31.12
CA ASP A 163 38.11 30.59 -30.21
C ASP A 163 36.72 30.31 -30.79
N LEU A 164 36.58 29.13 -31.37
CA LEU A 164 35.36 28.57 -31.93
C LEU A 164 34.77 27.51 -30.98
N LEU A 165 33.49 27.25 -31.17
CA LEU A 165 32.81 26.16 -30.48
C LEU A 165 32.73 24.95 -31.38
N SER A 166 32.96 23.77 -30.81
CA SER A 166 32.85 22.52 -31.54
C SER A 166 31.56 21.85 -31.11
N ILE A 167 30.68 21.57 -32.08
CA ILE A 167 29.42 20.89 -31.85
C ILE A 167 29.42 19.63 -32.71
N ILE A 168 29.44 18.46 -32.05
CA ILE A 168 29.41 17.16 -32.72
C ILE A 168 28.06 16.50 -32.46
N ASP A 169 27.43 16.01 -33.53
CA ASP A 169 26.15 15.29 -33.47
C ASP A 169 26.46 13.80 -33.38
N ASN A 170 26.41 13.26 -32.15
CA ASN A 170 26.92 11.92 -31.84
C ASN A 170 25.85 10.85 -31.94
N THR A 171 24.81 11.08 -32.76
CA THR A 171 23.64 10.21 -32.76
C THR A 171 23.99 8.80 -33.23
N PHE A 172 24.76 8.69 -34.32
CA PHE A 172 24.98 7.39 -34.93
C PHE A 172 25.95 6.55 -34.11
N ALA A 173 26.96 7.17 -33.50
CA ALA A 173 27.89 6.35 -32.74
C ALA A 173 27.31 5.99 -31.37
N SER A 174 26.82 6.99 -30.61
CA SER A 174 26.34 6.91 -29.23
C SER A 174 27.53 6.82 -28.28
N PRO A 175 27.37 7.14 -26.99
CA PRO A 175 28.54 7.15 -26.11
C PRO A 175 29.23 5.80 -26.00
N TYR A 176 28.55 4.71 -26.37
CA TYR A 176 29.21 3.41 -26.35
C TYR A 176 30.34 3.34 -27.37
N VAL A 177 30.21 4.08 -28.47
CA VAL A 177 31.20 4.05 -29.55
C VAL A 177 32.12 5.26 -29.50
N GLN A 178 31.59 6.46 -29.24
CA GLN A 178 32.33 7.73 -29.27
C GLN A 178 31.91 8.58 -28.07
N LYS A 179 32.87 9.27 -27.47
CA LYS A 179 32.59 10.25 -26.42
C LYS A 179 33.32 11.53 -26.78
N PRO A 180 32.80 12.28 -27.76
CA PRO A 180 33.51 13.45 -28.30
C PRO A 180 33.99 14.47 -27.28
N LEU A 181 33.36 14.57 -26.10
CA LEU A 181 33.85 15.53 -25.10
C LEU A 181 35.24 15.18 -24.60
N ASP A 182 35.64 13.92 -24.77
CA ASP A 182 36.95 13.40 -24.42
C ASP A 182 38.00 13.71 -25.45
N LEU A 183 37.65 14.35 -26.57
CA LEU A 183 38.59 14.70 -27.63
C LEU A 183 38.70 16.22 -27.81
N GLY A 184 38.07 16.99 -26.93
CA GLY A 184 38.25 18.43 -26.91
C GLY A 184 37.03 19.24 -27.30
N VAL A 185 35.89 18.59 -27.50
CA VAL A 185 34.68 19.26 -27.98
C VAL A 185 34.00 19.95 -26.81
N ASP A 186 33.23 21.00 -27.10
CA ASP A 186 32.50 21.76 -26.11
C ASP A 186 31.08 21.28 -25.90
N ILE A 187 30.39 20.88 -26.97
CA ILE A 187 28.98 20.51 -26.92
C ILE A 187 28.82 19.19 -27.65
N VAL A 188 28.12 18.24 -27.04
CA VAL A 188 27.72 16.98 -27.67
C VAL A 188 26.20 16.88 -27.65
N LEU A 189 25.61 16.46 -28.77
CA LEU A 189 24.16 16.40 -28.87
C LEU A 189 23.74 15.13 -29.58
N HIS A 190 22.54 14.65 -29.23
CA HIS A 190 22.03 13.36 -29.65
C HIS A 190 20.59 13.48 -30.11
N SER A 191 20.25 12.72 -31.15
CA SER A 191 18.85 12.34 -31.37
C SER A 191 18.64 11.05 -30.59
N ALA A 192 18.12 11.18 -29.38
CA ALA A 192 17.88 10.04 -28.52
C ALA A 192 16.76 9.14 -29.01
N SER A 193 16.10 9.54 -30.12
CA SER A 193 15.16 8.66 -30.81
C SER A 193 15.86 7.44 -31.36
N ALA A 194 17.15 7.57 -31.65
CA ALA A 194 17.93 6.49 -32.22
C ALA A 194 18.34 5.50 -31.15
N TYR A 195 19.63 5.43 -30.87
CA TYR A 195 20.14 4.28 -30.13
C TYR A 195 19.94 4.41 -28.62
N LEU A 196 19.77 5.63 -28.11
CA LEU A 196 19.76 5.78 -26.65
C LEU A 196 18.43 5.34 -26.08
N GLY A 197 17.33 5.68 -26.75
CA GLY A 197 16.07 5.03 -26.44
C GLY A 197 16.02 3.60 -26.95
N GLY A 198 16.55 3.38 -28.15
CA GLY A 198 16.79 2.06 -28.74
C GLY A 198 15.60 1.15 -29.03
N HIS A 199 14.42 1.53 -28.59
CA HIS A 199 13.26 0.66 -28.70
C HIS A 199 12.23 1.16 -29.70
N SER A 200 12.53 2.20 -30.45
CA SER A 200 11.63 2.67 -31.49
C SER A 200 10.32 3.18 -30.90
N ASP A 201 10.37 3.70 -29.67
CA ASP A 201 9.15 4.26 -29.08
C ASP A 201 9.41 5.52 -28.28
N VAL A 202 10.40 6.33 -28.66
CA VAL A 202 10.69 7.59 -27.97
C VAL A 202 11.31 8.53 -28.99
N ILE A 203 10.75 9.74 -29.06
CA ILE A 203 11.39 10.87 -29.73
C ILE A 203 11.98 11.77 -28.64
N GLY A 204 13.23 12.16 -28.81
CA GLY A 204 13.84 13.02 -27.85
C GLY A 204 15.25 13.38 -28.27
N GLY A 205 15.75 14.46 -27.70
CA GLY A 205 17.11 14.88 -27.92
C GLY A 205 17.84 15.07 -26.60
N LEU A 206 19.17 15.03 -26.70
CA LEU A 206 20.02 15.22 -25.53
C LEU A 206 21.17 16.12 -25.92
N VAL A 207 21.53 17.01 -25.02
CA VAL A 207 22.74 17.81 -25.14
C VAL A 207 23.56 17.62 -23.88
N VAL A 208 24.87 17.46 -24.05
CA VAL A 208 25.79 17.36 -22.92
C VAL A 208 26.94 18.30 -23.19
N THR A 209 27.23 19.14 -22.21
CA THR A 209 28.23 20.18 -22.29
C THR A 209 29.37 19.78 -21.35
N LYS A 210 30.59 20.19 -21.68
CA LYS A 210 31.70 19.79 -20.82
C LYS A 210 32.06 20.85 -19.81
N THR A 211 32.25 22.10 -20.25
CA THR A 211 32.46 23.18 -19.31
C THR A 211 31.20 23.42 -18.48
N PRO A 212 31.35 23.98 -17.29
CA PRO A 212 30.18 24.31 -16.50
C PRO A 212 29.52 25.62 -16.91
N ALA A 213 30.28 26.54 -17.52
CA ALA A 213 29.71 27.84 -17.90
C ALA A 213 28.88 27.76 -19.18
N LEU A 214 29.11 26.74 -20.00
CA LEU A 214 28.28 26.49 -21.18
C LEU A 214 27.07 25.64 -20.84
N GLY A 215 27.17 24.80 -19.81
CA GLY A 215 25.98 24.22 -19.22
C GLY A 215 25.00 25.26 -18.73
N GLU A 216 25.50 26.35 -18.12
CA GLU A 216 24.62 27.45 -17.73
C GLU A 216 23.89 28.02 -18.94
N LYS A 217 24.59 28.20 -20.07
CA LYS A 217 23.99 28.81 -21.25
C LYS A 217 22.95 27.91 -21.89
N ILE A 218 23.30 26.62 -22.07
CA ILE A 218 22.38 25.67 -22.67
C ILE A 218 21.17 25.46 -21.77
N GLY A 219 21.38 25.49 -20.46
CA GLY A 219 20.26 25.38 -19.54
C GLY A 219 19.32 26.57 -19.62
N TYR A 220 19.88 27.78 -19.59
CA TYR A 220 19.06 28.98 -19.67
C TYR A 220 18.18 28.97 -20.91
N LEU A 221 18.72 28.45 -22.02
CA LEU A 221 17.96 28.35 -23.26
C LEU A 221 16.95 27.22 -23.21
N GLN A 222 17.33 26.06 -22.64
CA GLN A 222 16.38 24.95 -22.49
C GLN A 222 15.12 25.43 -21.80
N ASN A 223 15.27 26.20 -20.73
CA ASN A 223 14.12 26.65 -19.96
C ASN A 223 13.42 27.84 -20.61
N ALA A 224 14.17 28.77 -21.22
CA ALA A 224 13.55 29.95 -21.83
C ALA A 224 12.80 29.60 -23.11
N ILE A 225 13.31 28.64 -23.87
CA ILE A 225 12.62 28.18 -25.07
C ILE A 225 11.65 27.04 -24.78
N GLY A 226 11.96 26.19 -23.80
CA GLY A 226 11.00 25.22 -23.31
C GLY A 226 10.81 23.95 -24.12
N SER A 227 11.60 23.74 -25.18
CA SER A 227 11.43 22.53 -25.96
C SER A 227 11.97 21.31 -25.19
N ILE A 228 11.42 21.06 -24.00
CA ILE A 228 11.93 20.05 -23.08
C ILE A 228 11.32 18.68 -23.38
N LEU A 229 12.01 17.64 -22.91
CA LEU A 229 11.51 16.27 -22.92
C LEU A 229 10.60 16.01 -21.73
N ALA A 230 9.42 15.47 -21.99
CA ALA A 230 8.40 15.32 -20.97
C ALA A 230 8.69 14.16 -20.04
N PRO A 231 8.03 14.12 -18.86
CA PRO A 231 8.38 13.11 -17.84
C PRO A 231 8.26 11.66 -18.28
N GLN A 232 7.14 11.26 -18.90
CA GLN A 232 7.01 9.87 -19.32
C GLN A 232 8.13 9.48 -20.27
N GLU A 233 8.44 10.36 -21.22
CA GLU A 233 9.41 9.99 -22.25
C GLU A 233 10.83 10.21 -21.78
N SER A 234 11.04 11.10 -20.82
CA SER A 234 12.32 11.10 -20.13
C SER A 234 12.50 9.76 -19.43
N TRP A 235 11.45 9.27 -18.78
CA TRP A 235 11.55 8.00 -18.07
C TRP A 235 11.80 6.83 -19.04
N LEU A 236 11.18 6.87 -20.21
CA LEU A 236 11.41 5.79 -21.16
C LEU A 236 12.82 5.82 -21.74
N LEU A 237 13.31 7.00 -22.14
CA LEU A 237 14.70 7.12 -22.55
C LEU A 237 15.62 6.45 -21.55
N GLN A 238 15.56 6.90 -20.30
CA GLN A 238 16.46 6.33 -19.31
C GLN A 238 16.26 4.84 -19.18
N ARG A 239 15.01 4.36 -19.35
CA ARG A 239 14.78 2.92 -19.33
C ARG A 239 15.48 2.24 -20.50
N GLY A 240 15.34 2.80 -21.70
CA GLY A 240 16.00 2.22 -22.86
C GLY A 240 17.51 2.37 -22.83
N MET A 241 18.00 3.38 -22.11
CA MET A 241 19.43 3.60 -22.03
C MET A 241 20.13 2.51 -21.23
N LYS A 242 19.43 1.91 -20.26
CA LYS A 242 20.07 0.91 -19.41
C LYS A 242 20.57 -0.30 -20.21
N THR A 243 19.98 -0.58 -21.37
CA THR A 243 20.41 -1.71 -22.19
C THR A 243 21.30 -1.30 -23.34
N LEU A 244 21.74 -0.05 -23.39
CA LEU A 244 22.50 0.45 -24.53
C LEU A 244 23.69 -0.44 -24.84
N ALA A 245 24.45 -0.84 -23.82
CA ALA A 245 25.63 -1.65 -24.07
C ALA A 245 25.25 -2.99 -24.70
N LEU A 246 24.33 -3.71 -24.06
CA LEU A 246 23.87 -5.00 -24.59
C LEU A 246 23.35 -4.86 -26.02
N ARG A 247 22.51 -3.85 -26.26
CA ARG A 247 21.93 -3.66 -27.58
C ARG A 247 23.01 -3.25 -28.58
N MET A 248 23.92 -2.38 -28.18
CA MET A 248 24.89 -1.85 -29.13
C MET A 248 25.87 -2.93 -29.60
N GLN A 249 26.28 -3.84 -28.71
CA GLN A 249 27.12 -4.95 -29.17
C GLN A 249 26.39 -5.74 -30.24
N ALA A 250 25.13 -6.07 -29.98
CA ALA A 250 24.36 -6.87 -30.92
C ALA A 250 24.26 -6.17 -32.27
N HIS A 251 24.03 -4.85 -32.25
CA HIS A 251 24.01 -4.04 -33.47
C HIS A 251 25.34 -4.12 -34.21
N LEU A 252 26.44 -3.81 -33.50
CA LEU A 252 27.75 -3.75 -34.14
C LEU A 252 28.12 -5.07 -34.77
N ASN A 253 27.86 -6.16 -34.04
CA ASN A 253 28.22 -7.50 -34.51
C ASN A 253 27.41 -7.86 -35.75
N ASN A 254 26.10 -7.68 -35.67
CA ASN A 254 25.24 -7.89 -36.84
C ASN A 254 25.73 -7.10 -38.03
N ALA A 255 26.19 -5.85 -37.80
CA ALA A 255 26.58 -5.00 -38.91
C ALA A 255 27.88 -5.47 -39.54
N ALA A 256 28.84 -5.91 -38.74
CA ALA A 256 29.98 -6.61 -39.29
C ALA A 256 29.53 -7.71 -40.25
N LYS A 257 28.55 -8.51 -39.82
CA LYS A 257 28.09 -9.64 -40.63
C LYS A 257 27.38 -9.16 -41.88
N ILE A 258 26.62 -8.06 -41.80
CA ILE A 258 25.90 -7.56 -42.96
C ILE A 258 26.88 -6.96 -43.98
N PHE A 259 27.94 -6.31 -43.52
CA PHE A 259 28.90 -5.73 -44.45
C PHE A 259 29.64 -6.80 -45.24
N THR A 260 30.30 -7.75 -44.55
CA THR A 260 30.94 -8.87 -45.26
C THR A 260 29.98 -9.51 -46.24
N TYR A 261 28.70 -9.63 -45.84
CA TYR A 261 27.68 -10.23 -46.71
C TYR A 261 27.37 -9.36 -47.92
N LEU A 262 27.22 -8.05 -47.72
CA LEU A 262 26.90 -7.19 -48.85
C LEU A 262 28.09 -7.04 -49.79
N LYS A 263 29.31 -7.09 -49.25
CA LYS A 263 30.52 -6.97 -50.06
C LYS A 263 30.65 -8.14 -51.04
N SER A 264 30.27 -9.33 -50.60
CA SER A 264 30.21 -10.54 -51.40
C SER A 264 29.03 -10.58 -52.38
N HIS A 265 28.31 -9.48 -52.57
CA HIS A 265 27.25 -9.41 -53.56
C HIS A 265 27.66 -8.52 -54.71
N PRO A 266 27.65 -9.03 -55.94
CA PRO A 266 28.01 -8.20 -57.09
C PRO A 266 26.90 -7.24 -57.46
N ALA A 267 25.67 -7.56 -57.05
CA ALA A 267 24.56 -6.62 -57.19
C ALA A 267 24.83 -5.31 -56.47
N VAL A 268 25.68 -5.33 -55.45
CA VAL A 268 25.98 -4.17 -54.61
C VAL A 268 27.23 -3.50 -55.17
N THR A 269 27.06 -2.31 -55.74
CA THR A 269 28.09 -1.61 -56.49
C THR A 269 28.98 -0.72 -55.63
N LYS A 270 28.44 -0.12 -54.55
CA LYS A 270 29.21 0.70 -53.61
C LYS A 270 28.65 0.50 -52.20
N ILE A 271 29.50 0.62 -51.19
CA ILE A 271 29.09 0.43 -49.80
C ILE A 271 29.70 1.52 -48.92
N TYR A 272 28.92 2.02 -48.00
CA TYR A 272 29.36 3.00 -47.03
C TYR A 272 29.32 2.35 -45.65
N TYR A 273 30.49 2.11 -45.07
CA TYR A 273 30.66 1.49 -43.77
C TYR A 273 32.00 1.94 -43.20
N PRO A 274 32.00 2.54 -42.01
CA PRO A 274 33.27 3.01 -41.44
C PRO A 274 34.28 1.91 -41.21
N GLY A 275 33.87 0.65 -41.29
CA GLY A 275 34.78 -0.47 -41.16
C GLY A 275 35.21 -1.07 -42.47
N ASP A 276 34.73 -0.54 -43.59
CA ASP A 276 35.27 -0.88 -44.89
C ASP A 276 36.76 -0.54 -44.90
N PRO A 277 37.63 -1.51 -45.14
CA PRO A 277 39.08 -1.24 -45.03
C PRO A 277 39.69 -0.51 -46.23
N ASP A 278 39.09 -0.58 -47.41
CA ASP A 278 39.53 0.27 -48.52
C ASP A 278 38.99 1.69 -48.40
N ASN A 279 37.98 1.91 -47.55
CA ASN A 279 37.48 3.23 -47.21
C ASN A 279 38.59 4.05 -46.54
N PRO A 280 38.96 5.21 -47.08
CA PRO A 280 40.05 5.99 -46.47
C PRO A 280 39.74 6.45 -45.06
N ASP A 281 38.48 6.52 -44.69
CA ASP A 281 38.13 6.88 -43.32
C ASP A 281 38.48 5.78 -42.33
N PHE A 282 38.95 4.62 -42.81
CA PHE A 282 39.03 3.42 -41.97
C PHE A 282 39.90 3.64 -40.75
N SER A 283 40.97 4.42 -40.88
CA SER A 283 41.91 4.43 -39.77
C SER A 283 41.50 5.42 -38.70
N ILE A 284 41.00 6.60 -39.09
CA ILE A 284 40.49 7.56 -38.10
C ILE A 284 39.29 6.96 -37.39
N ALA A 285 38.58 6.04 -38.06
CA ALA A 285 37.47 5.35 -37.43
C ALA A 285 37.97 4.43 -36.32
N LYS A 286 38.95 3.56 -36.63
CA LYS A 286 39.53 2.70 -35.61
C LYS A 286 40.04 3.49 -34.42
N GLN A 287 40.61 4.65 -34.68
CA GLN A 287 41.32 5.42 -33.67
C GLN A 287 40.37 6.04 -32.66
N GLN A 288 39.20 6.51 -33.13
CA GLN A 288 38.27 7.26 -32.29
C GLN A 288 36.93 6.57 -32.08
N MET A 289 36.76 5.33 -32.56
CA MET A 289 35.47 4.67 -32.48
C MET A 289 35.62 3.25 -31.92
N ASN A 290 34.86 2.96 -30.87
CA ASN A 290 34.86 1.64 -30.24
C ASN A 290 33.76 0.84 -30.92
N GLY A 291 34.13 0.16 -32.00
CA GLY A 291 33.19 -0.35 -32.97
C GLY A 291 33.09 0.59 -34.16
N PHE A 292 32.48 0.08 -35.24
CA PHE A 292 32.36 0.88 -36.47
C PHE A 292 30.95 1.38 -36.72
N GLY A 293 30.08 1.36 -35.72
CA GLY A 293 28.67 1.65 -35.91
C GLY A 293 27.91 0.49 -36.50
N ALA A 294 26.59 0.66 -36.58
CA ALA A 294 25.69 -0.36 -37.09
C ALA A 294 24.80 0.21 -38.19
N MET A 295 25.33 1.20 -38.90
CA MET A 295 24.71 1.77 -40.09
C MET A 295 25.56 1.41 -41.30
N ILE A 296 24.91 0.91 -42.34
CA ILE A 296 25.55 0.62 -43.62
C ILE A 296 24.67 1.26 -44.69
N SER A 297 25.27 2.05 -45.56
CA SER A 297 24.57 2.48 -46.75
C SER A 297 25.23 1.85 -47.97
N PHE A 298 24.43 1.55 -48.98
CA PHE A 298 24.95 0.85 -50.15
C PHE A 298 24.10 1.18 -51.37
N GLU A 299 24.71 0.98 -52.54
CA GLU A 299 24.09 1.22 -53.83
C GLU A 299 24.02 -0.10 -54.59
N LEU A 300 22.94 -0.28 -55.35
CA LEU A 300 22.79 -1.44 -56.23
C LEU A 300 23.21 -1.07 -57.65
N GLN A 301 23.28 -2.08 -58.52
CA GLN A 301 23.75 -1.82 -59.88
C GLN A 301 22.73 -0.96 -60.61
N PRO A 302 23.19 -0.04 -61.47
CA PRO A 302 22.33 1.11 -61.85
C PRO A 302 21.00 0.72 -62.46
N GLY A 303 20.93 -0.42 -63.12
CA GLY A 303 19.64 -0.86 -63.57
C GLY A 303 18.73 -1.47 -62.52
N MET A 304 19.19 -1.59 -61.27
CA MET A 304 18.45 -2.31 -60.24
C MET A 304 17.66 -1.33 -59.37
N ASN A 305 16.40 -1.68 -59.12
CA ASN A 305 15.44 -0.80 -58.47
C ASN A 305 15.48 -0.93 -56.95
N PRO A 306 15.89 0.11 -56.21
CA PRO A 306 16.02 -0.03 -54.76
C PRO A 306 14.69 -0.08 -54.05
N GLN A 307 13.63 0.41 -54.66
CA GLN A 307 12.33 0.34 -54.03
C GLN A 307 11.76 -1.06 -54.14
N THR A 308 11.98 -1.71 -55.29
CA THR A 308 11.66 -3.13 -55.38
C THR A 308 12.40 -3.91 -54.31
N PHE A 309 13.71 -3.66 -54.18
CA PHE A 309 14.52 -4.36 -53.19
C PHE A 309 13.96 -4.17 -51.79
N VAL A 310 13.57 -2.95 -51.49
CA VAL A 310 13.17 -2.61 -50.14
C VAL A 310 11.76 -3.06 -49.82
N GLU A 311 10.83 -2.88 -50.75
CA GLU A 311 9.46 -3.29 -50.57
C GLU A 311 9.29 -4.82 -50.60
N HIS A 312 10.37 -5.56 -50.76
CA HIS A 312 10.32 -7.02 -50.75
C HIS A 312 11.08 -7.62 -49.57
N LEU A 313 11.63 -6.79 -48.69
CA LEU A 313 12.12 -7.26 -47.40
C LEU A 313 10.94 -7.42 -46.45
N GLN A 314 11.06 -8.33 -45.48
CA GLN A 314 9.93 -8.73 -44.66
C GLN A 314 10.23 -8.89 -43.17
N VAL A 315 11.48 -9.17 -42.83
CA VAL A 315 11.96 -8.99 -41.47
C VAL A 315 12.49 -7.58 -41.26
N ILE A 316 13.32 -7.11 -42.20
CA ILE A 316 13.69 -5.71 -42.24
C ILE A 316 12.46 -4.88 -42.60
N THR A 317 12.42 -3.65 -42.10
CA THR A 317 11.20 -2.86 -42.06
C THR A 317 11.41 -1.49 -42.69
N LEU A 318 10.59 -1.19 -43.70
CA LEU A 318 10.73 0.04 -44.47
C LEU A 318 10.11 1.20 -43.71
N ALA A 319 10.96 2.07 -43.17
CA ALA A 319 10.53 3.21 -42.38
C ALA A 319 11.70 4.15 -42.19
N GLU A 320 11.38 5.37 -41.76
CA GLU A 320 12.41 6.30 -41.33
C GLU A 320 12.85 5.94 -39.92
N SER A 321 13.80 6.71 -39.39
CA SER A 321 14.43 6.50 -38.09
C SER A 321 15.46 5.38 -38.18
N LEU A 322 16.11 5.10 -37.06
CA LEU A 322 17.32 4.30 -36.99
C LEU A 322 17.66 4.10 -35.52
N GLY A 323 18.61 3.22 -35.26
CA GLY A 323 18.97 2.96 -33.89
C GLY A 323 18.02 2.07 -33.14
N ALA A 324 17.07 1.45 -33.82
CA ALA A 324 16.01 0.65 -33.21
C ALA A 324 16.42 -0.80 -33.15
N LEU A 325 15.83 -1.53 -32.18
CA LEU A 325 16.07 -2.97 -32.07
C LEU A 325 15.77 -3.66 -33.38
N GLU A 326 14.64 -3.31 -33.99
CA GLU A 326 14.29 -3.71 -35.36
C GLU A 326 15.19 -3.07 -36.41
N SER A 327 15.61 -3.86 -37.39
CA SER A 327 16.43 -3.32 -38.47
C SER A 327 15.51 -2.54 -39.41
N LEU A 328 15.66 -1.23 -39.41
CA LEU A 328 14.96 -0.35 -40.33
C LEU A 328 15.80 -0.16 -41.59
N ILE A 329 15.12 0.11 -42.72
CA ILE A 329 15.79 0.38 -44.00
C ILE A 329 15.03 1.51 -44.70
N GLU A 330 15.74 2.24 -45.57
CA GLU A 330 15.19 3.48 -46.12
C GLU A 330 16.02 3.93 -47.31
N ILE A 331 15.39 4.70 -48.20
CA ILE A 331 16.00 5.32 -49.38
C ILE A 331 16.12 6.82 -49.12
N PRO A 332 17.29 7.33 -48.73
CA PRO A 332 17.34 8.72 -48.22
C PRO A 332 16.87 9.77 -49.21
N ALA A 333 17.02 9.59 -50.51
CA ALA A 333 16.50 10.59 -51.46
C ALA A 333 14.98 10.68 -51.39
N LEU A 334 14.30 9.54 -51.24
CA LEU A 334 12.85 9.50 -51.16
C LEU A 334 12.32 9.62 -49.74
N MET A 335 13.17 9.85 -48.76
CA MET A 335 12.72 9.83 -47.38
C MET A 335 13.45 10.87 -46.53
N THR A 336 14.45 10.45 -45.73
CA THR A 336 15.01 11.31 -44.69
C THR A 336 15.74 12.54 -45.23
N HIS A 337 16.11 12.54 -46.51
CA HIS A 337 16.86 13.64 -47.10
C HIS A 337 16.13 14.27 -48.27
N GLY A 338 14.83 14.02 -48.38
CA GLY A 338 14.01 14.76 -49.34
C GLY A 338 13.97 16.24 -49.05
N ALA A 339 14.34 16.65 -47.83
CA ALA A 339 14.41 18.05 -47.46
C ALA A 339 15.60 18.78 -48.09
N ILE A 340 16.49 18.05 -48.74
CA ILE A 340 17.63 18.65 -49.45
C ILE A 340 17.31 18.61 -50.94
N PRO A 341 17.49 19.71 -51.68
CA PRO A 341 17.17 19.70 -53.11
C PRO A 341 18.02 18.68 -53.86
N ARG A 342 17.38 18.00 -54.81
CA ARG A 342 18.04 16.88 -55.49
C ARG A 342 19.42 17.26 -56.02
N THR A 343 19.59 18.49 -56.51
CA THR A 343 20.87 18.89 -57.10
C THR A 343 21.96 18.99 -56.03
N ILE A 344 21.59 19.46 -54.84
CA ILE A 344 22.55 19.53 -53.75
C ILE A 344 22.84 18.13 -53.22
N ARG A 345 21.85 17.23 -53.30
CA ARG A 345 22.03 15.85 -52.86
C ARG A 345 23.05 15.14 -53.72
N LEU A 346 22.82 15.11 -55.03
CA LEU A 346 23.78 14.46 -55.93
C LEU A 346 25.14 15.13 -55.85
N GLN A 347 25.17 16.43 -55.56
CA GLN A 347 26.44 17.14 -55.48
C GLN A 347 27.25 16.74 -54.26
N ASN A 348 26.57 16.33 -53.18
CA ASN A 348 27.22 16.02 -51.91
C ASN A 348 27.39 14.54 -51.66
N GLY A 349 26.87 13.67 -52.53
CA GLY A 349 27.18 12.25 -52.50
C GLY A 349 25.99 11.31 -52.43
N ILE A 350 24.78 11.85 -52.55
CA ILE A 350 23.59 11.08 -52.27
C ILE A 350 22.80 10.84 -53.56
N LYS A 351 23.15 9.75 -54.24
CA LYS A 351 22.43 9.38 -55.45
C LYS A 351 21.00 8.96 -55.12
N ASP A 352 20.13 9.03 -56.12
CA ASP A 352 18.74 8.63 -55.91
C ASP A 352 18.57 7.15 -55.64
N GLU A 353 19.58 6.32 -55.87
CA GLU A 353 19.50 4.88 -55.67
C GLU A 353 20.16 4.43 -54.37
N LEU A 354 20.53 5.36 -53.50
CA LEU A 354 21.19 4.98 -52.26
C LEU A 354 20.20 4.34 -51.31
N ILE A 355 20.64 3.28 -50.63
CA ILE A 355 19.89 2.59 -49.59
C ILE A 355 20.63 2.72 -48.27
N ARG A 356 19.89 3.01 -47.19
CA ARG A 356 20.48 3.12 -45.87
C ARG A 356 19.84 2.11 -44.93
N LEU A 357 20.67 1.25 -44.36
CA LEU A 357 20.24 0.12 -43.56
C LEU A 357 20.75 0.35 -42.14
N SER A 358 19.82 0.60 -41.23
CA SER A 358 20.09 0.55 -39.80
C SER A 358 20.10 -0.92 -39.42
N VAL A 359 21.28 -1.51 -39.31
CA VAL A 359 21.39 -2.87 -38.80
C VAL A 359 20.81 -2.91 -37.41
N GLY A 360 19.96 -3.90 -37.15
CA GLY A 360 19.36 -4.11 -35.86
C GLY A 360 19.86 -5.29 -35.04
N VAL A 361 18.99 -5.80 -34.18
CA VAL A 361 19.37 -6.74 -33.14
C VAL A 361 18.87 -8.16 -33.41
N GLU A 362 17.99 -8.34 -34.38
CA GLU A 362 17.45 -9.65 -34.68
C GLU A 362 18.59 -10.60 -35.07
N ALA A 363 18.30 -11.90 -35.02
CA ALA A 363 19.34 -12.89 -35.28
C ALA A 363 19.95 -12.71 -36.67
N SER A 364 21.29 -12.71 -36.73
CA SER A 364 21.96 -12.42 -38.00
C SER A 364 21.51 -13.35 -39.13
N ASP A 365 21.31 -14.64 -38.84
CA ASP A 365 20.87 -15.56 -39.89
C ASP A 365 19.57 -15.11 -40.54
N ASP A 366 18.59 -14.69 -39.73
CA ASP A 366 17.31 -14.25 -40.27
C ASP A 366 17.42 -12.98 -41.11
N LEU A 367 18.43 -12.15 -40.84
CA LEU A 367 18.62 -10.91 -41.59
C LEU A 367 19.22 -11.17 -42.96
N LEU A 368 20.27 -11.98 -43.03
CA LEU A 368 20.87 -12.31 -44.32
C LEU A 368 19.86 -13.01 -45.22
N ALA A 369 19.13 -13.98 -44.66
CA ALA A 369 18.05 -14.64 -45.38
C ALA A 369 17.05 -13.63 -45.90
N ASP A 370 16.79 -12.57 -45.14
CA ASP A 370 15.81 -11.59 -45.55
C ASP A 370 16.37 -10.70 -46.66
N LEU A 371 17.58 -10.17 -46.46
CA LEU A 371 18.22 -9.39 -47.52
C LEU A 371 18.31 -10.18 -48.81
N GLU A 372 18.45 -11.50 -48.72
CA GLU A 372 18.44 -12.32 -49.93
C GLU A 372 17.08 -12.21 -50.63
N ARG A 373 15.99 -12.18 -49.85
CA ARG A 373 14.65 -12.02 -50.41
C ARG A 373 14.58 -10.75 -51.26
N GLY A 374 15.28 -9.70 -50.84
CA GLY A 374 15.28 -8.47 -51.61
C GLY A 374 16.20 -8.49 -52.79
N PHE A 375 17.33 -9.17 -52.70
CA PHE A 375 18.18 -9.32 -53.88
C PHE A 375 17.49 -10.19 -54.90
N ALA A 376 16.80 -11.23 -54.44
CA ALA A 376 16.11 -12.14 -55.34
C ALA A 376 15.07 -11.41 -56.18
N SER A 377 14.50 -10.35 -55.64
CA SER A 377 13.40 -9.66 -56.30
C SER A 377 13.84 -8.70 -57.39
N ILE A 378 15.15 -8.52 -57.58
CA ILE A 378 15.69 -7.61 -58.59
C ILE A 378 16.63 -8.31 -59.56
N GLN A 379 16.63 -9.65 -59.43
CA GLN A 379 17.19 -10.79 -60.16
C GLN A 379 18.69 -10.91 -59.90
N ALA A 380 19.03 -11.38 -58.68
CA ALA A 380 20.44 -11.45 -58.20
C ALA A 380 20.64 -12.28 -56.93
N MET B 1 -22.27 20.61 -32.85
CA MET B 1 -23.12 20.60 -31.65
C MET B 1 -22.98 21.85 -30.79
N LYS B 2 -23.13 21.66 -29.48
CA LYS B 2 -22.82 22.72 -28.52
C LYS B 2 -21.41 22.54 -27.94
N PHE B 3 -20.91 23.58 -27.27
CA PHE B 3 -19.50 23.57 -26.87
C PHE B 3 -19.18 22.48 -25.85
N GLU B 4 -20.06 22.25 -24.88
CA GLU B 4 -19.80 21.20 -23.90
C GLU B 4 -19.68 19.84 -24.59
N THR B 5 -20.44 19.62 -25.67
CA THR B 5 -20.43 18.35 -26.37
C THR B 5 -19.19 18.19 -27.24
N GLN B 6 -18.62 19.32 -27.68
CA GLN B 6 -17.41 19.27 -28.49
C GLN B 6 -16.20 18.82 -27.68
N LEU B 7 -16.17 19.15 -26.38
CA LEU B 7 -15.08 18.70 -25.51
C LEU B 7 -15.05 17.18 -25.40
N ILE B 8 -16.23 16.56 -25.31
CA ILE B 8 -16.33 15.12 -25.13
C ILE B 8 -16.07 14.39 -26.44
N HIS B 9 -16.52 14.95 -27.56
CA HIS B 9 -16.61 14.21 -28.81
C HIS B 9 -15.88 14.85 -29.97
N GLY B 10 -15.48 16.12 -29.87
CA GLY B 10 -14.84 16.83 -30.95
C GLY B 10 -13.38 16.43 -31.16
N GLY B 11 -12.72 17.18 -32.04
CA GLY B 11 -11.42 16.74 -32.52
C GLY B 11 -11.52 15.35 -33.08
N ILE B 12 -10.46 14.56 -32.89
CA ILE B 12 -10.55 13.10 -32.95
C ILE B 12 -10.62 12.62 -31.52
N SER B 13 -11.70 11.92 -31.17
CA SER B 13 -11.89 11.53 -29.77
C SER B 13 -12.08 10.03 -29.61
N GLU B 14 -11.86 9.25 -30.66
CA GLU B 14 -11.97 7.79 -30.58
C GLU B 14 -11.05 7.19 -31.63
N ASP B 15 -11.18 5.88 -31.84
CA ASP B 15 -10.30 5.12 -32.73
C ASP B 15 -11.15 4.46 -33.79
N ALA B 16 -10.95 4.86 -35.05
CA ALA B 16 -11.85 4.42 -36.11
C ALA B 16 -11.93 2.89 -36.19
N THR B 17 -10.80 2.19 -36.13
CA THR B 17 -10.81 0.76 -36.40
C THR B 17 -11.40 -0.06 -35.25
N THR B 18 -11.10 0.27 -34.01
CA THR B 18 -11.51 -0.57 -32.88
C THR B 18 -12.81 -0.12 -32.23
N GLY B 19 -13.11 1.17 -32.29
CA GLY B 19 -14.17 1.78 -31.52
C GLY B 19 -13.73 2.34 -30.19
N ALA B 20 -12.45 2.18 -29.86
CA ALA B 20 -11.92 2.61 -28.58
C ALA B 20 -12.41 4.01 -28.25
N THR B 21 -12.94 4.17 -27.03
CA THR B 21 -13.51 5.46 -26.61
C THR B 21 -12.42 6.36 -26.06
N SER B 22 -11.22 6.24 -26.61
CA SER B 22 -10.05 6.97 -26.16
C SER B 22 -8.94 6.77 -27.19
N VAL B 23 -8.51 7.86 -27.82
CA VAL B 23 -7.39 7.85 -28.75
C VAL B 23 -6.21 7.08 -28.14
N PRO B 24 -5.76 6.01 -28.79
CA PRO B 24 -4.64 5.23 -28.24
C PRO B 24 -3.39 6.07 -28.16
N ILE B 25 -2.49 5.66 -27.28
CA ILE B 25 -1.24 6.38 -27.09
C ILE B 25 -0.24 5.70 -28.01
N TYR B 26 0.13 6.40 -29.07
CA TYR B 26 0.95 5.83 -30.13
C TYR B 26 2.38 6.22 -29.76
N MET B 27 3.01 5.34 -28.99
CA MET B 27 4.38 5.58 -28.57
C MET B 27 5.38 5.36 -29.70
N ALA B 28 4.99 4.67 -30.78
CA ALA B 28 5.94 4.37 -31.85
C ALA B 28 6.65 5.63 -32.36
N SER B 29 7.95 5.52 -32.57
CA SER B 29 8.70 6.63 -33.13
C SER B 29 8.52 6.70 -34.62
N THR B 30 8.39 5.55 -35.27
CA THR B 30 8.30 5.49 -36.72
C THR B 30 7.21 4.50 -37.09
N PHE B 31 6.83 4.54 -38.37
CA PHE B 31 5.73 3.79 -38.94
C PHE B 31 6.24 3.08 -40.19
N ARG B 32 5.95 1.78 -40.31
CA ARG B 32 6.30 1.05 -41.53
C ARG B 32 5.50 1.57 -42.72
N GLN B 33 6.09 1.42 -43.90
CA GLN B 33 5.46 1.86 -45.14
C GLN B 33 5.42 0.71 -46.15
N THR B 34 4.25 0.49 -46.77
CA THR B 34 4.13 -0.52 -47.82
C THR B 34 4.71 -0.02 -49.14
N LYS B 35 4.35 1.21 -49.50
CA LYS B 35 4.86 1.92 -50.66
C LYS B 35 5.32 3.28 -50.16
N ILE B 36 6.51 3.72 -50.59
CA ILE B 36 7.10 4.95 -50.09
C ILE B 36 6.17 6.12 -50.39
N GLY B 37 6.11 7.08 -49.46
CA GLY B 37 5.28 8.26 -49.60
C GLY B 37 3.81 8.05 -49.31
N GLN B 38 3.28 6.92 -49.68
CA GLN B 38 1.86 6.75 -49.54
C GLN B 38 1.41 6.43 -48.13
N ASN B 39 2.34 6.26 -47.16
CA ASN B 39 1.97 6.00 -45.76
C ASN B 39 1.30 7.22 -45.14
N GLN B 40 0.29 6.98 -44.29
CA GLN B 40 -0.43 8.10 -43.70
C GLN B 40 0.41 8.82 -42.66
N TYR B 41 1.06 8.08 -41.77
CA TYR B 41 2.02 8.62 -40.83
C TYR B 41 3.41 8.10 -41.15
N GLU B 42 4.44 8.90 -40.86
CA GLU B 42 5.83 8.55 -41.16
C GLU B 42 6.74 8.50 -39.93
N TYR B 43 6.67 9.50 -39.06
CA TYR B 43 7.62 9.69 -37.98
C TYR B 43 6.93 10.49 -36.89
N SER B 44 7.10 10.05 -35.64
CA SER B 44 6.24 10.52 -34.56
C SER B 44 6.37 12.02 -34.37
N ARG B 45 7.55 12.57 -34.68
CA ARG B 45 7.76 14.01 -34.58
C ARG B 45 6.93 14.75 -35.61
N THR B 46 6.93 14.26 -36.84
CA THR B 46 6.16 14.90 -37.91
C THR B 46 4.67 14.81 -37.65
N GLY B 47 4.22 13.80 -36.92
CA GLY B 47 2.83 13.69 -36.51
C GLY B 47 2.44 12.25 -36.30
N ASN B 48 1.52 12.03 -35.38
CA ASN B 48 1.12 10.69 -34.95
C ASN B 48 -0.34 10.75 -34.54
N PRO B 49 -1.04 9.61 -34.53
CA PRO B 49 -2.46 9.65 -34.16
C PRO B 49 -2.75 10.29 -32.80
N THR B 50 -1.87 10.13 -31.81
CA THR B 50 -2.17 10.66 -30.47
C THR B 50 -2.14 12.19 -30.45
N ARG B 51 -1.01 12.79 -30.84
CA ARG B 51 -0.93 14.24 -30.89
C ARG B 51 -1.83 14.83 -31.96
N ALA B 52 -2.05 14.12 -33.07
CA ALA B 52 -2.98 14.59 -34.08
C ALA B 52 -4.35 14.88 -33.51
N ALA B 53 -4.79 14.07 -32.55
CA ALA B 53 -6.14 14.19 -32.02
C ALA B 53 -6.26 15.37 -31.08
N VAL B 54 -5.25 15.59 -30.24
CA VAL B 54 -5.25 16.77 -29.37
C VAL B 54 -5.23 18.02 -30.23
N GLU B 55 -4.47 17.97 -31.33
CA GLU B 55 -4.37 19.10 -32.24
C GLU B 55 -5.73 19.39 -32.86
N ALA B 56 -6.41 18.34 -33.32
CA ALA B 56 -7.77 18.48 -33.84
C ALA B 56 -8.69 19.16 -32.83
N LEU B 57 -8.61 18.76 -31.56
CA LEU B 57 -9.58 19.24 -30.57
C LEU B 57 -9.39 20.70 -30.25
N ILE B 58 -8.15 21.13 -29.98
CA ILE B 58 -7.96 22.53 -29.63
C ILE B 58 -8.39 23.43 -30.78
N ALA B 59 -8.34 22.93 -32.01
CA ALA B 59 -8.73 23.73 -33.16
C ALA B 59 -10.25 23.84 -33.32
N THR B 60 -11.01 22.74 -33.15
CA THR B 60 -12.46 22.91 -33.22
C THR B 60 -12.96 23.75 -32.07
N LEU B 61 -12.32 23.65 -30.91
CA LEU B 61 -12.69 24.46 -29.76
C LEU B 61 -12.41 25.93 -30.01
N GLU B 62 -11.36 26.25 -30.74
CA GLU B 62 -10.99 27.65 -30.93
C GLU B 62 -11.60 28.26 -32.17
N HIS B 63 -12.47 27.51 -32.89
CA HIS B 63 -13.08 27.98 -34.12
C HIS B 63 -12.02 28.36 -35.14
N GLY B 64 -10.96 27.55 -35.20
CA GLY B 64 -9.92 27.65 -36.19
C GLY B 64 -9.82 26.41 -37.08
N SER B 65 -8.82 26.45 -37.96
CA SER B 65 -8.65 25.42 -38.98
C SER B 65 -7.61 24.36 -38.63
N ALA B 66 -6.58 24.68 -37.86
CA ALA B 66 -5.51 23.73 -37.61
C ALA B 66 -4.95 23.89 -36.21
N GLY B 67 -4.76 22.76 -35.53
CA GLY B 67 -4.11 22.73 -34.24
C GLY B 67 -2.67 22.28 -34.33
N PHE B 68 -1.86 22.74 -33.39
CA PHE B 68 -0.46 22.33 -33.30
C PHE B 68 -0.06 22.26 -31.83
N ALA B 69 0.33 21.07 -31.37
CA ALA B 69 0.67 20.85 -29.97
C ALA B 69 2.19 20.87 -29.78
N PHE B 70 2.64 21.58 -28.74
CA PHE B 70 4.07 21.79 -28.49
C PHE B 70 4.42 21.36 -27.08
N ALA B 71 5.74 21.23 -26.86
CA ALA B 71 6.26 20.65 -25.61
C ALA B 71 5.94 21.51 -24.40
N SER B 72 5.72 22.81 -24.61
CA SER B 72 5.41 23.77 -23.57
C SER B 72 4.86 25.00 -24.27
N GLY B 73 4.17 25.86 -23.50
CA GLY B 73 3.69 27.10 -24.07
C GLY B 73 4.82 27.96 -24.58
N SER B 74 5.92 28.00 -23.83
CA SER B 74 7.15 28.67 -24.26
C SER B 74 7.61 28.16 -25.64
N ALA B 75 7.67 26.83 -25.78
CA ALA B 75 8.08 26.22 -27.05
C ALA B 75 7.13 26.58 -28.19
N ALA B 76 5.83 26.69 -27.89
CA ALA B 76 4.88 27.14 -28.90
C ALA B 76 5.16 28.57 -29.31
N ILE B 77 5.33 29.47 -28.34
CA ILE B 77 5.67 30.86 -28.62
C ILE B 77 6.94 30.93 -29.46
N ASN B 78 7.94 30.11 -29.12
CA ASN B 78 9.22 30.22 -29.80
C ASN B 78 9.08 29.87 -31.28
N THR B 79 8.33 28.81 -31.62
CA THR B 79 8.30 28.47 -33.04
C THR B 79 7.27 29.31 -33.80
N VAL B 80 6.32 29.91 -33.10
CA VAL B 80 5.46 30.92 -33.73
C VAL B 80 6.30 32.14 -34.13
N PHE B 81 7.14 32.63 -33.21
CA PHE B 81 8.00 33.75 -33.56
C PHE B 81 9.06 33.36 -34.58
N SER B 82 9.29 32.06 -34.78
CA SER B 82 10.20 31.63 -35.82
C SER B 82 9.66 31.87 -37.22
N LEU B 83 8.39 32.27 -37.35
CA LEU B 83 7.91 32.80 -38.63
C LEU B 83 8.72 34.03 -39.06
N PHE B 84 9.15 34.85 -38.11
CA PHE B 84 9.79 36.13 -38.41
C PHE B 84 11.30 35.99 -38.60
N SER B 85 11.87 36.93 -39.35
CA SER B 85 13.27 36.93 -39.70
C SER B 85 13.91 38.23 -39.22
N ALA B 86 15.25 38.28 -39.26
CA ALA B 86 15.98 39.48 -38.87
C ALA B 86 15.54 40.66 -39.74
N GLY B 87 15.37 41.81 -39.09
CA GLY B 87 14.80 42.99 -39.71
C GLY B 87 13.37 43.24 -39.29
N ASP B 88 12.63 42.19 -38.98
CA ASP B 88 11.22 42.32 -38.63
C ASP B 88 11.08 43.01 -37.29
N HIS B 89 10.03 43.83 -37.17
CA HIS B 89 9.67 44.52 -35.95
C HIS B 89 8.32 43.97 -35.48
N ILE B 90 8.20 43.70 -34.19
CA ILE B 90 6.97 43.22 -33.59
C ILE B 90 6.55 44.19 -32.49
N ILE B 91 5.28 44.54 -32.47
CA ILE B 91 4.66 45.25 -31.36
C ILE B 91 4.19 44.22 -30.34
N VAL B 92 4.55 44.42 -29.08
CA VAL B 92 4.15 43.54 -27.99
C VAL B 92 3.40 44.33 -26.93
N GLY B 93 2.64 43.60 -26.10
CA GLY B 93 1.95 44.22 -24.97
C GLY B 93 2.89 44.54 -23.81
N ASN B 94 2.62 45.67 -23.15
CA ASN B 94 3.47 46.13 -22.05
C ASN B 94 3.45 45.17 -20.85
N ASP B 95 2.43 44.31 -20.74
CA ASP B 95 2.30 43.35 -19.65
C ASP B 95 2.10 41.95 -20.25
N VAL B 96 3.19 41.19 -20.33
CA VAL B 96 3.11 39.80 -20.74
C VAL B 96 3.86 38.97 -19.72
N TYR B 97 3.55 37.67 -19.73
CA TYR B 97 4.25 36.71 -18.89
C TYR B 97 5.75 36.93 -18.99
N GLY B 98 6.42 36.90 -17.83
CA GLY B 98 7.83 37.25 -17.78
C GLY B 98 8.69 36.42 -18.71
N GLY B 99 8.30 35.17 -18.96
CA GLY B 99 9.04 34.35 -19.91
C GLY B 99 8.92 34.83 -21.34
N THR B 100 7.73 35.29 -21.75
CA THR B 100 7.62 35.88 -23.08
C THR B 100 8.52 37.10 -23.19
N PHE B 101 8.59 37.88 -22.11
CA PHE B 101 9.56 38.97 -22.01
C PHE B 101 10.98 38.43 -22.16
N ARG B 102 11.30 37.34 -21.45
CA ARG B 102 12.64 36.76 -21.49
C ARG B 102 12.99 36.22 -22.88
N LEU B 103 12.10 35.42 -23.49
CA LEU B 103 12.40 34.87 -24.80
C LEU B 103 12.67 35.98 -25.81
N ILE B 104 11.93 37.08 -25.71
CA ILE B 104 12.14 38.23 -26.59
C ILE B 104 13.51 38.85 -26.37
N ASP B 105 13.79 39.27 -25.13
CA ASP B 105 15.02 40.00 -24.81
C ASP B 105 16.25 39.14 -24.97
N ALA B 106 16.21 37.91 -24.46
CA ALA B 106 17.38 37.03 -24.37
C ALA B 106 17.58 36.18 -25.59
N VAL B 107 16.55 35.94 -26.40
CA VAL B 107 16.75 35.12 -27.57
C VAL B 107 16.38 35.86 -28.85
N LEU B 108 15.15 36.36 -28.92
CA LEU B 108 14.63 36.79 -30.22
C LEU B 108 15.37 37.99 -30.75
N LYS B 109 15.75 38.92 -29.87
CA LYS B 109 16.51 40.08 -30.33
C LYS B 109 17.89 39.70 -30.83
N HIS B 110 18.44 38.55 -30.41
CA HIS B 110 19.65 38.02 -31.02
C HIS B 110 19.45 37.75 -32.50
N PHE B 111 18.23 37.42 -32.91
CA PHE B 111 17.95 37.01 -34.27
C PHE B 111 17.63 38.17 -35.20
N GLY B 112 17.96 39.40 -34.80
CA GLY B 112 17.67 40.55 -35.62
C GLY B 112 16.25 41.06 -35.52
N MET B 113 15.45 40.52 -34.59
CA MET B 113 14.08 40.96 -34.40
C MET B 113 14.03 42.09 -33.38
N THR B 114 13.24 43.12 -33.68
CA THR B 114 13.11 44.31 -32.87
C THR B 114 11.72 44.36 -32.24
N PHE B 115 11.63 44.95 -31.04
CA PHE B 115 10.36 44.95 -30.33
C PHE B 115 10.07 46.32 -29.75
N THR B 116 8.77 46.62 -29.65
CA THR B 116 8.24 47.82 -29.02
C THR B 116 7.10 47.41 -28.09
N ALA B 117 7.24 47.73 -26.80
CA ALA B 117 6.19 47.47 -25.81
C ALA B 117 5.14 48.57 -25.80
N VAL B 118 3.87 48.17 -25.72
CA VAL B 118 2.74 49.06 -25.94
C VAL B 118 1.56 48.58 -25.10
N ASP B 119 0.92 49.50 -24.38
CA ASP B 119 -0.34 49.19 -23.71
C ASP B 119 -1.43 49.06 -24.77
N THR B 120 -1.69 47.82 -25.19
CA THR B 120 -2.60 47.61 -26.30
C THR B 120 -4.07 47.89 -25.96
N ARG B 121 -4.36 48.37 -24.74
CA ARG B 121 -5.67 48.95 -24.48
C ARG B 121 -5.81 50.32 -25.15
N ASP B 122 -4.72 51.07 -25.22
CA ASP B 122 -4.65 52.32 -25.99
C ASP B 122 -4.37 51.97 -27.44
N LEU B 123 -5.40 52.05 -28.29
CA LEU B 123 -5.20 51.68 -29.69
C LEU B 123 -4.35 52.69 -30.43
N ALA B 124 -4.42 53.98 -30.05
CA ALA B 124 -3.56 54.97 -30.67
C ALA B 124 -2.10 54.68 -30.37
N ALA B 125 -1.78 54.26 -29.14
CA ALA B 125 -0.42 53.82 -28.84
C ALA B 125 0.00 52.70 -29.78
N VAL B 126 -0.89 51.73 -30.00
CA VAL B 126 -0.59 50.62 -30.91
C VAL B 126 -0.42 51.13 -32.32
N GLU B 127 -1.43 51.87 -32.81
CA GLU B 127 -1.36 52.45 -34.15
C GLU B 127 -0.06 53.21 -34.36
N ALA B 128 0.38 53.95 -33.34
CA ALA B 128 1.57 54.78 -33.46
C ALA B 128 2.86 53.97 -33.48
N ALA B 129 2.82 52.72 -33.05
CA ALA B 129 4.03 51.92 -32.96
C ALA B 129 4.38 51.23 -34.26
N ILE B 130 3.50 51.30 -35.27
CA ILE B 130 3.60 50.50 -36.49
C ILE B 130 4.59 51.16 -37.45
N THR B 131 5.72 50.50 -37.67
CA THR B 131 6.77 50.96 -38.55
C THR B 131 6.74 50.17 -39.86
N PRO B 132 7.45 50.64 -40.89
CA PRO B 132 7.43 49.91 -42.17
C PRO B 132 7.97 48.50 -42.10
N THR B 133 8.83 48.20 -41.13
CA THR B 133 9.32 46.84 -40.91
C THR B 133 8.49 46.07 -39.88
N THR B 134 7.40 46.64 -39.39
CA THR B 134 6.55 45.91 -38.45
C THR B 134 5.78 44.83 -39.18
N LYS B 135 5.72 43.64 -38.56
CA LYS B 135 5.14 42.47 -39.19
C LYS B 135 4.04 41.81 -38.37
N ALA B 136 3.89 42.14 -37.08
CA ALA B 136 2.92 41.46 -36.25
C ALA B 136 2.64 42.26 -34.99
N ILE B 137 1.56 41.90 -34.31
CA ILE B 137 1.15 42.42 -33.01
C ILE B 137 0.92 41.24 -32.08
N TYR B 138 1.70 41.15 -31.00
CA TYR B 138 1.60 40.05 -30.05
C TYR B 138 1.13 40.59 -28.71
N LEU B 139 0.12 39.95 -28.13
CA LEU B 139 -0.42 40.43 -26.86
C LEU B 139 -1.14 39.29 -26.14
N GLU B 140 -1.28 39.46 -24.83
CA GLU B 140 -2.17 38.62 -24.03
C GLU B 140 -3.32 39.45 -23.47
N THR B 141 -4.45 38.79 -23.30
CA THR B 141 -5.62 39.33 -22.63
C THR B 141 -6.44 38.16 -22.09
N PRO B 142 -6.61 38.05 -20.77
CA PRO B 142 -6.00 38.96 -19.79
C PRO B 142 -4.48 38.79 -19.64
N THR B 143 -3.80 39.87 -19.27
CA THR B 143 -2.34 39.84 -19.19
C THR B 143 -1.90 39.19 -17.90
N ASN B 144 -0.68 38.64 -17.94
CA ASN B 144 -0.04 38.02 -16.79
C ASN B 144 0.87 39.04 -16.13
N PRO B 145 0.61 39.49 -14.89
CA PRO B 145 -0.45 39.10 -13.96
C PRO B 145 -1.50 40.19 -13.72
N LEU B 146 -1.41 41.32 -14.41
CA LEU B 146 -2.29 42.44 -14.06
C LEU B 146 -3.66 42.34 -14.71
N LEU B 147 -3.85 41.40 -15.63
CA LEU B 147 -5.16 41.09 -16.19
C LEU B 147 -5.75 42.29 -16.93
N HIS B 148 -4.89 43.04 -17.62
CA HIS B 148 -5.36 44.11 -18.50
C HIS B 148 -6.15 43.49 -19.64
N ILE B 149 -7.39 43.95 -19.83
CA ILE B 149 -8.23 43.44 -20.91
C ILE B 149 -8.05 44.31 -22.14
N THR B 150 -7.64 43.68 -23.25
CA THR B 150 -7.40 44.35 -24.51
C THR B 150 -8.56 44.06 -25.46
N ASP B 151 -8.82 44.98 -26.39
CA ASP B 151 -9.92 44.82 -27.35
C ASP B 151 -9.41 43.99 -28.52
N ILE B 152 -9.79 42.71 -28.54
CA ILE B 152 -9.21 41.80 -29.52
C ILE B 152 -9.61 42.22 -30.93
N ALA B 153 -10.93 42.34 -31.18
CA ALA B 153 -11.40 42.71 -32.51
C ALA B 153 -10.85 44.05 -32.96
N ALA B 154 -10.63 44.97 -32.03
CA ALA B 154 -9.99 46.22 -32.40
C ALA B 154 -8.58 45.98 -32.91
N ILE B 155 -7.79 45.22 -32.14
CA ILE B 155 -6.40 44.99 -32.53
C ILE B 155 -6.35 44.22 -33.83
N ALA B 156 -7.27 43.28 -34.00
CA ALA B 156 -7.34 42.52 -35.25
C ALA B 156 -7.57 43.44 -36.45
N LYS B 157 -8.54 44.36 -36.37
CA LYS B 157 -8.79 45.27 -37.48
C LYS B 157 -7.58 46.14 -37.77
N LEU B 158 -6.94 46.68 -36.73
CA LEU B 158 -5.68 47.39 -36.91
C LEU B 158 -4.68 46.55 -37.68
N ALA B 159 -4.59 45.26 -37.34
CA ALA B 159 -3.61 44.38 -37.96
C ALA B 159 -3.88 44.21 -39.44
N GLN B 160 -5.13 43.91 -39.81
CA GLN B 160 -5.47 43.69 -41.21
C GLN B 160 -5.27 44.95 -42.03
N ALA B 161 -5.60 46.10 -41.44
CA ALA B 161 -5.43 47.39 -42.11
C ALA B 161 -4.00 47.66 -42.51
N HIS B 162 -3.04 46.99 -41.88
CA HIS B 162 -1.64 47.27 -42.11
C HIS B 162 -0.85 46.03 -42.52
N ASP B 163 -1.55 44.95 -42.93
CA ASP B 163 -0.92 43.71 -43.39
C ASP B 163 0.02 43.15 -42.33
N LEU B 164 -0.45 43.18 -41.07
CA LEU B 164 0.19 42.64 -39.88
C LEU B 164 -0.48 41.33 -39.46
N LEU B 165 0.25 40.54 -38.68
CA LEU B 165 -0.28 39.35 -38.05
C LEU B 165 -0.69 39.66 -36.63
N SER B 166 -1.84 39.12 -36.21
CA SER B 166 -2.31 39.26 -34.84
C SER B 166 -2.07 37.94 -34.12
N ILE B 167 -1.31 37.99 -33.03
CA ILE B 167 -1.03 36.83 -32.20
C ILE B 167 -1.53 37.14 -30.80
N ILE B 168 -2.56 36.41 -30.35
CA ILE B 168 -3.14 36.56 -29.02
C ILE B 168 -2.81 35.32 -28.19
N ASP B 169 -2.31 35.54 -26.97
CA ASP B 169 -1.97 34.50 -26.01
C ASP B 169 -3.19 34.27 -25.12
N ASN B 170 -3.98 33.24 -25.44
CA ASN B 170 -5.30 33.03 -24.86
C ASN B 170 -5.27 32.14 -23.62
N THR B 171 -4.14 32.10 -22.92
CA THR B 171 -3.95 31.12 -21.86
C THR B 171 -4.92 31.35 -20.71
N PHE B 172 -5.08 32.60 -20.28
CA PHE B 172 -5.86 32.87 -19.07
C PHE B 172 -7.35 32.72 -19.33
N ALA B 173 -7.82 33.11 -20.51
CA ALA B 173 -9.25 32.97 -20.73
C ALA B 173 -9.64 31.52 -21.04
N SER B 174 -8.95 30.91 -22.02
CA SER B 174 -9.21 29.59 -22.61
C SER B 174 -10.42 29.66 -23.54
N PRO B 175 -10.58 28.71 -24.47
CA PRO B 175 -11.67 28.85 -25.45
C PRO B 175 -13.04 28.91 -24.80
N TYR B 176 -13.19 28.48 -23.55
CA TYR B 176 -14.48 28.57 -22.89
C TYR B 176 -14.86 30.03 -22.66
N VAL B 177 -13.88 30.91 -22.49
CA VAL B 177 -14.14 32.32 -22.21
C VAL B 177 -13.97 33.19 -23.46
N GLN B 178 -12.92 32.94 -24.26
CA GLN B 178 -12.56 33.74 -25.43
C GLN B 178 -12.18 32.82 -26.58
N LYS B 179 -12.58 33.18 -27.79
CA LYS B 179 -12.15 32.49 -29.01
C LYS B 179 -11.64 33.54 -29.98
N PRO B 180 -10.45 34.07 -29.75
CA PRO B 180 -9.94 35.20 -30.53
C PRO B 180 -9.96 35.04 -32.04
N LEU B 181 -9.93 33.81 -32.58
CA LEU B 181 -10.00 33.64 -34.03
C LEU B 181 -11.32 34.12 -34.60
N ASP B 182 -12.34 34.21 -33.75
CA ASP B 182 -13.67 34.68 -34.08
C ASP B 182 -13.76 36.19 -34.10
N LEU B 183 -12.69 36.90 -33.76
CA LEU B 183 -12.66 38.37 -33.74
C LEU B 183 -11.68 38.94 -34.76
N GLY B 184 -11.08 38.08 -35.60
CA GLY B 184 -10.26 38.53 -36.70
C GLY B 184 -8.79 38.20 -36.59
N VAL B 185 -8.40 37.44 -35.58
CA VAL B 185 -6.99 37.14 -35.31
C VAL B 185 -6.54 36.01 -36.24
N ASP B 186 -5.23 35.99 -36.52
CA ASP B 186 -4.63 34.97 -37.38
C ASP B 186 -4.10 33.76 -36.61
N ILE B 187 -3.51 33.99 -35.45
CA ILE B 187 -2.86 32.95 -34.67
C ILE B 187 -3.35 33.04 -33.23
N VAL B 188 -3.75 31.91 -32.66
CA VAL B 188 -4.08 31.80 -31.23
C VAL B 188 -3.16 30.75 -30.60
N LEU B 189 -2.64 31.06 -29.41
CA LEU B 189 -1.68 30.17 -28.77
C LEU B 189 -1.98 30.10 -27.27
N HIS B 190 -1.64 28.95 -26.69
CA HIS B 190 -2.02 28.59 -25.32
C HIS B 190 -0.81 28.01 -24.59
N SER B 191 -0.69 28.34 -23.32
CA SER B 191 0.05 27.49 -22.38
C SER B 191 -0.96 26.48 -21.83
N ALA B 192 -1.00 25.30 -22.45
CA ALA B 192 -1.92 24.25 -22.05
C ALA B 192 -1.58 23.66 -20.69
N SER B 193 -0.49 24.11 -20.08
CA SER B 193 -0.19 23.78 -18.69
C SER B 193 -1.24 24.34 -17.76
N ALA B 194 -1.87 25.43 -18.17
CA ALA B 194 -2.88 26.08 -17.35
C ALA B 194 -4.21 25.35 -17.42
N TYR B 195 -5.20 25.98 -18.04
CA TYR B 195 -6.56 25.51 -17.84
C TYR B 195 -6.92 24.34 -18.74
N LEU B 196 -6.21 24.15 -19.86
CA LEU B 196 -6.64 23.14 -20.81
C LEU B 196 -6.30 21.75 -20.34
N GLY B 197 -5.11 21.58 -19.77
CA GLY B 197 -4.82 20.38 -19.01
C GLY B 197 -5.54 20.37 -17.68
N GLY B 198 -5.58 21.53 -17.00
CA GLY B 198 -6.37 21.78 -15.81
C GLY B 198 -6.08 21.00 -14.54
N HIS B 199 -5.23 19.99 -14.62
CA HIS B 199 -5.02 19.09 -13.50
C HIS B 199 -3.64 19.25 -12.87
N SER B 200 -2.86 20.24 -13.29
CA SER B 200 -1.57 20.49 -12.68
C SER B 200 -0.62 19.34 -12.88
N ASP B 201 -0.75 18.62 -14.00
CA ASP B 201 0.17 17.53 -14.28
C ASP B 201 0.53 17.43 -15.76
N VAL B 202 0.56 18.54 -16.49
CA VAL B 202 0.94 18.55 -17.89
C VAL B 202 1.54 19.91 -18.21
N ILE B 203 2.73 19.89 -18.82
CA ILE B 203 3.31 21.05 -19.47
C ILE B 203 3.10 20.88 -20.97
N GLY B 204 2.62 21.92 -21.63
CA GLY B 204 2.42 21.84 -23.05
C GLY B 204 1.90 23.16 -23.57
N GLY B 205 2.07 23.33 -24.88
CA GLY B 205 1.55 24.48 -25.57
C GLY B 205 0.69 24.07 -26.76
N LEU B 206 -0.17 25.00 -27.18
CA LEU B 206 -1.03 24.78 -28.32
C LEU B 206 -1.04 26.03 -29.16
N VAL B 207 -1.04 25.83 -30.48
CA VAL B 207 -1.24 26.92 -31.42
C VAL B 207 -2.39 26.51 -32.33
N VAL B 208 -3.29 27.44 -32.62
CA VAL B 208 -4.37 27.22 -33.56
C VAL B 208 -4.39 28.41 -34.52
N THR B 209 -4.41 28.10 -35.80
CA THR B 209 -4.35 29.06 -36.87
C THR B 209 -5.70 29.04 -37.57
N LYS B 210 -6.10 30.18 -38.13
CA LYS B 210 -7.41 30.20 -38.77
C LYS B 210 -7.33 29.96 -40.27
N THR B 211 -6.47 30.70 -40.97
CA THR B 211 -6.25 30.44 -42.38
C THR B 211 -5.59 29.08 -42.56
N PRO B 212 -5.77 28.45 -43.72
CA PRO B 212 -5.09 27.20 -43.97
C PRO B 212 -3.65 27.38 -44.42
N ALA B 213 -3.29 28.52 -45.01
CA ALA B 213 -1.93 28.74 -45.49
C ALA B 213 -0.96 29.09 -44.38
N LEU B 214 -1.46 29.57 -43.24
CA LEU B 214 -0.65 29.82 -42.05
C LEU B 214 -0.54 28.57 -41.19
N GLY B 215 -1.55 27.70 -41.24
CA GLY B 215 -1.39 26.35 -40.72
C GLY B 215 -0.25 25.60 -41.37
N GLU B 216 -0.09 25.77 -42.70
CA GLU B 216 1.06 25.18 -43.39
C GLU B 216 2.38 25.69 -42.80
N LYS B 217 2.46 27.00 -42.53
CA LYS B 217 3.70 27.61 -42.05
C LYS B 217 4.03 27.16 -40.63
N ILE B 218 3.02 27.20 -39.74
CA ILE B 218 3.23 26.80 -38.35
C ILE B 218 3.53 25.30 -38.28
N GLY B 219 2.92 24.51 -39.16
CA GLY B 219 3.23 23.10 -39.19
C GLY B 219 4.65 22.83 -39.64
N TYR B 220 5.08 23.46 -40.73
CA TYR B 220 6.43 23.26 -41.23
C TYR B 220 7.46 23.57 -40.16
N LEU B 221 7.19 24.59 -39.34
CA LEU B 221 8.08 24.96 -38.25
C LEU B 221 7.99 23.97 -37.09
N GLN B 222 6.76 23.55 -36.74
CA GLN B 222 6.59 22.56 -35.68
C GLN B 222 7.46 21.34 -35.95
N ASN B 223 7.46 20.86 -37.18
CA ASN B 223 8.21 19.67 -37.53
C ASN B 223 9.70 19.96 -37.74
N ALA B 224 10.06 21.11 -38.31
CA ALA B 224 11.46 21.41 -38.56
C ALA B 224 12.21 21.74 -37.28
N ILE B 225 11.54 22.40 -36.34
CA ILE B 225 12.14 22.70 -35.04
C ILE B 225 11.90 21.57 -34.03
N GLY B 226 10.78 20.87 -34.12
CA GLY B 226 10.57 19.66 -33.36
C GLY B 226 10.16 19.82 -31.90
N SER B 227 9.92 21.03 -31.42
CA SER B 227 9.52 21.19 -30.03
C SER B 227 8.08 20.70 -29.81
N ILE B 228 7.82 19.42 -30.13
CA ILE B 228 6.48 18.85 -30.14
C ILE B 228 6.09 18.34 -28.76
N LEU B 229 4.78 18.21 -28.55
CA LEU B 229 4.21 17.57 -27.38
C LEU B 229 4.17 16.06 -27.56
N ALA B 230 4.69 15.33 -26.57
CA ALA B 230 4.87 13.90 -26.68
C ALA B 230 3.56 13.15 -26.51
N PRO B 231 3.52 11.87 -26.92
CA PRO B 231 2.24 11.12 -26.93
C PRO B 231 1.53 11.01 -25.60
N GLN B 232 2.23 10.62 -24.53
CA GLN B 232 1.55 10.51 -23.24
C GLN B 232 0.93 11.83 -22.81
N GLU B 233 1.67 12.92 -23.00
CA GLU B 233 1.19 14.19 -22.50
C GLU B 233 0.24 14.85 -23.47
N SER B 234 0.32 14.52 -24.75
CA SER B 234 -0.78 14.87 -25.65
C SER B 234 -2.04 14.17 -25.17
N TRP B 235 -1.94 12.89 -24.81
CA TRP B 235 -3.10 12.15 -24.35
C TRP B 235 -3.66 12.73 -23.04
N LEU B 236 -2.79 13.17 -22.14
CA LEU B 236 -3.28 13.73 -20.89
C LEU B 236 -3.97 15.07 -21.12
N LEU B 237 -3.36 15.97 -21.91
CA LEU B 237 -4.03 17.21 -22.28
C LEU B 237 -5.45 16.95 -22.74
N GLN B 238 -5.58 16.11 -23.77
CA GLN B 238 -6.92 15.86 -24.30
C GLN B 238 -7.82 15.28 -23.22
N ARG B 239 -7.26 14.47 -22.32
CA ARG B 239 -8.07 13.95 -21.21
C ARG B 239 -8.52 15.08 -20.29
N GLY B 240 -7.61 15.98 -19.93
CA GLY B 240 -7.98 17.12 -19.09
C GLY B 240 -8.87 18.11 -19.79
N MET B 241 -8.80 18.17 -21.11
CA MET B 241 -9.62 19.11 -21.87
C MET B 241 -11.09 18.73 -21.82
N LYS B 242 -11.40 17.43 -21.71
CA LYS B 242 -12.79 17.00 -21.73
C LYS B 242 -13.61 17.62 -20.59
N THR B 243 -12.99 17.99 -19.47
CA THR B 243 -13.69 18.59 -18.35
C THR B 243 -13.57 20.09 -18.30
N LEU B 244 -13.00 20.72 -19.34
CA LEU B 244 -12.74 22.16 -19.31
C LEU B 244 -13.98 22.94 -18.94
N ALA B 245 -15.13 22.61 -19.54
CA ALA B 245 -16.33 23.38 -19.26
C ALA B 245 -16.73 23.25 -17.80
N LEU B 246 -16.85 22.02 -17.30
CA LEU B 246 -17.20 21.79 -15.90
C LEU B 246 -16.23 22.50 -14.96
N ARG B 247 -14.93 22.35 -15.22
CA ARG B 247 -13.92 22.97 -14.36
C ARG B 247 -13.97 24.49 -14.46
N MET B 248 -14.16 25.01 -15.68
CA MET B 248 -14.07 26.46 -15.85
C MET B 248 -15.24 27.17 -15.19
N GLN B 249 -16.44 26.60 -15.21
CA GLN B 249 -17.54 27.22 -14.47
C GLN B 249 -17.19 27.30 -12.99
N ALA B 250 -16.68 26.20 -12.44
CA ALA B 250 -16.36 26.18 -11.02
C ALA B 250 -15.32 27.25 -10.69
N HIS B 251 -14.31 27.40 -11.55
CA HIS B 251 -13.30 28.45 -11.41
C HIS B 251 -13.94 29.83 -11.42
N LEU B 252 -14.71 30.13 -12.47
CA LEU B 252 -15.29 31.46 -12.63
C LEU B 252 -16.16 31.84 -11.45
N ASN B 253 -16.99 30.88 -11.01
CA ASN B 253 -17.91 31.13 -9.90
C ASN B 253 -17.15 31.40 -8.63
N ASN B 254 -16.22 30.52 -8.30
CA ASN B 254 -15.36 30.73 -7.13
C ASN B 254 -14.69 32.11 -7.19
N ALA B 255 -14.27 32.54 -8.38
CA ALA B 255 -13.53 33.80 -8.49
C ALA B 255 -14.45 34.99 -8.28
N ALA B 256 -15.67 34.93 -8.80
CA ALA B 256 -16.67 35.92 -8.40
C ALA B 256 -16.73 36.04 -6.88
N LYS B 257 -16.79 34.90 -6.19
CA LYS B 257 -16.92 34.90 -4.74
C LYS B 257 -15.66 35.44 -4.06
N ILE B 258 -14.49 35.14 -4.62
CA ILE B 258 -13.24 35.62 -4.02
C ILE B 258 -13.10 37.13 -4.22
N PHE B 259 -13.54 37.66 -5.36
CA PHE B 259 -13.43 39.10 -5.58
C PHE B 259 -14.32 39.89 -4.63
N THR B 260 -15.63 39.61 -4.61
CA THR B 260 -16.51 40.27 -3.64
C THR B 260 -15.94 40.18 -2.23
N TYR B 261 -15.32 39.02 -1.90
CA TYR B 261 -14.73 38.82 -0.57
C TYR B 261 -13.51 39.69 -0.37
N LEU B 262 -12.62 39.77 -1.36
CA LEU B 262 -11.42 40.58 -1.19
C LEU B 262 -11.74 42.06 -1.18
N LYS B 263 -12.77 42.46 -1.93
CA LYS B 263 -13.17 43.87 -2.01
C LYS B 263 -13.65 44.37 -0.64
N SER B 264 -14.36 43.52 0.09
CA SER B 264 -14.81 43.77 1.46
C SER B 264 -13.70 43.68 2.51
N HIS B 265 -12.43 43.60 2.10
CA HIS B 265 -11.33 43.63 3.04
C HIS B 265 -10.57 44.94 2.92
N PRO B 266 -10.44 45.68 4.01
CA PRO B 266 -9.69 46.95 3.95
C PRO B 266 -8.20 46.70 3.93
N ALA B 267 -7.75 45.53 4.37
CA ALA B 267 -6.36 45.13 4.20
C ALA B 267 -5.95 45.10 2.74
N VAL B 268 -6.91 44.92 1.83
CA VAL B 268 -6.65 44.80 0.40
C VAL B 268 -6.81 46.18 -0.22
N THR B 269 -5.70 46.76 -0.67
CA THR B 269 -5.64 48.15 -1.12
C THR B 269 -5.95 48.33 -2.61
N LYS B 270 -5.62 47.36 -3.47
CA LYS B 270 -5.94 47.38 -4.89
C LYS B 270 -6.23 45.95 -5.36
N ILE B 271 -7.10 45.83 -6.37
CA ILE B 271 -7.48 44.51 -6.90
C ILE B 271 -7.49 44.56 -8.42
N TYR B 272 -7.00 43.49 -9.03
CA TYR B 272 -7.01 43.35 -10.47
C TYR B 272 -7.93 42.17 -10.79
N TYR B 273 -9.07 42.47 -11.41
CA TYR B 273 -10.08 41.50 -11.79
C TYR B 273 -10.87 42.08 -12.96
N PRO B 274 -10.93 41.38 -14.09
CA PRO B 274 -11.66 41.91 -15.25
C PRO B 274 -13.13 42.16 -14.97
N GLY B 275 -13.67 41.64 -13.87
CA GLY B 275 -15.04 41.89 -13.50
C GLY B 275 -15.22 42.95 -12.46
N ASP B 276 -14.13 43.56 -12.00
CA ASP B 276 -14.21 44.77 -11.20
C ASP B 276 -14.95 45.83 -11.99
N PRO B 277 -16.08 46.35 -11.49
CA PRO B 277 -16.88 47.28 -12.30
C PRO B 277 -16.35 48.72 -12.35
N ASP B 278 -15.56 49.15 -11.37
CA ASP B 278 -14.87 50.43 -11.50
C ASP B 278 -13.62 50.33 -12.37
N ASN B 279 -13.14 49.12 -12.64
CA ASN B 279 -12.07 48.86 -13.60
C ASN B 279 -12.51 49.31 -15.00
N PRO B 280 -11.78 50.22 -15.65
CA PRO B 280 -12.21 50.69 -16.97
C PRO B 280 -12.24 49.60 -18.01
N ASP B 281 -11.50 48.51 -17.81
CA ASP B 281 -11.58 47.40 -18.74
C ASP B 281 -12.90 46.65 -18.66
N PHE B 282 -13.78 47.03 -17.73
CA PHE B 282 -14.93 46.19 -17.41
C PHE B 282 -15.83 45.94 -18.62
N SER B 283 -15.96 46.93 -19.49
CA SER B 283 -16.98 46.76 -20.51
C SER B 283 -16.47 45.96 -21.70
N ILE B 284 -15.22 46.19 -22.12
CA ILE B 284 -14.63 45.38 -23.19
C ILE B 284 -14.51 43.94 -22.73
N ALA B 285 -14.42 43.73 -21.42
CA ALA B 285 -14.39 42.39 -20.87
C ALA B 285 -15.73 41.71 -21.06
N LYS B 286 -16.82 42.37 -20.63
CA LYS B 286 -18.16 41.80 -20.83
C LYS B 286 -18.42 41.47 -22.29
N GLN B 287 -17.92 42.32 -23.19
CA GLN B 287 -18.27 42.24 -24.59
C GLN B 287 -17.61 41.06 -25.27
N GLN B 288 -16.37 40.73 -24.88
CA GLN B 288 -15.59 39.70 -25.56
C GLN B 288 -15.25 38.51 -24.68
N MET B 289 -15.77 38.43 -23.46
CA MET B 289 -15.40 37.36 -22.54
C MET B 289 -16.64 36.75 -21.92
N ASN B 290 -16.74 35.41 -22.04
CA ASN B 290 -17.84 34.64 -21.46
C ASN B 290 -17.39 34.22 -20.08
N GLY B 291 -17.67 35.07 -19.09
CA GLY B 291 -17.03 35.02 -17.80
C GLY B 291 -15.90 36.02 -17.74
N PHE B 292 -15.42 36.28 -16.52
CA PHE B 292 -14.37 37.26 -16.31
C PHE B 292 -13.00 36.64 -15.98
N GLY B 293 -12.84 35.34 -16.23
CA GLY B 293 -11.66 34.62 -15.80
C GLY B 293 -11.70 34.26 -14.33
N ALA B 294 -10.70 33.49 -13.92
CA ALA B 294 -10.59 33.02 -12.53
C ALA B 294 -9.22 33.36 -11.97
N MET B 295 -8.65 34.46 -12.44
CA MET B 295 -7.42 35.03 -11.91
C MET B 295 -7.75 36.37 -11.27
N ILE B 296 -7.27 36.56 -10.05
CA ILE B 296 -7.38 37.82 -9.33
C ILE B 296 -5.99 38.15 -8.82
N SER B 297 -5.52 39.36 -9.10
CA SER B 297 -4.34 39.87 -8.45
C SER B 297 -4.72 41.02 -7.53
N PHE B 298 -4.00 41.14 -6.42
CA PHE B 298 -4.37 42.14 -5.42
C PHE B 298 -3.14 42.54 -4.61
N GLU B 299 -3.22 43.72 -4.01
CA GLU B 299 -2.17 44.30 -3.19
C GLU B 299 -2.70 44.48 -1.78
N LEU B 300 -1.83 44.27 -0.79
CA LEU B 300 -2.17 44.51 0.61
C LEU B 300 -1.66 45.90 1.02
N GLN B 301 -2.04 46.32 2.22
CA GLN B 301 -1.66 47.66 2.67
C GLN B 301 -0.15 47.73 2.87
N PRO B 302 0.48 48.85 2.55
CA PRO B 302 1.93 48.83 2.27
C PRO B 302 2.77 48.30 3.42
N GLY B 303 2.32 48.45 4.65
CA GLY B 303 3.05 47.82 5.71
C GLY B 303 2.84 46.33 5.87
N MET B 304 1.99 45.71 5.05
CA MET B 304 1.60 44.31 5.23
C MET B 304 2.44 43.41 4.32
N ASN B 305 2.92 42.31 4.90
CA ASN B 305 3.90 41.43 4.26
C ASN B 305 3.20 40.35 3.44
N PRO B 306 3.34 40.33 2.11
CA PRO B 306 2.61 39.34 1.30
C PRO B 306 3.17 37.95 1.43
N GLN B 307 4.42 37.82 1.83
CA GLN B 307 4.98 36.49 2.01
C GLN B 307 4.46 35.86 3.29
N THR B 308 4.34 36.66 4.34
CA THR B 308 3.65 36.18 5.53
C THR B 308 2.24 35.72 5.17
N PHE B 309 1.50 36.54 4.42
CA PHE B 309 0.13 36.20 4.04
C PHE B 309 0.11 34.89 3.28
N VAL B 310 1.05 34.70 2.39
CA VAL B 310 1.02 33.56 1.50
C VAL B 310 1.52 32.29 2.17
N GLU B 311 2.59 32.39 2.93
CA GLU B 311 3.14 31.26 3.66
C GLU B 311 2.27 30.80 4.82
N HIS B 312 1.12 31.46 5.03
CA HIS B 312 0.20 31.05 6.08
C HIS B 312 -1.14 30.58 5.53
N LEU B 313 -1.28 30.50 4.21
CA LEU B 313 -2.40 29.80 3.60
C LEU B 313 -2.09 28.30 3.60
N GLN B 314 -3.14 27.48 3.64
CA GLN B 314 -2.98 26.04 3.86
C GLN B 314 -3.85 25.14 2.99
N VAL B 315 -4.97 25.66 2.52
CA VAL B 315 -5.68 25.04 1.41
C VAL B 315 -5.17 25.58 0.07
N ILE B 316 -5.05 26.90 -0.03
CA ILE B 316 -4.35 27.51 -1.14
C ILE B 316 -2.86 27.16 -1.05
N THR B 317 -2.22 27.07 -2.21
CA THR B 317 -0.92 26.43 -2.33
C THR B 317 0.08 27.35 -3.01
N LEU B 318 1.19 27.61 -2.34
CA LEU B 318 2.20 28.55 -2.80
C LEU B 318 3.08 27.87 -3.85
N ALA B 319 2.89 28.25 -5.10
CA ALA B 319 3.63 27.68 -6.23
C ALA B 319 3.41 28.54 -7.46
N GLU B 320 4.26 28.32 -8.45
CA GLU B 320 4.04 28.92 -9.77
C GLU B 320 2.98 28.11 -10.51
N SER B 321 2.67 28.54 -11.72
CA SER B 321 1.63 27.97 -12.59
C SER B 321 0.26 28.45 -12.11
N LEU B 322 -0.78 28.00 -12.82
CA LEU B 322 -2.12 28.56 -12.74
C LEU B 322 -3.03 27.69 -13.59
N GLY B 323 -4.32 27.93 -13.49
CA GLY B 323 -5.25 27.12 -14.25
C GLY B 323 -5.50 25.74 -13.71
N ALA B 324 -5.03 25.45 -12.49
CA ALA B 324 -5.09 24.12 -11.88
C ALA B 324 -6.35 23.99 -11.03
N LEU B 325 -6.80 22.74 -10.86
CA LEU B 325 -7.95 22.48 -9.99
C LEU B 325 -7.71 23.05 -8.60
N GLU B 326 -6.51 22.83 -8.06
CA GLU B 326 -6.05 23.48 -6.85
C GLU B 326 -5.81 24.97 -7.03
N SER B 327 -6.22 25.76 -6.04
CA SER B 327 -5.98 27.20 -6.10
C SER B 327 -4.53 27.46 -5.76
N LEU B 328 -3.76 27.87 -6.75
CA LEU B 328 -2.38 28.28 -6.57
C LEU B 328 -2.33 29.76 -6.28
N ILE B 329 -1.28 30.20 -5.55
CA ILE B 329 -1.04 31.61 -5.25
C ILE B 329 0.45 31.88 -5.35
N GLU B 330 0.80 33.14 -5.62
CA GLU B 330 2.18 33.47 -5.98
C GLU B 330 2.40 34.98 -5.92
N ILE B 331 3.65 35.38 -5.69
CA ILE B 331 4.09 36.77 -5.68
C ILE B 331 4.91 37.04 -6.94
N PRO B 332 4.34 37.65 -7.99
CA PRO B 332 5.03 37.66 -9.29
C PRO B 332 6.42 38.29 -9.29
N ALA B 333 6.68 39.29 -8.44
CA ALA B 333 8.03 39.85 -8.41
C ALA B 333 9.06 38.83 -7.93
N LEU B 334 8.69 38.00 -6.96
CA LEU B 334 9.58 36.99 -6.42
C LEU B 334 9.47 35.64 -7.14
N MET B 335 8.69 35.56 -8.21
CA MET B 335 8.46 34.27 -8.83
C MET B 335 8.33 34.40 -10.35
N THR B 336 7.11 34.39 -10.91
CA THR B 336 6.92 34.22 -12.34
C THR B 336 7.45 35.38 -13.18
N HIS B 337 7.70 36.53 -12.57
CA HIS B 337 8.16 37.72 -13.30
C HIS B 337 9.49 38.22 -12.78
N GLY B 338 10.22 37.38 -12.02
CA GLY B 338 11.60 37.71 -11.69
C GLY B 338 12.49 37.83 -12.90
N ALA B 339 12.06 37.29 -14.05
CA ALA B 339 12.79 37.42 -15.30
C ALA B 339 12.73 38.82 -15.89
N ILE B 340 11.92 39.71 -15.34
CA ILE B 340 11.84 41.10 -15.76
C ILE B 340 12.58 41.95 -14.74
N PRO B 341 13.47 42.84 -15.16
CA PRO B 341 14.22 43.66 -14.20
C PRO B 341 13.28 44.51 -13.35
N ARG B 342 13.61 44.61 -12.05
CA ARG B 342 12.71 45.26 -11.11
C ARG B 342 12.24 46.64 -11.59
N THR B 343 13.14 47.40 -12.23
CA THR B 343 12.79 48.75 -12.65
C THR B 343 11.74 48.73 -13.77
N ILE B 344 11.83 47.74 -14.68
CA ILE B 344 10.84 47.61 -15.73
C ILE B 344 9.53 47.09 -15.15
N ARG B 345 9.62 46.28 -14.09
CA ARG B 345 8.43 45.76 -13.44
C ARG B 345 7.62 46.87 -12.79
N LEU B 346 8.24 47.65 -11.92
CA LEU B 346 7.54 48.76 -11.29
C LEU B 346 7.06 49.77 -12.33
N GLN B 347 7.79 49.90 -13.44
CA GLN B 347 7.41 50.84 -14.48
C GLN B 347 6.15 50.40 -15.22
N ASN B 348 5.91 49.09 -15.30
CA ASN B 348 4.80 48.53 -16.08
C ASN B 348 3.61 48.11 -15.23
N GLY B 349 3.72 48.19 -13.90
CA GLY B 349 2.58 48.03 -13.02
C GLY B 349 2.69 46.97 -11.94
N ILE B 350 3.88 46.39 -11.80
CA ILE B 350 4.06 45.21 -10.96
C ILE B 350 4.89 45.56 -9.74
N LYS B 351 4.20 46.01 -8.68
CA LYS B 351 4.88 46.32 -7.43
C LYS B 351 5.42 45.04 -6.79
N ASP B 352 6.41 45.20 -5.91
CA ASP B 352 6.98 44.04 -5.23
C ASP B 352 6.01 43.37 -4.26
N GLU B 353 4.88 44.01 -3.93
CA GLU B 353 3.91 43.47 -2.98
C GLU B 353 2.70 42.85 -3.67
N LEU B 354 2.74 42.71 -5.00
CA LEU B 354 1.59 42.17 -5.70
C LEU B 354 1.45 40.68 -5.43
N ILE B 355 0.21 40.24 -5.24
CA ILE B 355 -0.14 38.83 -5.07
C ILE B 355 -1.04 38.41 -6.24
N ARG B 356 -0.78 37.23 -6.80
CA ARG B 356 -1.59 36.69 -7.88
C ARG B 356 -2.19 35.36 -7.47
N LEU B 357 -3.51 35.29 -7.51
CA LEU B 357 -4.29 34.17 -7.00
C LEU B 357 -5.00 33.55 -8.19
N SER B 358 -4.57 32.34 -8.56
CA SER B 358 -5.32 31.49 -9.47
C SER B 358 -6.44 30.87 -8.64
N VAL B 359 -7.65 31.43 -8.74
CA VAL B 359 -8.80 30.82 -8.10
C VAL B 359 -8.98 29.42 -8.69
N GLY B 360 -9.18 28.44 -7.80
CA GLY B 360 -9.41 27.07 -8.18
C GLY B 360 -10.82 26.54 -8.01
N VAL B 361 -10.92 25.23 -7.83
CA VAL B 361 -12.18 24.52 -7.91
C VAL B 361 -12.69 24.04 -6.56
N GLU B 362 -11.86 24.11 -5.52
CA GLU B 362 -12.26 23.66 -4.20
C GLU B 362 -13.47 24.45 -3.73
N ALA B 363 -14.17 23.92 -2.72
CA ALA B 363 -15.40 24.54 -2.25
C ALA B 363 -15.14 25.97 -1.79
N SER B 364 -15.98 26.91 -2.26
CA SER B 364 -15.76 28.32 -1.98
C SER B 364 -15.64 28.62 -0.48
N ASP B 365 -16.48 27.97 0.34
CA ASP B 365 -16.41 28.20 1.79
C ASP B 365 -15.01 27.92 2.34
N ASP B 366 -14.41 26.80 1.94
CA ASP B 366 -13.07 26.44 2.43
C ASP B 366 -11.99 27.42 1.97
N LEU B 367 -12.21 28.09 0.84
CA LEU B 367 -11.23 29.05 0.32
C LEU B 367 -11.27 30.35 1.09
N LEU B 368 -12.47 30.90 1.31
CA LEU B 368 -12.58 32.14 2.08
C LEU B 368 -12.04 31.94 3.49
N ALA B 369 -12.42 30.83 4.14
CA ALA B 369 -11.88 30.48 5.44
C ALA B 369 -10.35 30.43 5.40
N ASP B 370 -9.80 29.98 4.28
CA ASP B 370 -8.35 29.86 4.21
C ASP B 370 -7.71 31.23 4.01
N LEU B 371 -8.22 32.02 3.07
CA LEU B 371 -7.73 33.38 2.89
C LEU B 371 -7.81 34.18 4.18
N GLU B 372 -8.81 33.88 5.02
CA GLU B 372 -8.88 34.53 6.31
C GLU B 372 -7.66 34.18 7.16
N ARG B 373 -7.23 32.91 7.09
CA ARG B 373 -6.04 32.47 7.81
C ARG B 373 -4.83 33.33 7.45
N GLY B 374 -4.76 33.74 6.18
CA GLY B 374 -3.65 34.58 5.75
C GLY B 374 -3.82 36.04 6.12
N PHE B 375 -5.04 36.55 6.12
CA PHE B 375 -5.24 37.91 6.60
C PHE B 375 -4.98 37.98 8.09
N ALA B 376 -5.38 36.94 8.81
CA ALA B 376 -5.20 36.91 10.25
C ALA B 376 -3.72 37.00 10.62
N SER B 377 -2.85 36.50 9.77
CA SER B 377 -1.44 36.40 10.07
C SER B 377 -0.69 37.71 9.86
N ILE B 378 -1.34 38.75 9.35
CA ILE B 378 -0.71 40.04 9.09
C ILE B 378 -1.42 41.19 9.80
N GLN B 379 -2.54 41.22 10.51
CA GLN B 379 -3.09 42.64 10.55
C GLN B 379 -2.11 43.77 11.03
N ALA B 380 -1.62 43.78 12.27
CA ALA B 380 -0.52 44.73 12.64
C ALA B 380 0.33 44.17 13.78
N MET C 1 -12.61 18.66 5.63
CA MET C 1 -13.07 19.77 4.79
C MET C 1 -14.43 19.51 4.16
N LYS C 2 -14.83 20.30 3.15
CA LYS C 2 -16.02 19.86 2.45
C LYS C 2 -15.65 18.82 1.37
N PHE C 3 -16.67 18.13 0.85
CA PHE C 3 -16.40 16.98 -0.02
C PHE C 3 -15.71 17.38 -1.32
N GLU C 4 -16.12 18.49 -1.94
CA GLU C 4 -15.46 18.92 -3.17
C GLU C 4 -13.98 19.17 -2.93
N THR C 5 -13.61 19.66 -1.74
CA THR C 5 -12.22 19.98 -1.43
C THR C 5 -11.42 18.72 -1.13
N GLN C 6 -12.09 17.67 -0.67
CA GLN C 6 -11.40 16.41 -0.38
C GLN C 6 -10.94 15.71 -1.66
N LEU C 7 -11.70 15.88 -2.76
CA LEU C 7 -11.31 15.31 -4.05
C LEU C 7 -9.98 15.90 -4.53
N ILE C 8 -9.81 17.21 -4.34
CA ILE C 8 -8.62 17.91 -4.83
C ILE C 8 -7.42 17.64 -3.93
N HIS C 9 -7.65 17.55 -2.62
CA HIS C 9 -6.57 17.61 -1.65
C HIS C 9 -6.50 16.42 -0.70
N GLY C 10 -7.54 15.59 -0.63
CA GLY C 10 -7.60 14.48 0.29
C GLY C 10 -6.75 13.30 -0.15
N GLY C 11 -6.91 12.19 0.59
CA GLY C 11 -5.96 11.10 0.45
C GLY C 11 -4.55 11.59 0.64
N ILE C 12 -3.62 11.01 -0.11
CA ILE C 12 -2.33 11.64 -0.38
C ILE C 12 -2.44 12.25 -1.76
N SER C 13 -2.26 13.56 -1.86
CA SER C 13 -2.48 14.23 -3.14
C SER C 13 -1.27 15.03 -3.61
N GLU C 14 -0.13 14.89 -2.93
CA GLU C 14 1.10 15.55 -3.33
C GLU C 14 2.29 14.72 -2.86
N ASP C 15 3.48 15.30 -2.96
CA ASP C 15 4.72 14.60 -2.67
C ASP C 15 5.46 15.35 -1.57
N ALA C 16 5.61 14.71 -0.41
CA ALA C 16 6.13 15.41 0.75
C ALA C 16 7.48 16.06 0.47
N THR C 17 8.41 15.34 -0.16
CA THR C 17 9.78 15.85 -0.26
C THR C 17 9.91 16.99 -1.29
N THR C 18 9.26 16.90 -2.44
CA THR C 18 9.48 17.86 -3.51
C THR C 18 8.46 19.00 -3.53
N GLY C 19 7.25 18.74 -3.04
CA GLY C 19 6.14 19.64 -3.19
C GLY C 19 5.28 19.35 -4.40
N ALA C 20 5.67 18.37 -5.20
CA ALA C 20 4.98 18.05 -6.43
C ALA C 20 3.48 18.01 -6.22
N THR C 21 2.74 18.72 -7.07
CA THR C 21 1.28 18.82 -6.93
C THR C 21 0.59 17.64 -7.60
N SER C 22 1.26 16.48 -7.55
CA SER C 22 0.79 15.28 -8.20
C SER C 22 1.66 14.12 -7.73
N VAL C 23 1.04 13.15 -7.04
CA VAL C 23 1.72 11.93 -6.61
C VAL C 23 2.52 11.35 -7.76
N PRO C 24 3.83 11.19 -7.62
CA PRO C 24 4.65 10.65 -8.71
C PRO C 24 4.25 9.22 -9.03
N ILE C 25 4.55 8.81 -10.24
CA ILE C 25 4.20 7.47 -10.69
C ILE C 25 5.43 6.62 -10.38
N TYR C 26 5.30 5.76 -9.38
CA TYR C 26 6.43 4.99 -8.87
C TYR C 26 6.36 3.67 -9.62
N MET C 27 7.05 3.63 -10.76
CA MET C 27 7.07 2.44 -11.57
C MET C 27 7.97 1.36 -10.98
N ALA C 28 8.86 1.69 -10.03
CA ALA C 28 9.79 0.71 -9.49
C ALA C 28 9.06 -0.53 -8.97
N SER C 29 9.62 -1.70 -9.28
CA SER C 29 9.05 -2.93 -8.78
C SER C 29 9.48 -3.17 -7.35
N THR C 30 10.69 -2.76 -7.00
CA THR C 30 11.24 -3.02 -5.69
C THR C 30 11.95 -1.76 -5.20
N PHE C 31 12.25 -1.75 -3.91
CA PHE C 31 12.81 -0.62 -3.19
C PHE C 31 14.04 -1.11 -2.42
N ARG C 32 15.16 -0.37 -2.54
CA ARG C 32 16.34 -0.69 -1.75
C ARG C 32 16.08 -0.48 -0.27
N GLN C 33 16.81 -1.23 0.56
CA GLN C 33 16.69 -1.15 2.01
C GLN C 33 18.06 -0.93 2.64
N THR C 34 18.15 0.04 3.56
CA THR C 34 19.39 0.29 4.29
C THR C 34 19.58 -0.75 5.40
N LYS C 35 18.60 -0.91 6.29
CA LYS C 35 18.57 -2.07 7.18
C LYS C 35 17.23 -2.82 7.01
N ILE C 36 17.32 -4.15 6.99
CA ILE C 36 16.22 -5.05 6.64
C ILE C 36 15.01 -4.75 7.53
N GLY C 37 13.82 -4.85 6.95
CA GLY C 37 12.59 -4.60 7.68
C GLY C 37 12.24 -3.14 7.88
N GLN C 38 13.25 -2.33 8.17
CA GLN C 38 13.06 -0.92 8.46
C GLN C 38 12.46 -0.13 7.28
N ASN C 39 12.61 -0.60 6.03
CA ASN C 39 12.24 0.17 4.86
C ASN C 39 10.73 0.43 4.83
N GLN C 40 10.35 1.63 4.38
CA GLN C 40 8.93 1.98 4.38
C GLN C 40 8.16 1.21 3.32
N TYR C 41 8.68 1.15 2.11
CA TYR C 41 8.13 0.31 1.05
C TYR C 41 9.12 -0.80 0.71
N GLU C 42 8.64 -1.90 0.15
CA GLU C 42 9.59 -2.95 -0.20
C GLU C 42 9.32 -3.64 -1.52
N TYR C 43 8.07 -3.72 -1.99
CA TYR C 43 7.78 -4.37 -3.26
C TYR C 43 6.48 -3.80 -3.78
N SER C 44 6.47 -3.46 -5.09
CA SER C 44 5.41 -2.63 -5.63
C SER C 44 4.05 -3.29 -5.48
N ARG C 45 4.01 -4.62 -5.49
CA ARG C 45 2.76 -5.34 -5.29
C ARG C 45 2.24 -5.15 -3.88
N THR C 46 3.13 -5.25 -2.89
CA THR C 46 2.73 -5.09 -1.50
C THR C 46 2.26 -3.67 -1.20
N GLY C 47 2.77 -2.70 -1.95
CA GLY C 47 2.32 -1.33 -1.85
C GLY C 47 3.42 -0.36 -2.26
N ASN C 48 3.00 0.76 -2.82
CA ASN C 48 3.91 1.74 -3.39
C ASN C 48 3.29 3.12 -3.21
N PRO C 49 4.09 4.19 -3.26
CA PRO C 49 3.51 5.53 -3.07
C PRO C 49 2.37 5.87 -4.03
N THR C 50 2.40 5.39 -5.28
CA THR C 50 1.36 5.78 -6.23
C THR C 50 0.01 5.16 -5.90
N ARG C 51 -0.05 3.83 -5.80
CA ARG C 51 -1.30 3.18 -5.42
C ARG C 51 -1.69 3.48 -3.98
N ALA C 52 -0.72 3.68 -3.10
CA ALA C 52 -1.04 4.07 -1.72
C ALA C 52 -1.91 5.32 -1.67
N ALA C 53 -1.66 6.26 -2.57
CA ALA C 53 -2.35 7.54 -2.55
C ALA C 53 -3.78 7.41 -3.05
N VAL C 54 -3.98 6.63 -4.11
CA VAL C 54 -5.34 6.40 -4.59
C VAL C 54 -6.13 5.68 -3.52
N GLU C 55 -5.47 4.74 -2.82
CA GLU C 55 -6.10 4.00 -1.75
C GLU C 55 -6.53 4.94 -0.63
N ALA C 56 -5.64 5.83 -0.24
CA ALA C 56 -5.97 6.85 0.75
C ALA C 56 -7.21 7.65 0.35
N LEU C 57 -7.28 8.06 -0.91
CA LEU C 57 -8.34 8.97 -1.34
C LEU C 57 -9.71 8.29 -1.32
N ILE C 58 -9.83 7.11 -1.92
CA ILE C 58 -11.14 6.47 -1.95
C ILE C 58 -11.64 6.23 -0.54
N ALA C 59 -10.73 6.08 0.42
CA ALA C 59 -11.14 5.82 1.79
C ALA C 59 -11.62 7.08 2.52
N THR C 60 -10.92 8.23 2.36
CA THR C 60 -11.47 9.44 3.00
C THR C 60 -12.79 9.83 2.35
N LEU C 61 -12.92 9.58 1.04
CA LEU C 61 -14.16 9.88 0.36
C LEU C 61 -15.30 9.00 0.84
N GLU C 62 -15.01 7.76 1.21
CA GLU C 62 -16.07 6.84 1.59
C GLU C 62 -16.34 6.85 3.08
N HIS C 63 -15.68 7.72 3.84
CA HIS C 63 -15.82 7.78 5.30
C HIS C 63 -15.48 6.44 5.93
N GLY C 64 -14.44 5.80 5.39
CA GLY C 64 -13.86 4.59 5.92
C GLY C 64 -12.42 4.77 6.38
N SER C 65 -11.83 3.66 6.82
CA SER C 65 -10.51 3.65 7.42
C SER C 65 -9.39 3.24 6.47
N ALA C 66 -9.67 2.38 5.49
CA ALA C 66 -8.60 1.86 4.65
C ALA C 66 -9.08 1.66 3.22
N GLY C 67 -8.27 2.11 2.26
CA GLY C 67 -8.53 1.86 0.86
C GLY C 67 -7.68 0.73 0.31
N PHE C 68 -8.19 0.06 -0.72
CA PHE C 68 -7.44 -1.00 -1.41
C PHE C 68 -7.80 -0.96 -2.89
N ALA C 69 -6.80 -0.73 -3.74
CA ALA C 69 -7.03 -0.60 -5.17
C ALA C 69 -6.66 -1.91 -5.89
N PHE C 70 -7.53 -2.34 -6.80
CA PHE C 70 -7.40 -3.62 -7.49
C PHE C 70 -7.43 -3.42 -8.99
N ALA C 71 -7.02 -4.47 -9.70
CA ALA C 71 -6.81 -4.41 -11.15
C ALA C 71 -8.09 -4.16 -11.91
N SER C 72 -9.22 -4.52 -11.32
CA SER C 72 -10.55 -4.37 -11.90
C SER C 72 -11.54 -4.53 -10.77
N GLY C 73 -12.77 -4.07 -11.00
CA GLY C 73 -13.81 -4.27 -10.00
C GLY C 73 -14.06 -5.74 -9.75
N SER C 74 -14.05 -6.55 -10.81
CA SER C 74 -14.13 -7.99 -10.68
C SER C 74 -13.05 -8.54 -9.75
N ALA C 75 -11.80 -8.10 -9.96
CA ALA C 75 -10.68 -8.55 -9.13
C ALA C 75 -10.86 -8.13 -7.67
N ALA C 76 -11.45 -6.95 -7.44
CA ALA C 76 -11.77 -6.52 -6.07
C ALA C 76 -12.80 -7.45 -5.45
N ILE C 77 -13.90 -7.69 -6.17
CA ILE C 77 -14.92 -8.61 -5.68
C ILE C 77 -14.31 -9.98 -5.37
N ASN C 78 -13.43 -10.45 -6.24
CA ASN C 78 -12.90 -11.80 -6.06
C ASN C 78 -12.10 -11.90 -4.77
N THR C 79 -11.25 -10.91 -4.47
CA THR C 79 -10.44 -11.11 -3.26
C THR C 79 -11.22 -10.71 -2.00
N VAL C 80 -12.28 -9.93 -2.13
CA VAL C 80 -13.19 -9.72 -1.00
C VAL C 80 -13.87 -11.03 -0.65
N PHE C 81 -14.41 -11.74 -1.64
CA PHE C 81 -15.02 -13.03 -1.36
C PHE C 81 -14.00 -14.07 -0.93
N SER C 82 -12.71 -13.81 -1.15
CA SER C 82 -11.68 -14.71 -0.66
C SER C 82 -11.54 -14.67 0.86
N LEU C 83 -12.22 -13.73 1.54
CA LEU C 83 -12.37 -13.83 2.99
C LEU C 83 -13.07 -15.13 3.39
N PHE C 84 -14.02 -15.61 2.58
CA PHE C 84 -14.84 -16.74 2.95
C PHE C 84 -14.21 -18.08 2.53
N SER C 85 -14.62 -19.13 3.24
CA SER C 85 -14.08 -20.47 3.05
C SER C 85 -15.22 -21.42 2.72
N ALA C 86 -14.86 -22.64 2.28
CA ALA C 86 -15.86 -23.66 1.97
C ALA C 86 -16.72 -23.94 3.20
N GLY C 87 -18.02 -24.09 2.97
CA GLY C 87 -19.00 -24.18 4.02
C GLY C 87 -19.79 -22.92 4.22
N ASP C 88 -19.19 -21.77 3.94
CA ASP C 88 -19.84 -20.49 4.18
C ASP C 88 -20.99 -20.30 3.20
N HIS C 89 -22.05 -19.67 3.67
CA HIS C 89 -23.21 -19.31 2.87
C HIS C 89 -23.28 -17.79 2.81
N ILE C 90 -23.54 -17.26 1.60
CA ILE C 90 -23.70 -15.82 1.40
C ILE C 90 -25.07 -15.57 0.80
N ILE C 91 -25.76 -14.56 1.33
CA ILE C 91 -26.98 -14.03 0.74
C ILE C 91 -26.56 -12.96 -0.27
N VAL C 92 -27.10 -13.04 -1.49
CA VAL C 92 -26.82 -12.08 -2.55
C VAL C 92 -28.12 -11.46 -3.02
N GLY C 93 -28.00 -10.30 -3.68
CA GLY C 93 -29.16 -9.65 -4.30
C GLY C 93 -29.59 -10.32 -5.60
N ASN C 94 -30.91 -10.36 -5.81
CA ASN C 94 -31.46 -11.01 -6.99
C ASN C 94 -31.05 -10.33 -8.29
N ASP C 95 -30.63 -9.06 -8.24
CA ASP C 95 -30.21 -8.30 -9.42
C ASP C 95 -28.82 -7.73 -9.16
N VAL C 96 -27.80 -8.41 -9.66
CA VAL C 96 -26.44 -7.90 -9.61
C VAL C 96 -25.85 -7.99 -11.01
N TYR C 97 -24.80 -7.21 -11.21
CA TYR C 97 -24.05 -7.24 -12.47
C TYR C 97 -23.75 -8.69 -12.86
N GLY C 98 -23.97 -8.99 -14.15
CA GLY C 98 -23.88 -10.36 -14.62
C GLY C 98 -22.56 -11.03 -14.30
N GLY C 99 -21.48 -10.25 -14.24
CA GLY C 99 -20.20 -10.81 -13.86
C GLY C 99 -20.14 -11.26 -12.41
N THR C 100 -20.74 -10.48 -11.49
CA THR C 100 -20.82 -10.94 -10.11
C THR C 100 -21.59 -12.24 -10.04
N PHE C 101 -22.66 -12.35 -10.83
CA PHE C 101 -23.37 -13.61 -11.00
C PHE C 101 -22.43 -14.70 -11.52
N ARG C 102 -21.62 -14.38 -12.54
CA ARG C 102 -20.71 -15.35 -13.13
C ARG C 102 -19.63 -15.79 -12.14
N LEU C 103 -18.97 -14.85 -11.48
CA LEU C 103 -17.91 -15.21 -10.54
C LEU C 103 -18.45 -16.14 -9.46
N ILE C 104 -19.67 -15.89 -9.00
CA ILE C 104 -20.30 -16.74 -7.99
C ILE C 104 -20.54 -18.14 -8.54
N ASP C 105 -21.27 -18.24 -9.65
CA ASP C 105 -21.68 -19.54 -10.19
C ASP C 105 -20.50 -20.35 -10.71
N ALA C 106 -19.62 -19.69 -11.46
CA ALA C 106 -18.54 -20.36 -12.18
C ALA C 106 -17.28 -20.52 -11.36
N VAL C 107 -17.08 -19.70 -10.34
CA VAL C 107 -15.86 -19.86 -9.55
C VAL C 107 -16.16 -20.13 -8.09
N LEU C 108 -16.93 -19.24 -7.45
CA LEU C 108 -16.99 -19.27 -6.00
C LEU C 108 -17.65 -20.53 -5.48
N LYS C 109 -18.69 -21.02 -6.17
CA LYS C 109 -19.33 -22.27 -5.76
C LYS C 109 -18.40 -23.46 -5.89
N HIS C 110 -17.38 -23.39 -6.76
CA HIS C 110 -16.34 -24.41 -6.78
C HIS C 110 -15.62 -24.50 -5.45
N PHE C 111 -15.55 -23.39 -4.71
CA PHE C 111 -14.75 -23.30 -3.49
C PHE C 111 -15.54 -23.70 -2.26
N GLY C 112 -16.67 -24.38 -2.43
CA GLY C 112 -17.49 -24.77 -1.30
C GLY C 112 -18.39 -23.69 -0.75
N MET C 113 -18.48 -22.54 -1.43
CA MET C 113 -19.33 -21.45 -1.00
C MET C 113 -20.71 -21.59 -1.62
N THR C 114 -21.75 -21.37 -0.80
CA THR C 114 -23.15 -21.52 -1.20
C THR C 114 -23.82 -20.16 -1.24
N PHE C 115 -24.80 -20.01 -2.13
CA PHE C 115 -25.42 -18.71 -2.32
C PHE C 115 -26.94 -18.84 -2.40
N THR C 116 -27.61 -17.78 -1.94
CA THR C 116 -29.06 -17.63 -2.01
C THR C 116 -29.36 -16.24 -2.55
N ALA C 117 -30.08 -16.16 -3.68
CA ALA C 117 -30.50 -14.88 -4.24
C ALA C 117 -31.79 -14.37 -3.61
N VAL C 118 -31.83 -13.08 -3.32
CA VAL C 118 -32.87 -12.48 -2.50
C VAL C 118 -33.08 -11.03 -2.95
N ASP C 119 -34.35 -10.65 -3.14
CA ASP C 119 -34.69 -9.24 -3.36
C ASP C 119 -34.50 -8.50 -2.05
N THR C 120 -33.33 -7.88 -1.89
CA THR C 120 -33.01 -7.26 -0.61
C THR C 120 -33.80 -5.98 -0.33
N ARG C 121 -34.74 -5.62 -1.19
CA ARG C 121 -35.73 -4.63 -0.80
C ARG C 121 -36.75 -5.19 0.18
N ASP C 122 -37.08 -6.47 0.05
CA ASP C 122 -37.88 -7.22 1.02
C ASP C 122 -36.97 -7.68 2.13
N LEU C 123 -37.02 -7.01 3.28
CA LEU C 123 -36.14 -7.39 4.39
C LEU C 123 -36.52 -8.73 4.99
N ALA C 124 -37.81 -9.05 5.00
CA ALA C 124 -38.22 -10.37 5.50
C ALA C 124 -37.65 -11.48 4.63
N ALA C 125 -37.62 -11.29 3.31
CA ALA C 125 -36.96 -12.25 2.43
C ALA C 125 -35.50 -12.42 2.85
N VAL C 126 -34.81 -11.30 3.13
CA VAL C 126 -33.42 -11.36 3.56
C VAL C 126 -33.31 -12.06 4.89
N GLU C 127 -34.08 -11.58 5.88
CA GLU C 127 -34.08 -12.19 7.20
C GLU C 127 -34.30 -13.70 7.11
N ALA C 128 -35.21 -14.13 6.23
CA ALA C 128 -35.56 -15.54 6.10
C ALA C 128 -34.45 -16.37 5.46
N ALA C 129 -33.51 -15.74 4.78
CA ALA C 129 -32.48 -16.47 4.06
C ALA C 129 -31.29 -16.83 4.93
N ILE C 130 -31.24 -16.33 6.16
CA ILE C 130 -30.07 -16.40 7.03
C ILE C 130 -30.01 -17.78 7.70
N THR C 131 -29.03 -18.58 7.32
CA THR C 131 -28.81 -19.91 7.86
C THR C 131 -27.64 -19.89 8.85
N PRO C 132 -27.49 -20.96 9.64
CA PRO C 132 -26.38 -20.98 10.62
C PRO C 132 -24.99 -20.88 10.00
N THR C 133 -24.83 -21.29 8.75
CA THR C 133 -23.58 -21.14 8.04
C THR C 133 -23.50 -19.85 7.22
N THR C 134 -24.50 -18.98 7.31
CA THR C 134 -24.44 -17.71 6.59
C THR C 134 -23.44 -16.78 7.26
N LYS C 135 -22.63 -16.11 6.43
CA LYS C 135 -21.54 -15.29 6.91
C LYS C 135 -21.57 -13.85 6.39
N ALA C 136 -22.36 -13.54 5.37
CA ALA C 136 -22.34 -12.20 4.80
C ALA C 136 -23.59 -11.96 3.97
N ILE C 137 -23.83 -10.69 3.67
CA ILE C 137 -24.89 -10.22 2.78
C ILE C 137 -24.24 -9.32 1.72
N TYR C 138 -24.33 -9.70 0.46
CA TYR C 138 -23.73 -8.95 -0.64
C TYR C 138 -24.83 -8.42 -1.54
N LEU C 139 -24.78 -7.13 -1.87
CA LEU C 139 -25.80 -6.53 -2.69
C LEU C 139 -25.27 -5.27 -3.36
N GLU C 140 -25.93 -4.88 -4.44
CA GLU C 140 -25.74 -3.56 -5.05
C GLU C 140 -27.01 -2.74 -4.94
N THR C 141 -26.81 -1.44 -4.84
CA THR C 141 -27.87 -0.44 -4.90
C THR C 141 -27.27 0.88 -5.37
N PRO C 142 -27.70 1.40 -6.53
CA PRO C 142 -28.68 0.74 -7.40
C PRO C 142 -28.15 -0.51 -8.12
N THR C 143 -29.04 -1.44 -8.43
CA THR C 143 -28.63 -2.70 -9.03
C THR C 143 -28.38 -2.52 -10.52
N ASN C 144 -27.53 -3.40 -11.07
CA ASN C 144 -27.20 -3.44 -12.48
C ASN C 144 -28.09 -4.49 -13.14
N PRO C 145 -29.01 -4.12 -14.05
CA PRO C 145 -29.31 -2.80 -14.60
C PRO C 145 -30.67 -2.23 -14.18
N LEU C 146 -31.39 -2.92 -13.30
CA LEU C 146 -32.76 -2.50 -13.03
C LEU C 146 -32.84 -1.41 -11.97
N LEU C 147 -31.73 -1.09 -11.31
CA LEU C 147 -31.63 0.06 -10.41
C LEU C 147 -32.60 -0.09 -9.22
N HIS C 148 -32.75 -1.31 -8.73
CA HIS C 148 -33.51 -1.52 -7.50
C HIS C 148 -32.79 -0.86 -6.33
N ILE C 149 -33.49 0.02 -5.62
CA ILE C 149 -32.90 0.70 -4.48
C ILE C 149 -33.16 -0.12 -3.21
N THR C 150 -32.09 -0.50 -2.52
CA THR C 150 -32.14 -1.29 -1.30
C THR C 150 -31.89 -0.38 -0.11
N ASP C 151 -32.44 -0.75 1.05
CA ASP C 151 -32.26 0.06 2.26
C ASP C 151 -30.96 -0.35 2.93
N ILE C 152 -29.93 0.48 2.77
CA ILE C 152 -28.61 0.08 3.22
C ILE C 152 -28.58 -0.08 4.73
N ALA C 153 -28.98 0.97 5.45
CA ALA C 153 -28.97 0.92 6.91
C ALA C 153 -29.83 -0.20 7.46
N ALA C 154 -30.92 -0.52 6.77
CA ALA C 154 -31.70 -1.68 7.19
C ALA C 154 -30.90 -2.95 7.07
N ILE C 155 -30.27 -3.16 5.91
CA ILE C 155 -29.54 -4.40 5.71
C ILE C 155 -28.35 -4.47 6.66
N ALA C 156 -27.72 -3.32 6.91
CA ALA C 156 -26.63 -3.28 7.87
C ALA C 156 -27.07 -3.74 9.26
N LYS C 157 -28.20 -3.21 9.76
CA LYS C 157 -28.68 -3.62 11.08
C LYS C 157 -28.99 -5.10 11.13
N LEU C 158 -29.66 -5.62 10.09
CA LEU C 158 -29.86 -7.06 9.97
C LEU C 158 -28.54 -7.81 10.09
N ALA C 159 -27.49 -7.29 9.44
CA ALA C 159 -26.21 -7.98 9.43
C ALA C 159 -25.60 -8.04 10.81
N GLN C 160 -25.57 -6.90 11.52
CA GLN C 160 -24.96 -6.86 12.85
C GLN C 160 -25.71 -7.73 13.83
N ALA C 161 -27.04 -7.75 13.70
CA ALA C 161 -27.90 -8.56 14.56
C ALA C 161 -27.58 -10.04 14.47
N HIS C 162 -26.94 -10.47 13.39
CA HIS C 162 -26.68 -11.88 13.17
C HIS C 162 -25.22 -12.19 12.94
N ASP C 163 -24.32 -11.26 13.29
CA ASP C 163 -22.86 -11.44 13.16
C ASP C 163 -22.49 -11.80 11.73
N LEU C 164 -23.11 -11.09 10.79
CA LEU C 164 -22.87 -11.14 9.36
C LEU C 164 -22.05 -9.93 8.89
N LEU C 165 -21.43 -10.09 7.73
CA LEU C 165 -20.75 -8.99 7.05
C LEU C 165 -21.66 -8.39 6.00
N SER C 166 -21.67 -7.07 5.91
CA SER C 166 -22.42 -6.37 4.87
C SER C 166 -21.45 -5.88 3.81
N ILE C 167 -21.67 -6.30 2.58
CA ILE C 167 -20.86 -5.90 1.44
C ILE C 167 -21.79 -5.22 0.44
N ILE C 168 -21.60 -3.91 0.22
CA ILE C 168 -22.38 -3.13 -0.73
C ILE C 168 -21.49 -2.74 -1.91
N ASP C 169 -21.99 -2.97 -3.12
CA ASP C 169 -21.31 -2.62 -4.38
C ASP C 169 -21.78 -1.24 -4.79
N ASN C 170 -20.98 -0.21 -4.48
CA ASN C 170 -21.39 1.20 -4.57
C ASN C 170 -21.04 1.82 -5.92
N THR C 171 -20.93 1.01 -6.96
CA THR C 171 -20.40 1.48 -8.23
C THR C 171 -21.30 2.52 -8.87
N PHE C 172 -22.61 2.29 -8.88
CA PHE C 172 -23.50 3.17 -9.62
C PHE C 172 -23.72 4.50 -8.89
N ALA C 173 -23.76 4.48 -7.56
CA ALA C 173 -23.98 5.74 -6.88
C ALA C 173 -22.70 6.56 -6.82
N SER C 174 -21.59 5.95 -6.34
CA SER C 174 -20.29 6.55 -6.06
C SER C 174 -20.37 7.37 -4.76
N PRO C 175 -19.24 7.66 -4.11
CA PRO C 175 -19.34 8.32 -2.79
C PRO C 175 -20.01 9.67 -2.86
N TYR C 176 -20.11 10.28 -4.05
CA TYR C 176 -20.82 11.55 -4.15
C TYR C 176 -22.30 11.39 -3.85
N VAL C 177 -22.86 10.22 -4.15
CA VAL C 177 -24.29 9.95 -3.95
C VAL C 177 -24.56 9.15 -2.68
N GLN C 178 -23.74 8.13 -2.39
CA GLN C 178 -23.93 7.20 -1.27
C GLN C 178 -22.59 6.94 -0.60
N LYS C 179 -22.57 6.86 0.73
CA LYS C 179 -21.39 6.45 1.49
C LYS C 179 -21.82 5.35 2.44
N PRO C 180 -22.04 4.14 1.93
CA PRO C 180 -22.61 3.04 2.74
C PRO C 180 -21.92 2.76 4.06
N LEU C 181 -20.62 3.08 4.23
CA LEU C 181 -19.98 2.85 5.52
C LEU C 181 -20.58 3.70 6.62
N ASP C 182 -21.26 4.77 6.25
CA ASP C 182 -21.94 5.69 7.14
C ASP C 182 -23.30 5.18 7.56
N LEU C 183 -23.75 4.03 7.05
CA LEU C 183 -25.04 3.44 7.40
C LEU C 183 -24.88 2.09 8.09
N GLY C 184 -23.66 1.69 8.42
CA GLY C 184 -23.40 0.51 9.22
C GLY C 184 -22.74 -0.63 8.51
N VAL C 185 -22.31 -0.43 7.27
CA VAL C 185 -21.74 -1.49 6.46
C VAL C 185 -20.27 -1.69 6.84
N ASP C 186 -19.76 -2.90 6.63
CA ASP C 186 -18.37 -3.26 6.92
C ASP C 186 -17.44 -3.06 5.74
N ILE C 187 -17.89 -3.38 4.54
CA ILE C 187 -17.06 -3.36 3.34
C ILE C 187 -17.80 -2.61 2.26
N VAL C 188 -17.12 -1.67 1.59
CA VAL C 188 -17.64 -0.98 0.41
C VAL C 188 -16.68 -1.23 -0.76
N LEU C 189 -17.22 -1.53 -1.94
CA LEU C 189 -16.39 -1.87 -3.08
C LEU C 189 -16.95 -1.21 -4.34
N HIS C 190 -16.06 -0.91 -5.27
CA HIS C 190 -16.34 -0.10 -6.44
C HIS C 190 -15.74 -0.76 -7.68
N SER C 191 -16.46 -0.68 -8.80
CA SER C 191 -15.82 -0.77 -10.11
C SER C 191 -15.42 0.65 -10.48
N ALA C 192 -14.17 0.99 -10.23
CA ALA C 192 -13.66 2.32 -10.50
C ALA C 192 -13.52 2.58 -12.00
N SER C 193 -13.83 1.59 -12.84
CA SER C 193 -13.94 1.80 -14.27
C SER C 193 -15.08 2.73 -14.60
N ALA C 194 -16.09 2.78 -13.73
CA ALA C 194 -17.25 3.61 -13.93
C ALA C 194 -16.96 5.05 -13.56
N TYR C 195 -17.59 5.55 -12.50
CA TYR C 195 -17.64 6.97 -12.31
C TYR C 195 -16.38 7.53 -11.66
N LEU C 196 -15.60 6.70 -10.97
CA LEU C 196 -14.49 7.24 -10.20
C LEU C 196 -13.32 7.60 -11.09
N GLY C 197 -13.04 6.75 -12.08
CA GLY C 197 -12.16 7.16 -13.16
C GLY C 197 -12.85 8.12 -14.10
N GLY C 198 -14.13 7.87 -14.40
CA GLY C 198 -15.01 8.77 -15.13
C GLY C 198 -14.70 9.13 -16.57
N HIS C 199 -13.53 8.75 -17.06
CA HIS C 199 -13.08 9.19 -18.37
C HIS C 199 -13.04 8.07 -19.39
N SER C 200 -13.54 6.88 -19.04
CA SER C 200 -13.62 5.79 -20.00
C SER C 200 -12.24 5.34 -20.44
N ASP C 201 -11.24 5.48 -19.57
CA ASP C 201 -9.91 5.01 -19.92
C ASP C 201 -9.17 4.36 -18.74
N VAL C 202 -9.89 3.71 -17.83
CA VAL C 202 -9.28 3.03 -16.69
C VAL C 202 -10.18 1.89 -16.30
N ILE C 203 -9.61 0.70 -16.17
CA ILE C 203 -10.23 -0.43 -15.51
C ILE C 203 -9.60 -0.55 -14.13
N GLY C 204 -10.43 -0.69 -13.11
CA GLY C 204 -9.90 -0.83 -11.78
C GLY C 204 -11.02 -1.01 -10.79
N GLY C 205 -10.65 -1.55 -9.62
CA GLY C 205 -11.58 -1.71 -8.54
C GLY C 205 -11.03 -1.09 -7.26
N LEU C 206 -11.95 -0.79 -6.35
CA LEU C 206 -11.60 -0.22 -5.06
C LEU C 206 -12.39 -0.91 -3.98
N VAL C 207 -11.75 -1.16 -2.86
CA VAL C 207 -12.42 -1.63 -1.66
C VAL C 207 -12.06 -0.69 -0.53
N VAL C 208 -13.05 -0.33 0.29
CA VAL C 208 -12.82 0.49 1.47
C VAL C 208 -13.53 -0.19 2.63
N THR C 209 -12.80 -0.37 3.71
CA THR C 209 -13.24 -1.07 4.89
C THR C 209 -13.38 -0.03 6.00
N LYS C 210 -14.29 -0.26 6.93
CA LYS C 210 -14.45 0.74 7.98
C LYS C 210 -13.68 0.38 9.24
N THR C 211 -13.84 -0.84 9.74
CA THR C 211 -13.03 -1.27 10.87
C THR C 211 -11.57 -1.37 10.45
N PRO C 212 -10.65 -1.26 11.41
CA PRO C 212 -9.24 -1.43 11.07
C PRO C 212 -8.82 -2.89 11.00
N ALA C 213 -9.52 -3.79 11.69
CA ALA C 213 -9.14 -5.20 11.69
C ALA C 213 -9.57 -5.93 10.41
N LEU C 214 -10.56 -5.40 9.70
CA LEU C 214 -10.97 -5.91 8.41
C LEU C 214 -10.14 -5.30 7.27
N GLY C 215 -9.64 -4.08 7.46
CA GLY C 215 -8.59 -3.58 6.61
C GLY C 215 -7.37 -4.46 6.60
N GLU C 216 -6.98 -4.99 7.78
CA GLU C 216 -5.88 -5.96 7.83
C GLU C 216 -6.16 -7.17 6.96
N LYS C 217 -7.39 -7.70 7.01
CA LYS C 217 -7.74 -8.91 6.28
C LYS C 217 -7.77 -8.66 4.77
N ILE C 218 -8.43 -7.58 4.35
CA ILE C 218 -8.51 -7.25 2.93
C ILE C 218 -7.13 -6.93 2.37
N GLY C 219 -6.29 -6.29 3.19
CA GLY C 219 -4.92 -6.02 2.75
C GLY C 219 -4.11 -7.29 2.57
N TYR C 220 -4.16 -8.18 3.56
CA TYR C 220 -3.41 -9.43 3.48
C TYR C 220 -3.77 -10.19 2.22
N LEU C 221 -5.04 -10.16 1.84
CA LEU C 221 -5.51 -10.81 0.63
C LEU C 221 -5.09 -10.06 -0.62
N GLN C 222 -5.19 -8.73 -0.61
CA GLN C 222 -4.74 -7.93 -1.74
C GLN C 222 -3.31 -8.29 -2.13
N ASN C 223 -2.44 -8.40 -1.13
CA ASN C 223 -1.04 -8.70 -1.38
C ASN C 223 -0.79 -10.18 -1.67
N ALA C 224 -1.51 -11.08 -0.99
CA ALA C 224 -1.27 -12.51 -1.19
C ALA C 224 -1.81 -12.99 -2.54
N ILE C 225 -2.93 -12.41 -2.98
CA ILE C 225 -3.49 -12.74 -4.27
C ILE C 225 -2.93 -11.84 -5.38
N GLY C 226 -2.61 -10.59 -5.08
CA GLY C 226 -1.86 -9.75 -5.99
C GLY C 226 -2.65 -9.10 -7.12
N SER C 227 -3.96 -9.23 -7.15
CA SER C 227 -4.73 -8.59 -8.22
C SER C 227 -4.79 -7.07 -8.02
N ILE C 228 -3.62 -6.43 -7.96
CA ILE C 228 -3.51 -5.02 -7.60
C ILE C 228 -3.66 -4.13 -8.84
N LEU C 229 -4.00 -2.87 -8.58
CA LEU C 229 -4.03 -1.82 -9.60
C LEU C 229 -2.63 -1.24 -9.80
N ALA C 230 -2.20 -1.16 -11.05
CA ALA C 230 -0.84 -0.80 -11.37
C ALA C 230 -0.61 0.71 -11.24
N PRO C 231 0.66 1.13 -11.18
CA PRO C 231 0.96 2.56 -10.90
C PRO C 231 0.37 3.56 -11.87
N GLN C 232 0.52 3.36 -13.18
CA GLN C 232 -0.04 4.32 -14.12
C GLN C 232 -1.54 4.46 -13.95
N GLU C 233 -2.23 3.34 -13.77
CA GLU C 233 -3.67 3.39 -13.73
C GLU C 233 -4.19 3.73 -12.36
N SER C 234 -3.41 3.47 -11.31
CA SER C 234 -3.71 4.10 -10.03
C SER C 234 -3.63 5.61 -10.17
N TRP C 235 -2.59 6.09 -10.86
CA TRP C 235 -2.44 7.54 -11.04
C TRP C 235 -3.59 8.12 -11.87
N LEU C 236 -4.05 7.40 -12.88
CA LEU C 236 -5.14 7.93 -13.69
C LEU C 236 -6.45 7.96 -12.90
N LEU C 237 -6.78 6.86 -12.19
CA LEU C 237 -7.94 6.88 -11.30
C LEU C 237 -7.95 8.13 -10.44
N GLN C 238 -6.88 8.33 -9.67
CA GLN C 238 -6.86 9.48 -8.78
C GLN C 238 -6.98 10.77 -9.57
N ARG C 239 -6.44 10.81 -10.79
CA ARG C 239 -6.61 12.01 -11.62
C ARG C 239 -8.08 12.19 -12.00
N GLY C 240 -8.75 11.12 -12.44
CA GLY C 240 -10.16 11.21 -12.77
C GLY C 240 -11.05 11.43 -11.57
N MET C 241 -10.60 11.03 -10.40
CA MET C 241 -11.39 11.20 -9.18
C MET C 241 -11.50 12.67 -8.79
N LYS C 242 -10.49 13.48 -9.11
CA LYS C 242 -10.50 14.87 -8.69
C LYS C 242 -11.70 15.64 -9.26
N THR C 243 -12.25 15.21 -10.40
CA THR C 243 -13.38 15.89 -11.01
C THR C 243 -14.71 15.20 -10.72
N LEU C 244 -14.72 14.20 -9.84
CA LEU C 244 -15.92 13.41 -9.60
C LEU C 244 -17.12 14.29 -9.28
N ALA C 245 -16.94 15.29 -8.41
CA ALA C 245 -18.08 16.13 -8.04
C ALA C 245 -18.60 16.89 -9.25
N LEU C 246 -17.72 17.60 -9.96
CA LEU C 246 -18.13 18.34 -11.15
C LEU C 246 -18.82 17.44 -12.17
N ARG C 247 -18.22 16.28 -12.44
CA ARG C 247 -18.79 15.35 -13.41
C ARG C 247 -20.11 14.79 -12.92
N MET C 248 -20.18 14.43 -11.64
CA MET C 248 -21.38 13.75 -11.16
C MET C 248 -22.59 14.67 -11.16
N GLN C 249 -22.42 15.97 -10.84
CA GLN C 249 -23.56 16.88 -10.96
C GLN C 249 -24.06 16.90 -12.39
N ALA C 250 -23.14 17.01 -13.35
CA ALA C 250 -23.54 17.08 -14.74
C ALA C 250 -24.31 15.83 -15.14
N HIS C 251 -23.83 14.66 -14.70
CA HIS C 251 -24.52 13.39 -14.92
C HIS C 251 -25.93 13.42 -14.34
N LEU C 252 -26.04 13.71 -13.05
CA LEU C 252 -27.33 13.67 -12.35
C LEU C 252 -28.34 14.59 -13.02
N ASN C 253 -27.90 15.81 -13.35
CA ASN C 253 -28.78 16.81 -13.95
C ASN C 253 -29.26 16.34 -15.31
N ASN C 254 -28.33 15.93 -16.16
CA ASN C 254 -28.70 15.37 -17.45
C ASN C 254 -29.70 14.24 -17.31
N ALA C 255 -29.52 13.40 -16.28
CA ALA C 255 -30.39 12.22 -16.13
C ALA C 255 -31.79 12.62 -15.70
N ALA C 256 -31.91 13.60 -14.80
CA ALA C 256 -33.21 14.19 -14.56
C ALA C 256 -33.88 14.58 -15.87
N LYS C 257 -33.13 15.25 -16.76
CA LYS C 257 -33.70 15.72 -18.01
C LYS C 257 -34.07 14.56 -18.93
N ILE C 258 -33.26 13.49 -18.93
CA ILE C 258 -33.54 12.35 -19.80
C ILE C 258 -34.76 11.59 -19.30
N PHE C 259 -34.95 11.50 -17.98
CA PHE C 259 -36.11 10.78 -17.46
C PHE C 259 -37.41 11.49 -17.80
N THR C 260 -37.55 12.77 -17.42
CA THR C 260 -38.74 13.53 -17.81
C THR C 260 -38.99 13.41 -19.30
N TYR C 261 -37.93 13.40 -20.11
CA TYR C 261 -38.05 13.28 -21.56
C TYR C 261 -38.54 11.90 -21.98
N LEU C 262 -38.00 10.83 -21.38
CA LEU C 262 -38.43 9.50 -21.76
C LEU C 262 -39.84 9.20 -21.28
N LYS C 263 -40.22 9.78 -20.14
CA LYS C 263 -41.55 9.57 -19.58
C LYS C 263 -42.62 10.13 -20.51
N SER C 264 -42.35 11.28 -21.12
CA SER C 264 -43.20 11.90 -22.13
C SER C 264 -43.17 11.21 -23.49
N HIS C 265 -42.59 10.02 -23.60
CA HIS C 265 -42.63 9.26 -24.85
C HIS C 265 -43.53 8.05 -24.68
N PRO C 266 -44.55 7.91 -25.52
CA PRO C 266 -45.42 6.74 -25.43
C PRO C 266 -44.78 5.50 -26.00
N ALA C 267 -43.76 5.68 -26.85
CA ALA C 267 -42.94 4.56 -27.31
C ALA C 267 -42.27 3.84 -26.14
N VAL C 268 -42.05 4.54 -25.02
CA VAL C 268 -41.36 4.01 -23.85
C VAL C 268 -42.41 3.46 -22.89
N THR C 269 -42.43 2.13 -22.75
CA THR C 269 -43.48 1.43 -22.02
C THR C 269 -43.19 1.26 -20.52
N LYS C 270 -41.91 1.14 -20.11
CA LYS C 270 -41.51 1.06 -18.71
C LYS C 270 -40.17 1.77 -18.55
N ILE C 271 -39.94 2.33 -17.36
CA ILE C 271 -38.70 3.05 -17.07
C ILE C 271 -38.19 2.67 -15.68
N TYR C 272 -36.89 2.50 -15.58
CA TYR C 272 -36.23 2.22 -14.32
C TYR C 272 -35.34 3.41 -13.99
N TYR C 273 -35.72 4.15 -12.95
CA TYR C 273 -35.02 5.34 -12.48
C TYR C 273 -35.34 5.52 -11.01
N PRO C 274 -34.32 5.56 -10.14
CA PRO C 274 -34.60 5.72 -8.71
C PRO C 274 -35.33 7.00 -8.36
N GLY C 275 -35.43 7.95 -9.29
CA GLY C 275 -36.17 9.16 -9.07
C GLY C 275 -37.55 9.15 -9.68
N ASP C 276 -37.94 8.07 -10.33
CA ASP C 276 -39.32 7.87 -10.72
C ASP C 276 -40.19 7.91 -9.47
N PRO C 277 -41.16 8.82 -9.39
CA PRO C 277 -41.92 8.97 -8.14
C PRO C 277 -43.02 7.94 -7.93
N ASP C 278 -43.53 7.30 -8.99
CA ASP C 278 -44.42 6.16 -8.80
C ASP C 278 -43.66 4.87 -8.49
N ASN C 279 -42.35 4.85 -8.72
CA ASN C 279 -41.46 3.78 -8.30
C ASN C 279 -41.48 3.65 -6.78
N PRO C 280 -41.83 2.48 -6.24
CA PRO C 280 -41.89 2.35 -4.76
C PRO C 280 -40.55 2.55 -4.10
N ASP C 281 -39.46 2.37 -4.82
CA ASP C 281 -38.15 2.64 -4.23
C ASP C 281 -37.90 4.12 -4.00
N PHE C 282 -38.82 4.99 -4.43
CA PHE C 282 -38.54 6.41 -4.52
C PHE C 282 -38.15 7.01 -3.17
N SER C 283 -38.74 6.53 -2.09
CA SER C 283 -38.51 7.25 -0.85
C SER C 283 -37.23 6.82 -0.16
N ILE C 284 -36.92 5.51 -0.17
CA ILE C 284 -35.63 5.05 0.37
C ILE C 284 -34.49 5.62 -0.45
N ALA C 285 -34.76 5.93 -1.72
CA ALA C 285 -33.75 6.57 -2.55
C ALA C 285 -33.47 7.98 -2.07
N LYS C 286 -34.53 8.79 -1.90
CA LYS C 286 -34.35 10.15 -1.38
C LYS C 286 -33.61 10.15 -0.05
N GLN C 287 -33.89 9.16 0.77
CA GLN C 287 -33.42 9.14 2.16
C GLN C 287 -31.92 8.86 2.23
N GLN C 288 -31.42 7.99 1.35
CA GLN C 288 -30.04 7.53 1.42
C GLN C 288 -29.19 7.92 0.22
N MET C 289 -29.72 8.70 -0.72
CA MET C 289 -29.00 9.01 -1.95
C MET C 289 -29.03 10.52 -2.21
N ASN C 290 -27.84 11.09 -2.40
CA ASN C 290 -27.69 12.51 -2.71
C ASN C 290 -27.69 12.62 -4.22
N GLY C 291 -28.87 12.78 -4.79
CA GLY C 291 -29.12 12.55 -6.19
C GLY C 291 -29.70 11.17 -6.42
N PHE C 292 -30.22 10.95 -7.62
CA PHE C 292 -30.86 9.68 -7.94
C PHE C 292 -30.04 8.80 -8.88
N GLY C 293 -28.74 9.10 -9.04
CA GLY C 293 -27.93 8.44 -10.03
C GLY C 293 -28.15 8.99 -11.43
N ALA C 294 -27.33 8.50 -12.36
CA ALA C 294 -27.38 8.92 -13.75
C ALA C 294 -27.48 7.71 -14.67
N MET C 295 -28.12 6.66 -14.17
CA MET C 295 -28.47 5.48 -14.95
C MET C 295 -29.98 5.40 -15.07
N ILE C 296 -30.46 5.20 -16.29
CA ILE C 296 -31.86 4.98 -16.59
C ILE C 296 -31.94 3.74 -17.46
N SER C 297 -32.78 2.80 -17.08
CA SER C 297 -33.11 1.71 -17.97
C SER C 297 -34.57 1.82 -18.37
N PHE C 298 -34.88 1.41 -19.60
CA PHE C 298 -36.23 1.58 -20.11
C PHE C 298 -36.52 0.55 -21.18
N GLU C 299 -37.82 0.30 -21.39
CA GLU C 299 -38.31 -0.65 -22.37
C GLU C 299 -39.14 0.10 -23.40
N LEU C 300 -39.06 -0.34 -24.65
CA LEU C 300 -39.87 0.19 -25.73
C LEU C 300 -41.10 -0.69 -25.94
N GLN C 301 -42.02 -0.22 -26.78
CA GLN C 301 -43.26 -0.97 -26.98
C GLN C 301 -42.95 -2.29 -27.69
N PRO C 302 -43.65 -3.37 -27.34
CA PRO C 302 -43.12 -4.71 -27.63
C PRO C 302 -42.82 -4.97 -29.09
N GLY C 303 -43.52 -4.32 -29.99
CA GLY C 303 -43.14 -4.46 -31.38
C GLY C 303 -41.94 -3.65 -31.81
N MET C 304 -41.34 -2.85 -30.93
CA MET C 304 -40.28 -1.93 -31.30
C MET C 304 -38.91 -2.54 -31.00
N ASN C 305 -38.00 -2.40 -31.98
CA ASN C 305 -36.71 -3.07 -31.96
C ASN C 305 -35.66 -2.23 -31.24
N PRO C 306 -35.12 -2.68 -30.10
CA PRO C 306 -34.16 -1.85 -29.37
C PRO C 306 -32.81 -1.77 -30.03
N GLN C 307 -32.48 -2.72 -30.87
CA GLN C 307 -31.21 -2.66 -31.57
C GLN C 307 -31.26 -1.65 -32.69
N THR C 308 -32.38 -1.57 -33.38
CA THR C 308 -32.58 -0.49 -34.32
C THR C 308 -32.46 0.86 -33.62
N PHE C 309 -33.13 1.00 -32.47
CA PHE C 309 -33.09 2.25 -31.72
C PHE C 309 -31.66 2.61 -31.37
N VAL C 310 -30.89 1.62 -30.94
CA VAL C 310 -29.57 1.88 -30.41
C VAL C 310 -28.54 2.10 -31.50
N GLU C 311 -28.60 1.29 -32.56
CA GLU C 311 -27.70 1.42 -33.69
C GLU C 311 -27.97 2.66 -34.53
N HIS C 312 -28.96 3.47 -34.15
CA HIS C 312 -29.25 4.70 -34.87
C HIS C 312 -29.01 5.95 -34.00
N LEU C 313 -28.51 5.79 -32.79
CA LEU C 313 -27.98 6.90 -32.01
C LEU C 313 -26.58 7.20 -32.50
N GLN C 314 -26.17 8.47 -32.36
CA GLN C 314 -24.92 8.95 -32.98
C GLN C 314 -24.06 9.86 -32.10
N VAL C 315 -24.68 10.52 -31.14
CA VAL C 315 -23.94 11.13 -30.05
C VAL C 315 -23.78 10.13 -28.89
N ILE C 316 -24.88 9.48 -28.51
CA ILE C 316 -24.81 8.35 -27.61
C ILE C 316 -24.11 7.20 -28.32
N THR C 317 -23.42 6.37 -27.53
CA THR C 317 -22.43 5.44 -28.05
C THR C 317 -22.71 4.02 -27.56
N LEU C 318 -22.86 3.11 -28.52
CA LEU C 318 -23.23 1.73 -28.22
C LEU C 318 -22.00 0.96 -27.76
N ALA C 319 -21.94 0.66 -26.47
CA ALA C 319 -20.80 -0.04 -25.88
C ALA C 319 -21.19 -0.49 -24.48
N GLU C 320 -20.39 -1.40 -23.94
CA GLU C 320 -20.50 -1.76 -22.53
C GLU C 320 -19.83 -0.69 -21.69
N SER C 321 -19.86 -0.89 -20.37
CA SER C 321 -19.34 0.05 -19.37
C SER C 321 -20.34 1.20 -19.18
N LEU C 322 -19.98 2.12 -18.28
CA LEU C 322 -20.89 3.10 -17.72
C LEU C 322 -20.08 4.05 -16.85
N GLY C 323 -20.70 5.12 -16.42
CA GLY C 323 -19.98 6.08 -15.60
C GLY C 323 -19.03 6.98 -16.36
N ALA C 324 -19.08 6.97 -17.69
CA ALA C 324 -18.15 7.70 -18.54
C ALA C 324 -18.71 9.06 -18.89
N LEU C 325 -17.79 10.00 -19.19
CA LEU C 325 -18.21 11.33 -19.61
C LEU C 325 -19.14 11.24 -20.81
N GLU C 326 -18.80 10.39 -21.78
CA GLU C 326 -19.67 10.02 -22.89
C GLU C 326 -20.86 9.18 -22.43
N SER C 327 -22.03 9.49 -22.97
CA SER C 327 -23.22 8.71 -22.65
C SER C 327 -23.14 7.39 -23.42
N LEU C 328 -22.93 6.30 -22.70
CA LEU C 328 -22.96 4.97 -23.26
C LEU C 328 -24.37 4.41 -23.17
N ILE C 329 -24.70 3.49 -24.09
CA ILE C 329 -26.00 2.81 -24.09
C ILE C 329 -25.77 1.35 -24.48
N GLU C 330 -26.69 0.47 -24.04
CA GLU C 330 -26.45 -0.97 -24.12
C GLU C 330 -27.75 -1.74 -23.89
N ILE C 331 -27.81 -2.94 -24.44
CA ILE C 331 -28.93 -3.88 -24.27
C ILE C 331 -28.46 -5.02 -23.36
N PRO C 332 -28.79 -5.01 -22.06
CA PRO C 332 -28.13 -5.94 -21.13
C PRO C 332 -28.29 -7.42 -21.47
N ALA C 333 -29.40 -7.83 -22.09
CA ALA C 333 -29.53 -9.25 -22.46
C ALA C 333 -28.49 -9.64 -23.52
N LEU C 334 -28.22 -8.75 -24.46
CA LEU C 334 -27.26 -9.01 -25.53
C LEU C 334 -25.84 -8.56 -25.17
N MET C 335 -25.61 -8.10 -23.95
CA MET C 335 -24.30 -7.54 -23.62
C MET C 335 -23.90 -7.86 -22.18
N THR C 336 -24.05 -6.90 -21.25
CA THR C 336 -23.43 -7.02 -19.92
C THR C 336 -24.00 -8.16 -19.08
N HIS C 337 -25.18 -8.68 -19.43
CA HIS C 337 -25.82 -9.72 -18.64
C HIS C 337 -26.07 -10.97 -19.46
N GLY C 338 -25.40 -11.11 -20.61
CA GLY C 338 -25.40 -12.38 -21.33
C GLY C 338 -24.82 -13.52 -20.53
N ALA C 339 -24.06 -13.21 -19.47
CA ALA C 339 -23.49 -14.22 -18.59
C ALA C 339 -24.53 -14.85 -17.68
N ILE C 340 -25.75 -14.34 -17.67
CA ILE C 340 -26.86 -14.92 -16.90
C ILE C 340 -27.77 -15.65 -17.89
N PRO C 341 -28.15 -16.90 -17.60
CA PRO C 341 -29.01 -17.64 -18.54
C PRO C 341 -30.34 -16.93 -18.75
N ARG C 342 -30.80 -16.95 -20.00
CA ARG C 342 -31.97 -16.17 -20.37
C ARG C 342 -33.16 -16.43 -19.43
N THR C 343 -33.33 -17.67 -18.98
CA THR C 343 -34.48 -17.99 -18.13
C THR C 343 -34.37 -17.32 -16.76
N ILE C 344 -33.14 -17.25 -16.22
CA ILE C 344 -32.93 -16.58 -14.95
C ILE C 344 -33.07 -15.07 -15.14
N ARG C 345 -32.70 -14.57 -16.32
CA ARG C 345 -32.82 -13.15 -16.61
C ARG C 345 -34.27 -12.70 -16.61
N LEU C 346 -35.09 -13.35 -17.43
CA LEU C 346 -36.51 -13.01 -17.47
C LEU C 346 -37.17 -13.23 -16.12
N GLN C 347 -36.67 -14.20 -15.34
CA GLN C 347 -37.25 -14.49 -14.03
C GLN C 347 -36.95 -13.38 -13.04
N ASN C 348 -35.82 -12.67 -13.19
CA ASN C 348 -35.38 -11.67 -12.24
C ASN C 348 -35.65 -10.25 -12.67
N GLY C 349 -36.16 -10.03 -13.89
CA GLY C 349 -36.68 -8.74 -14.31
C GLY C 349 -36.09 -8.18 -15.59
N ILE C 350 -35.28 -8.97 -16.29
CA ILE C 350 -34.50 -8.44 -17.40
C ILE C 350 -35.01 -9.02 -18.71
N LYS C 351 -35.99 -8.33 -19.30
CA LYS C 351 -36.52 -8.74 -20.60
C LYS C 351 -35.46 -8.57 -21.68
N ASP C 352 -35.64 -9.28 -22.78
CA ASP C 352 -34.69 -9.17 -23.89
C ASP C 352 -34.73 -7.81 -24.57
N GLU C 353 -35.74 -6.98 -24.32
CA GLU C 353 -35.89 -5.67 -24.96
C GLU C 353 -35.45 -4.53 -24.05
N LEU C 354 -34.82 -4.83 -22.92
CA LEU C 354 -34.43 -3.77 -21.99
C LEU C 354 -33.24 -3.00 -22.56
N ILE C 355 -33.28 -1.68 -22.39
CA ILE C 355 -32.20 -0.78 -22.76
C ILE C 355 -31.67 -0.10 -21.50
N ARG C 356 -30.34 -0.02 -21.40
CA ARG C 356 -29.71 0.65 -20.26
C ARG C 356 -28.85 1.81 -20.75
N LEU C 357 -29.15 3.00 -20.25
CA LEU C 357 -28.57 4.24 -20.71
C LEU C 357 -27.80 4.84 -19.54
N SER C 358 -26.47 4.82 -19.66
CA SER C 358 -25.60 5.61 -18.79
C SER C 358 -25.68 7.04 -19.29
N VAL C 359 -26.49 7.87 -18.62
CA VAL C 359 -26.50 9.28 -18.93
C VAL C 359 -25.11 9.86 -18.69
N GLY C 360 -24.63 10.62 -19.66
CA GLY C 360 -23.34 11.28 -19.57
C GLY C 360 -23.35 12.77 -19.35
N VAL C 361 -22.28 13.42 -19.81
CA VAL C 361 -21.99 14.80 -19.46
C VAL C 361 -22.19 15.76 -20.62
N GLU C 362 -22.39 15.26 -21.83
CA GLU C 362 -22.58 16.12 -22.98
C GLU C 362 -23.81 17.00 -22.77
N ALA C 363 -23.91 18.07 -23.57
CA ALA C 363 -24.99 19.03 -23.38
C ALA C 363 -26.35 18.36 -23.52
N SER C 364 -27.25 18.63 -22.57
CA SER C 364 -28.55 17.95 -22.55
C SER C 364 -29.31 18.10 -23.87
N ASP C 365 -29.28 19.29 -24.47
CA ASP C 365 -29.99 19.49 -25.74
C ASP C 365 -29.53 18.50 -26.81
N ASP C 366 -28.22 18.30 -26.94
CA ASP C 366 -27.69 17.39 -27.96
C ASP C 366 -28.08 15.93 -27.69
N LEU C 367 -28.33 15.58 -26.42
CA LEU C 367 -28.70 14.22 -26.07
C LEU C 367 -30.14 13.93 -26.43
N LEU C 368 -31.06 14.83 -26.06
CA LEU C 368 -32.47 14.64 -26.39
C LEU C 368 -32.65 14.58 -27.91
N ALA C 369 -32.01 15.51 -28.62
CA ALA C 369 -32.01 15.48 -30.08
C ALA C 369 -31.52 14.15 -30.60
N ASP C 370 -30.55 13.55 -29.92
CA ASP C 370 -30.00 12.30 -30.39
C ASP C 370 -30.95 11.15 -30.12
N LEU C 371 -31.46 11.05 -28.88
CA LEU C 371 -32.45 10.04 -28.55
C LEU C 371 -33.66 10.12 -29.48
N GLU C 372 -33.99 11.33 -29.96
CA GLU C 372 -35.05 11.45 -30.93
C GLU C 372 -34.69 10.73 -32.23
N ARG C 373 -33.42 10.82 -32.64
CA ARG C 373 -32.95 10.12 -33.82
C ARG C 373 -33.22 8.62 -33.70
N GLY C 374 -33.10 8.08 -32.49
CA GLY C 374 -33.37 6.67 -32.29
C GLY C 374 -34.84 6.33 -32.20
N PHE C 375 -35.64 7.23 -31.64
CA PHE C 375 -37.08 6.98 -31.66
C PHE C 375 -37.62 7.08 -33.07
N ALA C 376 -37.08 8.03 -33.84
CA ALA C 376 -37.52 8.23 -35.21
C ALA C 376 -37.30 6.98 -36.05
N SER C 377 -36.29 6.19 -35.72
CA SER C 377 -35.91 5.05 -36.52
C SER C 377 -36.78 3.82 -36.29
N ILE C 378 -37.70 3.88 -35.32
CA ILE C 378 -38.57 2.75 -35.00
C ILE C 378 -40.04 3.10 -35.10
N GLN C 379 -40.24 4.43 -35.12
CA GLN C 379 -41.40 5.32 -35.13
C GLN C 379 -42.32 5.41 -33.89
N ALA C 380 -42.31 6.58 -33.21
CA ALA C 380 -43.04 6.89 -31.94
C ALA C 380 -44.51 7.41 -32.11
N MET D 1 11.34 -17.71 -37.65
CA MET D 1 12.34 -16.84 -37.06
C MET D 1 13.13 -17.58 -35.97
N LYS D 2 14.43 -17.30 -35.84
CA LYS D 2 15.19 -17.68 -34.66
C LYS D 2 14.68 -16.93 -33.42
N PHE D 3 15.10 -17.39 -32.24
CA PHE D 3 14.49 -16.89 -31.01
C PHE D 3 14.77 -15.40 -30.78
N GLU D 4 16.00 -14.95 -31.05
CA GLU D 4 16.30 -13.53 -30.88
C GLU D 4 15.40 -12.67 -31.76
N THR D 5 15.04 -13.16 -32.95
CA THR D 5 14.21 -12.40 -33.87
C THR D 5 12.74 -12.40 -33.45
N GLN D 6 12.32 -13.45 -32.72
CA GLN D 6 10.94 -13.51 -32.25
C GLN D 6 10.67 -12.48 -31.16
N LEU D 7 11.68 -12.14 -30.34
CA LEU D 7 11.53 -11.11 -29.33
C LEU D 7 11.22 -9.75 -29.95
N ILE D 8 11.89 -9.44 -31.07
CA ILE D 8 11.74 -8.15 -31.72
C ILE D 8 10.45 -8.08 -32.51
N HIS D 9 10.04 -9.19 -33.13
CA HIS D 9 9.00 -9.16 -34.15
C HIS D 9 7.83 -10.09 -33.88
N GLY D 10 7.96 -11.03 -32.95
CA GLY D 10 6.92 -12.01 -32.69
C GLY D 10 5.75 -11.45 -31.89
N GLY D 11 4.86 -12.35 -31.48
CA GLY D 11 3.58 -11.91 -30.96
C GLY D 11 2.89 -11.00 -31.96
N ILE D 12 2.18 -10.00 -31.44
CA ILE D 12 1.84 -8.81 -32.22
C ILE D 12 2.83 -7.73 -31.80
N SER D 13 3.61 -7.21 -32.74
CA SER D 13 4.66 -6.28 -32.38
C SER D 13 4.55 -4.95 -33.12
N GLU D 14 3.45 -4.72 -33.85
CA GLU D 14 3.22 -3.48 -34.54
C GLU D 14 1.73 -3.24 -34.67
N ASP D 15 1.34 -2.25 -35.47
CA ASP D 15 -0.03 -1.83 -35.60
C ASP D 15 -0.44 -1.96 -37.07
N ALA D 16 -1.39 -2.84 -37.35
CA ALA D 16 -1.71 -3.16 -38.73
C ALA D 16 -2.07 -1.91 -39.54
N THR D 17 -2.92 -1.04 -39.00
CA THR D 17 -3.46 0.06 -39.80
C THR D 17 -2.43 1.17 -40.06
N THR D 18 -1.63 1.55 -39.06
CA THR D 18 -0.73 2.69 -39.21
C THR D 18 0.67 2.34 -39.63
N GLY D 19 1.13 1.13 -39.29
CA GLY D 19 2.51 0.74 -39.43
C GLY D 19 3.34 0.98 -38.19
N ALA D 20 2.74 1.55 -37.15
CA ALA D 20 3.44 1.90 -35.93
C ALA D 20 4.33 0.76 -35.48
N THR D 21 5.60 1.07 -35.21
CA THR D 21 6.56 0.05 -34.82
C THR D 21 6.50 -0.23 -33.33
N SER D 22 5.30 -0.12 -32.77
CA SER D 22 5.05 -0.27 -31.35
C SER D 22 3.56 -0.33 -31.12
N VAL D 23 3.08 -1.46 -30.61
CA VAL D 23 1.67 -1.64 -30.24
C VAL D 23 1.19 -0.44 -29.44
N PRO D 24 0.17 0.27 -29.91
CA PRO D 24 -0.32 1.44 -29.18
C PRO D 24 -0.87 1.05 -27.82
N ILE D 25 -0.88 2.01 -26.91
CA ILE D 25 -1.37 1.76 -25.56
C ILE D 25 -2.83 2.14 -25.60
N TYR D 26 -3.69 1.12 -25.53
CA TYR D 26 -5.13 1.29 -25.70
C TYR D 26 -5.67 1.45 -24.28
N MET D 27 -5.72 2.71 -23.84
CA MET D 27 -6.22 3.01 -22.52
C MET D 27 -7.73 2.88 -22.43
N ALA D 28 -8.45 2.87 -23.55
CA ALA D 28 -9.91 2.84 -23.52
C ALA D 28 -10.42 1.69 -22.67
N SER D 29 -11.44 1.98 -21.86
CA SER D 29 -12.06 0.94 -21.07
C SER D 29 -13.03 0.13 -21.90
N THR D 30 -13.70 0.78 -22.85
CA THR D 30 -14.71 0.14 -23.65
C THR D 30 -14.53 0.56 -25.10
N PHE D 31 -15.22 -0.16 -25.98
CA PHE D 31 -15.12 -0.03 -27.43
C PHE D 31 -16.52 0.10 -28.00
N ARG D 32 -16.75 1.10 -28.86
CA ARG D 32 -18.02 1.23 -29.54
C ARG D 32 -18.28 0.04 -30.47
N GLN D 33 -19.55 -0.26 -30.69
CA GLN D 33 -19.96 -1.36 -31.57
C GLN D 33 -20.94 -0.86 -32.62
N THR D 34 -20.71 -1.22 -33.89
CA THR D 34 -21.65 -0.87 -34.96
C THR D 34 -22.86 -1.79 -34.94
N LYS D 35 -22.59 -3.09 -34.94
CA LYS D 35 -23.53 -4.18 -34.68
C LYS D 35 -23.17 -4.86 -33.36
N ILE D 36 -24.18 -5.27 -32.60
CA ILE D 36 -23.90 -5.96 -31.35
C ILE D 36 -23.25 -7.30 -31.64
N GLY D 37 -22.30 -7.69 -30.78
CA GLY D 37 -21.60 -8.96 -30.93
C GLY D 37 -20.49 -8.97 -31.96
N GLN D 38 -20.71 -8.29 -33.10
CA GLN D 38 -19.75 -8.35 -34.19
C GLN D 38 -18.53 -7.43 -33.99
N ASN D 39 -18.40 -6.76 -32.82
CA ASN D 39 -17.22 -5.96 -32.53
C ASN D 39 -16.03 -6.86 -32.15
N GLN D 40 -14.83 -6.48 -32.60
CA GLN D 40 -13.66 -7.32 -32.32
C GLN D 40 -13.27 -7.27 -30.85
N TYR D 41 -13.20 -6.07 -30.29
CA TYR D 41 -12.99 -5.88 -28.86
C TYR D 41 -14.24 -5.26 -28.23
N GLU D 42 -14.38 -5.39 -26.92
CA GLU D 42 -15.65 -5.08 -26.26
C GLU D 42 -15.46 -4.36 -24.93
N TYR D 43 -14.44 -4.76 -24.15
CA TYR D 43 -14.21 -4.20 -22.83
C TYR D 43 -12.79 -4.54 -22.44
N SER D 44 -12.08 -3.53 -21.91
CA SER D 44 -10.63 -3.62 -21.79
C SER D 44 -10.22 -4.77 -20.90
N ARG D 45 -11.06 -5.13 -19.93
CA ARG D 45 -10.77 -6.27 -19.07
C ARG D 45 -10.82 -7.57 -19.84
N THR D 46 -11.85 -7.73 -20.68
CA THR D 46 -11.99 -8.94 -21.47
C THR D 46 -10.86 -9.09 -22.49
N GLY D 47 -10.30 -7.98 -22.93
CA GLY D 47 -9.13 -8.00 -23.81
C GLY D 47 -9.09 -6.75 -24.66
N ASN D 48 -7.86 -6.34 -24.98
CA ASN D 48 -7.62 -5.09 -25.69
C ASN D 48 -6.38 -5.27 -26.54
N PRO D 49 -6.18 -4.44 -27.57
CA PRO D 49 -5.00 -4.63 -28.43
C PRO D 49 -3.67 -4.59 -27.68
N THR D 50 -3.54 -3.80 -26.61
CA THR D 50 -2.25 -3.70 -25.94
C THR D 50 -1.88 -4.98 -25.19
N ARG D 51 -2.74 -5.42 -24.27
CA ARG D 51 -2.48 -6.67 -23.56
C ARG D 51 -2.56 -7.88 -24.48
N ALA D 52 -3.41 -7.83 -25.52
CA ALA D 52 -3.45 -8.92 -26.49
C ALA D 52 -2.08 -9.20 -27.09
N ALA D 53 -1.29 -8.16 -27.32
CA ALA D 53 -0.02 -8.31 -28.00
C ALA D 53 1.04 -8.91 -27.07
N VAL D 54 1.06 -8.49 -25.81
CA VAL D 54 1.98 -9.08 -24.86
C VAL D 54 1.63 -10.54 -24.68
N GLU D 55 0.33 -10.84 -24.68
CA GLU D 55 -0.14 -12.22 -24.53
C GLU D 55 0.35 -13.06 -25.71
N ALA D 56 0.19 -12.53 -26.92
CA ALA D 56 0.71 -13.19 -28.10
C ALA D 56 2.19 -13.51 -27.98
N LEU D 57 2.98 -12.56 -27.49
CA LEU D 57 4.43 -12.71 -27.51
C LEU D 57 4.89 -13.79 -26.52
N ILE D 58 4.41 -13.74 -25.28
CA ILE D 58 4.87 -14.73 -24.31
C ILE D 58 4.53 -16.13 -24.79
N ALA D 59 3.47 -16.27 -25.58
CA ALA D 59 3.05 -17.59 -26.06
C ALA D 59 3.92 -18.08 -27.22
N THR D 60 4.28 -17.23 -28.20
CA THR D 60 5.19 -17.73 -29.23
C THR D 60 6.56 -18.03 -28.65
N LEU D 61 6.97 -17.25 -27.64
CA LEU D 61 8.25 -17.50 -26.99
C LEU D 61 8.23 -18.80 -26.22
N GLU D 62 7.10 -19.19 -25.65
CA GLU D 62 7.06 -20.38 -24.84
C GLU D 62 6.70 -21.63 -25.61
N HIS D 63 6.54 -21.51 -26.94
CA HIS D 63 6.13 -22.63 -27.79
C HIS D 63 4.79 -23.21 -27.33
N GLY D 64 3.89 -22.29 -26.94
CA GLY D 64 2.52 -22.61 -26.61
C GLY D 64 1.51 -21.96 -27.56
N SER D 65 0.24 -22.17 -27.22
CA SER D 65 -0.86 -21.73 -28.08
C SER D 65 -1.51 -20.44 -27.63
N ALA D 66 -1.53 -20.13 -26.34
CA ALA D 66 -2.26 -18.96 -25.87
C ALA D 66 -1.55 -18.31 -24.70
N GLY D 67 -1.44 -16.98 -24.75
CA GLY D 67 -0.90 -16.21 -23.65
C GLY D 67 -2.00 -15.53 -22.83
N PHE D 68 -1.71 -15.31 -21.55
CA PHE D 68 -2.64 -14.60 -20.67
C PHE D 68 -1.83 -13.77 -19.69
N ALA D 69 -2.02 -12.45 -19.72
CA ALA D 69 -1.26 -11.53 -18.87
C ALA D 69 -2.08 -11.12 -17.66
N PHE D 70 -1.44 -11.13 -16.49
CA PHE D 70 -2.11 -10.88 -15.21
C PHE D 70 -1.41 -9.77 -14.45
N ALA D 71 -2.10 -9.27 -13.44
CA ALA D 71 -1.66 -8.08 -12.71
C ALA D 71 -0.36 -8.30 -11.96
N SER D 72 -0.07 -9.56 -11.62
CA SER D 72 1.12 -9.97 -10.88
C SER D 72 1.25 -11.47 -11.07
N GLY D 73 2.45 -11.98 -10.81
CA GLY D 73 2.63 -13.43 -10.87
C GLY D 73 1.75 -14.15 -9.88
N SER D 74 1.62 -13.58 -8.68
CA SER D 74 0.66 -14.10 -7.69
C SER D 74 -0.75 -14.19 -8.26
N ALA D 75 -1.21 -13.12 -8.90
CA ALA D 75 -2.55 -13.10 -9.50
C ALA D 75 -2.69 -14.15 -10.59
N ALA D 76 -1.63 -14.39 -11.35
CA ALA D 76 -1.65 -15.47 -12.34
C ALA D 76 -1.80 -16.83 -11.67
N ILE D 77 -0.97 -17.09 -10.67
CA ILE D 77 -1.07 -18.33 -9.91
C ILE D 77 -2.47 -18.50 -9.34
N ASN D 78 -3.05 -17.43 -8.82
CA ASN D 78 -4.34 -17.55 -8.16
C ASN D 78 -5.43 -17.98 -9.15
N THR D 79 -5.45 -17.40 -10.36
CA THR D 79 -6.55 -17.78 -11.23
C THR D 79 -6.26 -19.09 -11.97
N VAL D 80 -5.00 -19.49 -12.05
CA VAL D 80 -4.68 -20.83 -12.53
C VAL D 80 -5.21 -21.87 -11.55
N PHE D 81 -4.95 -21.68 -10.26
CA PHE D 81 -5.49 -22.61 -9.27
C PHE D 81 -7.00 -22.51 -9.17
N SER D 82 -7.61 -21.45 -9.70
CA SER D 82 -9.06 -21.37 -9.74
C SER D 82 -9.68 -22.35 -10.71
N LEU D 83 -8.88 -23.03 -11.53
CA LEU D 83 -9.39 -24.19 -12.27
C LEU D 83 -9.92 -25.26 -11.31
N PHE D 84 -9.30 -25.42 -10.14
CA PHE D 84 -9.64 -26.52 -9.24
C PHE D 84 -10.76 -26.14 -8.27
N SER D 85 -11.44 -27.18 -7.78
CA SER D 85 -12.61 -27.04 -6.92
C SER D 85 -12.34 -27.77 -5.61
N ALA D 86 -13.21 -27.54 -4.62
CA ALA D 86 -13.11 -28.22 -3.34
C ALA D 86 -13.18 -29.73 -3.54
N GLY D 87 -12.33 -30.45 -2.81
CA GLY D 87 -12.14 -31.87 -2.99
C GLY D 87 -10.85 -32.21 -3.73
N ASP D 88 -10.41 -31.32 -4.61
CA ASP D 88 -9.23 -31.59 -5.42
C ASP D 88 -7.99 -31.59 -4.55
N HIS D 89 -7.04 -32.47 -4.90
CA HIS D 89 -5.75 -32.55 -4.24
C HIS D 89 -4.69 -32.17 -5.25
N ILE D 90 -3.72 -31.35 -4.84
CA ILE D 90 -2.60 -30.94 -5.67
C ILE D 90 -1.31 -31.35 -4.99
N ILE D 91 -0.40 -31.92 -5.76
CA ILE D 91 0.98 -32.14 -5.34
C ILE D 91 1.77 -30.89 -5.67
N VAL D 92 2.54 -30.39 -4.69
CA VAL D 92 3.37 -29.21 -4.85
C VAL D 92 4.82 -29.55 -4.53
N GLY D 93 5.74 -28.72 -5.01
CA GLY D 93 7.15 -28.87 -4.68
C GLY D 93 7.47 -28.39 -3.28
N ASN D 94 8.41 -29.10 -2.63
CA ASN D 94 8.78 -28.79 -1.26
C ASN D 94 9.44 -27.41 -1.13
N ASP D 95 9.97 -26.86 -2.23
CA ASP D 95 10.63 -25.54 -2.23
C ASP D 95 9.98 -24.69 -3.31
N VAL D 96 9.05 -23.82 -2.90
CA VAL D 96 8.47 -22.85 -3.80
C VAL D 96 8.54 -21.49 -3.13
N TYR D 97 8.42 -20.46 -3.96
CA TYR D 97 8.38 -19.09 -3.48
C TYR D 97 7.39 -18.98 -2.31
N GLY D 98 7.81 -18.27 -1.26
CA GLY D 98 7.03 -18.23 -0.04
C GLY D 98 5.61 -17.76 -0.24
N GLY D 99 5.38 -16.91 -1.23
CA GLY D 99 4.02 -16.49 -1.53
C GLY D 99 3.16 -17.60 -2.09
N THR D 100 3.72 -18.44 -2.96
CA THR D 100 2.96 -19.60 -3.42
C THR D 100 2.59 -20.49 -2.24
N PHE D 101 3.52 -20.64 -1.31
CA PHE D 101 3.24 -21.29 -0.04
C PHE D 101 2.09 -20.59 0.69
N ARG D 102 2.15 -19.26 0.76
CA ARG D 102 1.14 -18.49 1.47
C ARG D 102 -0.24 -18.59 0.80
N LEU D 103 -0.31 -18.40 -0.52
CA LEU D 103 -1.59 -18.48 -1.20
C LEU D 103 -2.24 -19.83 -0.99
N ILE D 104 -1.43 -20.90 -0.97
CA ILE D 104 -1.95 -22.24 -0.73
C ILE D 104 -2.51 -22.36 0.69
N ASP D 105 -1.67 -22.07 1.69
CA ASP D 105 -2.04 -22.28 3.10
C ASP D 105 -3.16 -21.33 3.54
N ALA D 106 -3.04 -20.06 3.18
CA ALA D 106 -3.93 -19.02 3.69
C ALA D 106 -5.17 -18.81 2.84
N VAL D 107 -5.15 -19.21 1.57
CA VAL D 107 -6.34 -19.02 0.76
C VAL D 107 -6.86 -20.33 0.20
N LEU D 108 -6.01 -21.07 -0.51
CA LEU D 108 -6.53 -22.16 -1.33
C LEU D 108 -7.11 -23.27 -0.49
N LYS D 109 -6.49 -23.57 0.66
CA LYS D 109 -7.03 -24.60 1.53
C LYS D 109 -8.37 -24.21 2.13
N HIS D 110 -8.68 -22.90 2.21
CA HIS D 110 -10.03 -22.47 2.56
C HIS D 110 -11.05 -22.97 1.57
N PHE D 111 -10.65 -23.16 0.31
CA PHE D 111 -11.57 -23.50 -0.76
C PHE D 111 -11.78 -25.01 -0.91
N GLY D 112 -11.40 -25.79 0.08
CA GLY D 112 -11.53 -27.23 0.00
C GLY D 112 -10.44 -27.93 -0.76
N MET D 113 -9.38 -27.22 -1.14
CA MET D 113 -8.26 -27.80 -1.86
C MET D 113 -7.21 -28.30 -0.88
N THR D 114 -6.69 -29.50 -1.13
CA THR D 114 -5.73 -30.17 -0.27
C THR D 114 -4.37 -30.22 -0.97
N PHE D 115 -3.29 -30.18 -0.18
CA PHE D 115 -1.97 -30.14 -0.77
C PHE D 115 -1.02 -31.10 -0.06
N THR D 116 -0.07 -31.59 -0.84
CA THR D 116 1.03 -32.45 -0.37
C THR D 116 2.34 -31.91 -0.94
N ALA D 117 3.28 -31.55 -0.06
CA ALA D 117 4.60 -31.10 -0.47
C ALA D 117 5.56 -32.27 -0.73
N VAL D 118 6.31 -32.16 -1.81
CA VAL D 118 7.08 -33.29 -2.35
C VAL D 118 8.34 -32.74 -3.03
N ASP D 119 9.49 -33.33 -2.73
CA ASP D 119 10.71 -33.03 -3.47
C ASP D 119 10.59 -33.65 -4.85
N THR D 120 10.16 -32.86 -5.82
CA THR D 120 9.87 -33.41 -7.14
C THR D 120 11.12 -33.80 -7.92
N ARG D 121 12.31 -33.71 -7.33
CA ARG D 121 13.48 -34.38 -7.90
C ARG D 121 13.41 -35.89 -7.70
N ASP D 122 12.84 -36.34 -6.58
CA ASP D 122 12.52 -37.74 -6.32
C ASP D 122 11.20 -38.06 -6.99
N LEU D 123 11.25 -38.75 -8.13
CA LEU D 123 10.01 -39.05 -8.85
C LEU D 123 9.16 -40.08 -8.10
N ALA D 124 9.79 -41.01 -7.39
CA ALA D 124 9.02 -41.95 -6.60
C ALA D 124 8.24 -41.25 -5.50
N ALA D 125 8.84 -40.24 -4.86
CA ALA D 125 8.10 -39.41 -3.91
C ALA D 125 6.87 -38.81 -4.57
N VAL D 126 7.04 -38.28 -5.79
CA VAL D 126 5.92 -37.69 -6.53
C VAL D 126 4.90 -38.76 -6.86
N GLU D 127 5.35 -39.84 -7.50
CA GLU D 127 4.47 -40.94 -7.84
C GLU D 127 3.67 -41.40 -6.62
N ALA D 128 4.31 -41.46 -5.46
CA ALA D 128 3.67 -41.96 -4.25
C ALA D 128 2.64 -40.99 -3.69
N ALA D 129 2.68 -39.72 -4.08
CA ALA D 129 1.79 -38.73 -3.52
C ALA D 129 0.44 -38.67 -4.22
N ILE D 130 0.29 -39.40 -5.33
CA ILE D 130 -0.87 -39.27 -6.22
C ILE D 130 -2.04 -40.06 -5.65
N THR D 131 -3.08 -39.35 -5.23
CA THR D 131 -4.30 -39.92 -4.68
C THR D 131 -5.42 -39.87 -5.71
N PRO D 132 -6.52 -40.61 -5.47
CA PRO D 132 -7.62 -40.58 -6.45
C PRO D 132 -8.24 -39.22 -6.67
N THR D 133 -8.14 -38.32 -5.69
CA THR D 133 -8.62 -36.95 -5.86
C THR D 133 -7.52 -35.99 -6.32
N THR D 134 -6.33 -36.49 -6.61
CA THR D 134 -5.28 -35.61 -7.12
C THR D 134 -5.57 -35.20 -8.55
N LYS D 135 -5.36 -33.92 -8.84
CA LYS D 135 -5.73 -33.34 -10.12
C LYS D 135 -4.59 -32.63 -10.83
N ALA D 136 -3.48 -32.34 -10.16
CA ALA D 136 -2.40 -31.59 -10.79
C ALA D 136 -1.11 -31.74 -10.00
N ILE D 137 -0.01 -31.36 -10.64
CA ILE D 137 1.32 -31.29 -10.05
C ILE D 137 1.88 -29.89 -10.32
N TYR D 138 2.16 -29.13 -9.25
CA TYR D 138 2.66 -27.77 -9.37
C TYR D 138 4.06 -27.71 -8.79
N LEU D 139 4.99 -27.12 -9.56
CA LEU D 139 6.37 -27.04 -9.12
C LEU D 139 7.08 -25.90 -9.82
N GLU D 140 8.17 -25.45 -9.22
CA GLU D 140 9.13 -24.56 -9.86
C GLU D 140 10.47 -25.27 -10.06
N THR D 141 11.16 -24.87 -11.11
CA THR D 141 12.53 -25.27 -11.39
C THR D 141 13.16 -24.21 -12.28
N PRO D 142 14.21 -23.53 -11.81
CA PRO D 142 14.76 -23.72 -10.46
C PRO D 142 13.86 -23.17 -9.34
N THR D 143 13.95 -23.76 -8.16
CA THR D 143 13.08 -23.38 -7.05
C THR D 143 13.60 -22.11 -6.39
N ASN D 144 12.67 -21.39 -5.76
CA ASN D 144 12.94 -20.17 -5.02
C ASN D 144 13.09 -20.54 -3.54
N PRO D 145 14.29 -20.40 -2.93
CA PRO D 145 15.55 -19.86 -3.42
C PRO D 145 16.65 -20.91 -3.58
N LEU D 146 16.36 -22.18 -3.33
CA LEU D 146 17.43 -23.16 -3.29
C LEU D 146 17.81 -23.70 -4.67
N LEU D 147 17.03 -23.36 -5.70
CA LEU D 147 17.38 -23.66 -7.09
C LEU D 147 17.49 -25.16 -7.33
N HIS D 148 16.61 -25.94 -6.68
CA HIS D 148 16.52 -27.36 -6.97
C HIS D 148 16.04 -27.56 -8.41
N ILE D 149 16.80 -28.30 -9.20
CA ILE D 149 16.43 -28.56 -10.58
C ILE D 149 15.60 -29.84 -10.65
N THR D 150 14.39 -29.74 -11.18
CA THR D 150 13.45 -30.85 -11.32
C THR D 150 13.43 -31.30 -12.77
N ASP D 151 13.13 -32.58 -12.99
CA ASP D 151 13.09 -33.13 -14.35
C ASP D 151 11.72 -32.86 -14.93
N ILE D 152 11.63 -31.88 -15.81
CA ILE D 152 10.33 -31.42 -16.29
C ILE D 152 9.65 -32.53 -17.09
N ALA D 153 10.33 -33.04 -18.11
CA ALA D 153 9.74 -34.08 -18.95
C ALA D 153 9.38 -35.32 -18.15
N ALA D 154 10.15 -35.63 -17.10
CA ALA D 154 9.76 -36.73 -16.24
C ALA D 154 8.44 -36.44 -15.55
N ILE D 155 8.31 -35.26 -14.94
CA ILE D 155 7.09 -34.94 -14.21
C ILE D 155 5.93 -34.87 -15.17
N ALA D 156 6.15 -34.35 -16.37
CA ALA D 156 5.11 -34.31 -17.38
C ALA D 156 4.59 -35.71 -17.71
N LYS D 157 5.48 -36.67 -17.97
CA LYS D 157 5.05 -38.03 -18.28
C LYS D 157 4.26 -38.64 -17.12
N LEU D 158 4.76 -38.47 -15.89
CA LEU D 158 4.00 -38.87 -14.72
C LEU D 158 2.59 -38.29 -14.75
N ALA D 159 2.48 -37.02 -15.11
CA ALA D 159 1.19 -36.34 -15.09
C ALA D 159 0.23 -36.95 -16.11
N GLN D 160 0.69 -37.15 -17.35
CA GLN D 160 -0.18 -37.69 -18.39
C GLN D 160 -0.61 -39.10 -18.06
N ALA D 161 0.30 -39.88 -17.48
CA ALA D 161 0.02 -41.26 -17.09
C ALA D 161 -1.13 -41.36 -16.10
N HIS D 162 -1.43 -40.28 -15.40
CA HIS D 162 -2.44 -40.32 -14.34
C HIS D 162 -3.53 -39.27 -14.54
N ASP D 163 -3.63 -38.70 -15.75
CA ASP D 163 -4.67 -37.71 -16.09
C ASP D 163 -4.62 -36.53 -15.13
N LEU D 164 -3.39 -36.08 -14.84
CA LEU D 164 -3.05 -34.91 -14.04
C LEU D 164 -2.64 -33.74 -14.93
N LEU D 165 -2.71 -32.54 -14.36
CA LEU D 165 -2.20 -31.34 -15.00
C LEU D 165 -0.81 -31.03 -14.46
N SER D 166 0.08 -30.63 -15.36
CA SER D 166 1.43 -30.21 -14.97
C SER D 166 1.49 -28.70 -15.05
N ILE D 167 1.83 -28.06 -13.93
CA ILE D 167 1.97 -26.62 -13.85
C ILE D 167 3.40 -26.33 -13.40
N ILE D 168 4.20 -25.72 -14.28
CA ILE D 168 5.60 -25.35 -13.99
C ILE D 168 5.70 -23.83 -13.89
N ASP D 169 6.33 -23.34 -12.83
CA ASP D 169 6.57 -21.92 -12.58
C ASP D 169 7.95 -21.58 -13.15
N ASN D 170 7.96 -21.02 -14.38
CA ASN D 170 9.19 -20.87 -15.16
C ASN D 170 9.86 -19.52 -14.95
N THR D 171 9.65 -18.91 -13.78
CA THR D 171 10.07 -17.53 -13.57
C THR D 171 11.59 -17.39 -13.62
N PHE D 172 12.31 -18.30 -12.95
CA PHE D 172 13.75 -18.14 -12.80
C PHE D 172 14.48 -18.47 -14.11
N ALA D 173 14.00 -19.45 -14.86
CA ALA D 173 14.72 -19.76 -16.09
C ALA D 173 14.38 -18.76 -17.19
N SER D 174 13.08 -18.53 -17.45
CA SER D 174 12.50 -17.74 -18.53
C SER D 174 12.60 -18.50 -19.85
N PRO D 175 11.81 -18.18 -20.87
CA PRO D 175 11.82 -19.00 -22.09
C PRO D 175 13.18 -19.05 -22.76
N TYR D 176 14.07 -18.12 -22.44
CA TYR D 176 15.40 -18.18 -23.04
C TYR D 176 16.17 -19.40 -22.53
N VAL D 177 15.87 -19.86 -21.33
CA VAL D 177 16.58 -20.98 -20.72
C VAL D 177 15.76 -22.27 -20.80
N GLN D 178 14.45 -22.21 -20.54
CA GLN D 178 13.55 -23.36 -20.48
C GLN D 178 12.24 -23.04 -21.18
N LYS D 179 11.69 -23.99 -21.92
CA LYS D 179 10.36 -23.88 -22.51
C LYS D 179 9.58 -25.12 -22.13
N PRO D 180 9.12 -25.19 -20.88
CA PRO D 180 8.48 -26.42 -20.37
C PRO D 180 7.35 -26.99 -21.20
N LEU D 181 6.64 -26.18 -22.01
CA LEU D 181 5.58 -26.74 -22.85
C LEU D 181 6.12 -27.71 -23.88
N ASP D 182 7.41 -27.62 -24.18
CA ASP D 182 8.12 -28.47 -25.11
C ASP D 182 8.54 -29.79 -24.49
N LEU D 183 8.27 -30.00 -23.20
CA LEU D 183 8.61 -31.23 -22.49
C LEU D 183 7.37 -31.98 -22.00
N GLY D 184 6.17 -31.51 -22.37
CA GLY D 184 4.95 -32.22 -22.10
C GLY D 184 4.02 -31.56 -21.11
N VAL D 185 4.33 -30.36 -20.67
CA VAL D 185 3.56 -29.67 -19.64
C VAL D 185 2.32 -29.03 -20.28
N ASP D 186 1.28 -28.85 -19.46
CA ASP D 186 0.03 -28.25 -19.91
C ASP D 186 -0.03 -26.74 -19.71
N ILE D 187 0.50 -26.26 -18.59
CA ILE D 187 0.41 -24.85 -18.21
C ILE D 187 1.80 -24.38 -17.82
N VAL D 188 2.21 -23.23 -18.36
CA VAL D 188 3.44 -22.53 -17.95
C VAL D 188 3.07 -21.14 -17.45
N LEU D 189 3.68 -20.73 -16.33
CA LEU D 189 3.33 -19.45 -15.72
C LEU D 189 4.60 -18.75 -15.25
N HIS D 190 4.55 -17.42 -15.25
CA HIS D 190 5.69 -16.57 -15.02
C HIS D 190 5.34 -15.45 -14.04
N SER D 191 6.28 -15.10 -13.17
CA SER D 191 6.29 -13.78 -12.56
C SER D 191 7.09 -12.89 -13.50
N ALA D 192 6.38 -12.18 -14.36
CA ALA D 192 7.01 -11.31 -15.34
C ALA D 192 7.66 -10.08 -14.70
N SER D 193 7.52 -9.93 -13.37
CA SER D 193 8.26 -8.93 -12.64
C SER D 193 9.75 -9.21 -12.69
N ALA D 194 10.11 -10.47 -12.86
CA ALA D 194 11.51 -10.87 -12.90
C ALA D 194 12.12 -10.57 -14.25
N TYR D 195 12.45 -11.62 -15.00
CA TYR D 195 13.35 -11.43 -16.12
C TYR D 195 12.63 -10.94 -17.37
N LEU D 196 11.32 -11.14 -17.48
CA LEU D 196 10.66 -10.82 -18.74
C LEU D 196 10.45 -9.34 -18.90
N GLY D 197 10.08 -8.66 -17.80
CA GLY D 197 10.16 -7.21 -17.79
C GLY D 197 11.61 -6.73 -17.67
N GLY D 198 12.39 -7.42 -16.82
CA GLY D 198 13.84 -7.25 -16.71
C GLY D 198 14.40 -5.92 -16.23
N HIS D 199 13.56 -4.90 -16.12
CA HIS D 199 14.03 -3.57 -15.82
C HIS D 199 13.65 -3.10 -14.43
N SER D 200 13.08 -3.96 -13.60
CA SER D 200 12.79 -3.60 -12.23
C SER D 200 11.74 -2.51 -12.15
N ASP D 201 10.84 -2.45 -13.14
CA ASP D 201 9.78 -1.45 -13.09
C ASP D 201 8.44 -1.97 -13.60
N VAL D 202 8.16 -3.26 -13.41
CA VAL D 202 6.88 -3.84 -13.83
C VAL D 202 6.59 -5.01 -12.90
N ILE D 203 5.39 -5.02 -12.34
CA ILE D 203 4.82 -6.18 -11.69
C ILE D 203 3.81 -6.79 -12.65
N GLY D 204 3.89 -8.09 -12.85
CA GLY D 204 2.95 -8.73 -13.74
C GLY D 204 3.20 -10.22 -13.77
N GLY D 205 2.17 -10.95 -14.21
CA GLY D 205 2.28 -12.37 -14.40
C GLY D 205 1.85 -12.77 -15.79
N LEU D 206 2.31 -13.95 -16.21
CA LEU D 206 1.98 -14.49 -17.52
C LEU D 206 1.65 -15.96 -17.35
N VAL D 207 0.64 -16.41 -18.08
CA VAL D 207 0.33 -17.82 -18.21
C VAL D 207 0.29 -18.15 -19.69
N VAL D 208 0.87 -19.29 -20.06
CA VAL D 208 0.81 -19.79 -21.43
C VAL D 208 0.41 -21.25 -21.37
N THR D 209 -0.59 -21.59 -22.16
CA THR D 209 -1.19 -22.89 -22.18
C THR D 209 -0.84 -23.51 -23.53
N LYS D 210 -0.73 -24.83 -23.58
CA LYS D 210 -0.36 -25.44 -24.86
C LYS D 210 -1.57 -25.93 -25.63
N THR D 211 -2.45 -26.70 -25.00
CA THR D 211 -3.68 -27.09 -25.66
C THR D 211 -4.57 -25.86 -25.88
N PRO D 212 -5.46 -25.92 -26.87
CA PRO D 212 -6.38 -24.80 -27.07
C PRO D 212 -7.57 -24.84 -26.14
N ALA D 213 -7.96 -26.02 -25.64
CA ALA D 213 -9.12 -26.14 -24.77
C ALA D 213 -8.84 -25.69 -23.35
N LEU D 214 -7.58 -25.69 -22.94
CA LEU D 214 -7.16 -25.15 -21.65
C LEU D 214 -6.89 -23.65 -21.72
N GLY D 215 -6.49 -23.16 -22.89
CA GLY D 215 -6.53 -21.73 -23.14
C GLY D 215 -7.92 -21.15 -22.96
N GLU D 216 -8.96 -21.88 -23.42
CA GLU D 216 -10.33 -21.44 -23.18
C GLU D 216 -10.61 -21.31 -21.69
N LYS D 217 -10.16 -22.28 -20.89
CA LYS D 217 -10.45 -22.30 -19.45
C LYS D 217 -9.72 -21.17 -18.72
N ILE D 218 -8.43 -21.02 -19.00
CA ILE D 218 -7.63 -19.97 -18.36
C ILE D 218 -8.13 -18.60 -18.77
N GLY D 219 -8.56 -18.47 -20.03
CA GLY D 219 -9.12 -17.20 -20.47
C GLY D 219 -10.42 -16.86 -19.77
N TYR D 220 -11.34 -17.83 -19.70
CA TYR D 220 -12.62 -17.60 -19.04
C TYR D 220 -12.41 -17.12 -17.61
N LEU D 221 -11.40 -17.67 -16.93
CA LEU D 221 -11.08 -17.27 -15.58
C LEU D 221 -10.40 -15.92 -15.53
N GLN D 222 -9.46 -15.66 -16.46
CA GLN D 222 -8.81 -14.35 -16.52
C GLN D 222 -9.85 -13.24 -16.57
N ASN D 223 -10.87 -13.41 -17.40
CA ASN D 223 -11.89 -12.39 -17.57
C ASN D 223 -12.91 -12.39 -16.43
N ALA D 224 -13.28 -13.57 -15.92
CA ALA D 224 -14.30 -13.64 -14.87
C ALA D 224 -13.75 -13.15 -13.53
N ILE D 225 -12.48 -13.42 -13.25
CA ILE D 225 -11.83 -12.93 -12.05
C ILE D 225 -11.22 -11.55 -12.24
N GLY D 226 -10.73 -11.24 -13.44
CA GLY D 226 -10.33 -9.89 -13.77
C GLY D 226 -8.96 -9.44 -13.29
N SER D 227 -8.16 -10.31 -12.68
CA SER D 227 -6.86 -9.88 -12.21
C SER D 227 -5.89 -9.68 -13.39
N ILE D 228 -6.27 -8.79 -14.33
CA ILE D 228 -5.55 -8.62 -15.60
C ILE D 228 -4.41 -7.61 -15.45
N LEU D 229 -3.46 -7.70 -16.37
CA LEU D 229 -2.39 -6.72 -16.51
C LEU D 229 -2.85 -5.52 -17.32
N ALA D 230 -2.62 -4.32 -16.80
CA ALA D 230 -3.17 -3.11 -17.37
C ALA D 230 -2.38 -2.68 -18.61
N PRO D 231 -2.97 -1.79 -19.43
CA PRO D 231 -2.34 -1.44 -20.72
C PRO D 231 -0.94 -0.88 -20.65
N GLN D 232 -0.68 0.11 -19.78
CA GLN D 232 0.67 0.67 -19.71
C GLN D 232 1.68 -0.40 -19.34
N GLU D 233 1.33 -1.26 -18.39
CA GLU D 233 2.31 -2.22 -17.91
C GLU D 233 2.37 -3.45 -18.79
N SER D 234 1.29 -3.75 -19.51
CA SER D 234 1.42 -4.70 -20.60
C SER D 234 2.42 -4.18 -21.62
N TRP D 235 2.30 -2.88 -21.95
CA TRP D 235 3.21 -2.30 -22.94
C TRP D 235 4.65 -2.30 -22.43
N LEU D 236 4.86 -2.06 -21.14
CA LEU D 236 6.23 -2.07 -20.64
C LEU D 236 6.82 -3.47 -20.64
N LEU D 237 6.06 -4.47 -20.16
CA LEU D 237 6.51 -5.85 -20.27
C LEU D 237 7.01 -6.16 -21.67
N GLN D 238 6.14 -5.97 -22.65
CA GLN D 238 6.55 -6.30 -24.01
C GLN D 238 7.76 -5.49 -24.42
N ARG D 239 7.89 -4.25 -23.93
CA ARG D 239 9.09 -3.47 -24.23
C ARG D 239 10.32 -4.11 -23.60
N GLY D 240 10.23 -4.50 -22.32
CA GLY D 240 11.34 -5.16 -21.66
C GLY D 240 11.63 -6.54 -22.20
N MET D 241 10.64 -7.20 -22.77
CA MET D 241 10.82 -8.52 -23.32
C MET D 241 11.70 -8.51 -24.56
N LYS D 242 11.67 -7.42 -25.32
CA LYS D 242 12.44 -7.38 -26.57
C LYS D 242 13.94 -7.55 -26.33
N THR D 243 14.45 -7.20 -25.15
CA THR D 243 15.87 -7.33 -24.84
C THR D 243 16.19 -8.58 -24.03
N LEU D 244 15.22 -9.47 -23.84
CA LEU D 244 15.41 -10.62 -22.96
C LEU D 244 16.66 -11.40 -23.34
N ALA D 245 16.86 -11.66 -24.63
CA ALA D 245 18.02 -12.45 -25.03
C ALA D 245 19.31 -11.74 -24.66
N LEU D 246 19.46 -10.48 -25.08
CA LEU D 246 20.67 -9.71 -24.75
C LEU D 246 20.90 -9.66 -23.25
N ARG D 247 19.84 -9.37 -22.48
CA ARG D 247 19.98 -9.27 -21.02
C ARG D 247 20.30 -10.62 -20.42
N MET D 248 19.65 -11.69 -20.91
CA MET D 248 19.82 -12.98 -20.26
C MET D 248 21.22 -13.54 -20.47
N GLN D 249 21.83 -13.33 -21.63
CA GLN D 249 23.22 -13.75 -21.79
C GLN D 249 24.09 -13.05 -20.77
N ALA D 250 23.92 -11.74 -20.63
CA ALA D 250 24.74 -10.99 -19.71
C ALA D 250 24.59 -11.51 -18.29
N HIS D 251 23.34 -11.82 -17.89
CA HIS D 251 23.05 -12.42 -16.59
C HIS D 251 23.79 -13.75 -16.43
N LEU D 252 23.58 -14.67 -17.38
CA LEU D 252 24.14 -16.02 -17.28
C LEU D 252 25.65 -15.98 -17.16
N ASN D 253 26.28 -15.14 -17.99
CA ASN D 253 27.73 -15.03 -18.03
C ASN D 253 28.26 -14.49 -16.71
N ASN D 254 27.69 -13.38 -16.26
CA ASN D 254 28.04 -12.83 -14.96
C ASN D 254 27.91 -13.88 -13.87
N ALA D 255 26.87 -14.71 -13.93
CA ALA D 255 26.62 -15.68 -12.86
C ALA D 255 27.65 -16.79 -12.88
N ALA D 256 28.03 -17.26 -14.07
CA ALA D 256 29.18 -18.15 -14.15
C ALA D 256 30.37 -17.55 -13.40
N LYS D 257 30.64 -16.25 -13.63
CA LYS D 257 31.80 -15.61 -13.02
C LYS D 257 31.61 -15.49 -11.51
N ILE D 258 30.39 -15.23 -11.04
CA ILE D 258 30.15 -15.08 -9.61
C ILE D 258 30.27 -16.42 -8.90
N PHE D 259 29.85 -17.50 -9.54
CA PHE D 259 29.95 -18.82 -8.91
C PHE D 259 31.40 -19.25 -8.73
N THR D 260 32.19 -19.28 -9.83
CA THR D 260 33.61 -19.59 -9.70
C THR D 260 34.26 -18.72 -8.63
N TYR D 261 33.84 -17.45 -8.54
CA TYR D 261 34.39 -16.52 -7.55
C TYR D 261 33.97 -16.89 -6.13
N LEU D 262 32.70 -17.23 -5.93
CA LEU D 262 32.25 -17.58 -4.59
C LEU D 262 32.81 -18.91 -4.13
N LYS D 263 33.01 -19.84 -5.08
CA LYS D 263 33.55 -21.15 -4.76
C LYS D 263 34.97 -21.05 -4.22
N SER D 264 35.76 -20.14 -4.78
CA SER D 264 37.11 -19.82 -4.32
C SER D 264 37.14 -19.00 -3.02
N HIS D 265 36.03 -18.84 -2.33
CA HIS D 265 36.01 -18.17 -1.04
C HIS D 265 35.76 -19.18 0.06
N PRO D 266 36.66 -19.28 1.05
CA PRO D 266 36.44 -20.21 2.15
C PRO D 266 35.41 -19.69 3.13
N ALA D 267 35.18 -18.38 3.14
CA ALA D 267 34.07 -17.80 3.90
C ALA D 267 32.72 -18.37 3.47
N VAL D 268 32.63 -18.86 2.23
CA VAL D 268 31.39 -19.38 1.66
C VAL D 268 31.36 -20.89 1.88
N THR D 269 30.46 -21.34 2.74
CA THR D 269 30.42 -22.72 3.21
C THR D 269 29.57 -23.65 2.35
N LYS D 270 28.50 -23.14 1.71
CA LYS D 270 27.65 -23.90 0.78
C LYS D 270 27.16 -22.97 -0.31
N ILE D 271 26.94 -23.53 -1.50
CA ILE D 271 26.48 -22.74 -2.65
C ILE D 271 25.38 -23.50 -3.39
N TYR D 272 24.37 -22.76 -3.82
CA TYR D 272 23.28 -23.31 -4.60
C TYR D 272 23.35 -22.66 -5.99
N TYR D 273 23.70 -23.46 -6.99
CA TYR D 273 23.84 -23.05 -8.37
C TYR D 273 23.61 -24.26 -9.26
N PRO D 274 22.65 -24.20 -10.18
CA PRO D 274 22.40 -25.37 -11.04
C PRO D 274 23.59 -25.77 -11.88
N GLY D 275 24.61 -24.93 -11.98
CA GLY D 275 25.82 -25.27 -12.70
C GLY D 275 26.96 -25.74 -11.83
N ASP D 276 26.75 -25.80 -10.52
CA ASP D 276 27.67 -26.47 -9.62
C ASP D 276 27.82 -27.91 -10.07
N PRO D 277 29.01 -28.38 -10.42
CA PRO D 277 29.15 -29.73 -10.97
C PRO D 277 29.13 -30.86 -9.94
N ASP D 278 29.44 -30.60 -8.67
CA ASP D 278 29.21 -31.60 -7.63
C ASP D 278 27.75 -31.64 -7.19
N ASN D 279 26.96 -30.63 -7.53
CA ASN D 279 25.52 -30.62 -7.33
C ASN D 279 24.88 -31.76 -8.13
N PRO D 280 24.15 -32.67 -7.49
CA PRO D 280 23.56 -33.80 -8.24
C PRO D 280 22.55 -33.36 -9.27
N ASP D 281 21.99 -32.17 -9.14
CA ASP D 281 21.08 -31.67 -10.16
C ASP D 281 21.80 -31.30 -11.45
N PHE D 282 23.13 -31.38 -11.47
CA PHE D 282 23.90 -30.76 -12.55
C PHE D 282 23.53 -31.32 -13.91
N SER D 283 23.21 -32.60 -13.99
CA SER D 283 23.07 -33.16 -15.33
C SER D 283 21.68 -32.92 -15.90
N ILE D 284 20.62 -33.04 -15.07
CA ILE D 284 19.28 -32.71 -15.54
C ILE D 284 19.20 -31.24 -15.89
N ALA D 285 20.05 -30.43 -15.26
CA ALA D 285 20.11 -29.01 -15.60
C ALA D 285 20.67 -28.82 -17.00
N LYS D 286 21.82 -29.42 -17.29
CA LYS D 286 22.40 -29.34 -18.63
C LYS D 286 21.42 -29.79 -19.69
N GLN D 287 20.64 -30.83 -19.37
CA GLN D 287 19.82 -31.50 -20.36
C GLN D 287 18.61 -30.65 -20.75
N GLN D 288 18.04 -29.92 -19.79
CA GLN D 288 16.80 -29.19 -20.03
C GLN D 288 16.94 -27.68 -19.90
N MET D 289 18.16 -27.16 -19.72
CA MET D 289 18.34 -25.74 -19.48
C MET D 289 19.43 -25.19 -20.38
N ASN D 290 19.10 -24.13 -21.13
CA ASN D 290 20.04 -23.45 -22.02
C ASN D 290 20.66 -22.33 -21.20
N GLY D 291 21.77 -22.66 -20.54
CA GLY D 291 22.29 -21.87 -19.45
C GLY D 291 21.87 -22.44 -18.11
N PHE D 292 22.52 -21.98 -17.05
CA PHE D 292 22.23 -22.50 -15.71
C PHE D 292 21.46 -21.50 -14.83
N GLY D 293 20.86 -20.47 -15.43
CA GLY D 293 20.25 -19.40 -14.69
C GLY D 293 21.28 -18.40 -14.17
N ALA D 294 20.76 -17.33 -13.57
CA ALA D 294 21.60 -16.26 -13.03
C ALA D 294 21.22 -15.97 -11.58
N MET D 295 20.77 -17.00 -10.88
CA MET D 295 20.51 -16.98 -9.45
C MET D 295 21.51 -17.89 -8.77
N ILE D 296 22.15 -17.38 -7.73
CA ILE D 296 23.04 -18.14 -6.87
C ILE D 296 22.61 -17.88 -5.44
N SER D 297 22.41 -18.93 -4.67
CA SER D 297 22.24 -18.80 -3.24
C SER D 297 23.44 -19.44 -2.55
N PHE D 298 23.83 -18.86 -1.41
CA PHE D 298 25.02 -19.32 -0.73
C PHE D 298 24.94 -19.02 0.76
N GLU D 299 25.71 -19.77 1.54
CA GLU D 299 25.79 -19.63 2.99
C GLU D 299 27.20 -19.24 3.37
N LEU D 300 27.32 -18.41 4.39
CA LEU D 300 28.62 -18.03 4.96
C LEU D 300 28.93 -18.90 6.16
N GLN D 301 30.16 -18.79 6.67
CA GLN D 301 30.55 -19.64 7.79
C GLN D 301 29.76 -19.27 9.03
N PRO D 302 29.39 -20.24 9.87
CA PRO D 302 28.26 -20.03 10.79
C PRO D 302 28.44 -18.85 11.73
N GLY D 303 29.66 -18.51 12.07
CA GLY D 303 29.84 -17.30 12.84
C GLY D 303 29.73 -16.00 12.07
N MET D 304 29.52 -16.04 10.75
CA MET D 304 29.57 -14.85 9.91
C MET D 304 28.16 -14.32 9.65
N ASN D 305 28.00 -13.00 9.80
CA ASN D 305 26.71 -12.34 9.80
C ASN D 305 26.30 -11.95 8.37
N PRO D 306 25.23 -12.53 7.83
CA PRO D 306 24.86 -12.22 6.44
C PRO D 306 24.26 -10.85 6.26
N GLN D 307 23.74 -10.26 7.33
CA GLN D 307 23.20 -8.93 7.21
C GLN D 307 24.32 -7.90 7.17
N THR D 308 25.36 -8.12 7.95
CA THR D 308 26.55 -7.31 7.81
C THR D 308 27.08 -7.38 6.39
N PHE D 309 27.19 -8.61 5.86
CA PHE D 309 27.70 -8.81 4.50
C PHE D 309 26.85 -8.05 3.50
N VAL D 310 25.55 -8.09 3.67
CA VAL D 310 24.64 -7.55 2.67
C VAL D 310 24.52 -6.03 2.79
N GLU D 311 24.42 -5.52 4.00
CA GLU D 311 24.33 -4.10 4.25
C GLU D 311 25.63 -3.36 3.96
N HIS D 312 26.67 -4.06 3.52
CA HIS D 312 27.93 -3.43 3.18
C HIS D 312 28.26 -3.59 1.68
N LEU D 313 27.37 -4.17 0.90
CA LEU D 313 27.47 -4.10 -0.55
C LEU D 313 26.92 -2.76 -1.01
N GLN D 314 27.42 -2.27 -2.16
CA GLN D 314 27.13 -0.90 -2.58
C GLN D 314 26.84 -0.73 -4.07
N VAL D 315 27.32 -1.65 -4.90
CA VAL D 315 26.82 -1.80 -6.25
C VAL D 315 25.64 -2.77 -6.27
N ILE D 316 25.80 -3.93 -5.63
CA ILE D 316 24.68 -4.81 -5.38
C ILE D 316 23.73 -4.15 -4.40
N THR D 317 22.44 -4.46 -4.53
CA THR D 317 21.37 -3.69 -3.92
C THR D 317 20.45 -4.57 -3.10
N LEU D 318 20.30 -4.22 -1.82
CA LEU D 318 19.55 -5.01 -0.87
C LEU D 318 18.06 -4.74 -1.05
N ALA D 319 17.34 -5.70 -1.62
CA ALA D 319 15.92 -5.56 -1.90
C ALA D 319 15.36 -6.93 -2.25
N GLU D 320 14.03 -7.01 -2.23
CA GLU D 320 13.36 -8.18 -2.76
C GLU D 320 13.29 -8.09 -4.28
N SER D 321 12.70 -9.10 -4.91
CA SER D 321 12.59 -9.24 -6.36
C SER D 321 13.92 -9.73 -6.92
N LEU D 322 13.95 -9.91 -8.24
CA LEU D 322 14.99 -10.66 -8.93
C LEU D 322 14.73 -10.51 -10.43
N GLY D 323 15.69 -10.95 -11.22
CA GLY D 323 15.54 -10.83 -12.66
C GLY D 323 15.77 -9.44 -13.21
N ALA D 324 16.30 -8.52 -12.40
CA ALA D 324 16.47 -7.13 -12.75
C ALA D 324 17.86 -6.90 -13.33
N LEU D 325 17.98 -5.84 -14.15
CA LEU D 325 19.29 -5.47 -14.70
C LEU D 325 20.29 -5.25 -13.58
N GLU D 326 19.86 -4.55 -12.53
CA GLU D 326 20.62 -4.42 -11.28
C GLU D 326 20.69 -5.73 -10.51
N SER D 327 21.86 -6.04 -9.97
CA SER D 327 22.01 -7.24 -9.16
C SER D 327 21.39 -6.97 -7.80
N LEU D 328 20.27 -7.62 -7.53
CA LEU D 328 19.63 -7.57 -6.23
C LEU D 328 20.16 -8.69 -5.36
N ILE D 329 20.13 -8.50 -4.03
CA ILE D 329 20.54 -9.51 -3.05
C ILE D 329 19.57 -9.45 -1.87
N GLU D 330 19.45 -10.57 -1.16
CA GLU D 330 18.39 -10.73 -0.17
C GLU D 330 18.66 -11.94 0.72
N ILE D 331 18.13 -11.89 1.94
CA ILE D 331 18.18 -12.98 2.93
C ILE D 331 16.79 -13.61 3.02
N PRO D 332 16.54 -14.76 2.37
CA PRO D 332 15.14 -15.22 2.24
C PRO D 332 14.42 -15.45 3.55
N ALA D 333 15.11 -15.84 4.63
CA ALA D 333 14.41 -16.01 5.91
C ALA D 333 13.86 -14.69 6.43
N LEU D 334 14.61 -13.60 6.26
CA LEU D 334 14.20 -12.28 6.71
C LEU D 334 13.42 -11.50 5.65
N MET D 335 13.12 -12.11 4.51
CA MET D 335 12.50 -11.35 3.44
C MET D 335 11.49 -12.20 2.66
N THR D 336 11.86 -12.72 1.47
CA THR D 336 10.88 -13.29 0.55
C THR D 336 10.21 -14.56 1.07
N HIS D 337 10.77 -15.20 2.09
CA HIS D 337 10.24 -16.45 2.62
C HIS D 337 9.88 -16.34 4.09
N GLY D 338 9.77 -15.11 4.61
CA GLY D 338 9.22 -14.92 5.94
C GLY D 338 7.79 -15.41 6.07
N ALA D 339 7.10 -15.57 4.94
CA ALA D 339 5.74 -16.11 4.93
C ALA D 339 5.68 -17.60 5.23
N ILE D 340 6.81 -18.27 5.32
CA ILE D 340 6.88 -19.68 5.69
C ILE D 340 7.36 -19.76 7.13
N PRO D 341 6.70 -20.53 8.00
CA PRO D 341 7.13 -20.60 9.40
C PRO D 341 8.55 -21.14 9.52
N ARG D 342 9.31 -20.54 10.44
CA ARG D 342 10.74 -20.85 10.53
C ARG D 342 11.00 -22.36 10.60
N THR D 343 10.14 -23.12 11.29
CA THR D 343 10.37 -24.54 11.44
C THR D 343 10.22 -25.28 10.12
N ILE D 344 9.26 -24.85 9.29
CA ILE D 344 9.08 -25.46 7.98
C ILE D 344 10.22 -25.03 7.06
N ARG D 345 10.75 -23.82 7.27
CA ARG D 345 11.86 -23.33 6.47
C ARG D 345 13.11 -24.16 6.69
N LEU D 346 13.54 -24.27 7.94
CA LEU D 346 14.72 -25.09 8.24
C LEU D 346 14.49 -26.54 7.85
N GLN D 347 13.24 -27.01 7.90
CA GLN D 347 12.96 -28.39 7.55
C GLN D 347 13.11 -28.64 6.05
N ASN D 348 12.89 -27.61 5.23
CA ASN D 348 12.89 -27.76 3.77
C ASN D 348 14.17 -27.25 3.11
N GLY D 349 15.10 -26.67 3.88
CA GLY D 349 16.43 -26.38 3.38
C GLY D 349 16.89 -24.94 3.52
N ILE D 350 16.10 -24.11 4.20
CA ILE D 350 16.34 -22.68 4.19
C ILE D 350 16.78 -22.22 5.57
N LYS D 351 18.10 -22.26 5.80
CA LYS D 351 18.66 -21.78 7.05
C LYS D 351 18.48 -20.26 7.17
N ASP D 352 18.54 -19.77 8.41
CA ASP D 352 18.40 -18.34 8.63
C ASP D 352 19.56 -17.52 8.07
N GLU D 353 20.69 -18.16 7.71
CA GLU D 353 21.86 -17.47 7.20
C GLU D 353 21.99 -17.54 5.69
N LEU D 354 20.96 -18.03 4.99
CA LEU D 354 21.04 -18.16 3.55
C LEU D 354 20.98 -16.79 2.89
N ILE D 355 21.80 -16.60 1.86
CA ILE D 355 21.81 -15.40 1.03
C ILE D 355 21.42 -15.77 -0.39
N ARG D 356 20.56 -14.97 -1.02
CA ARG D 356 20.17 -15.20 -2.39
C ARG D 356 20.54 -14.00 -3.26
N LEU D 357 21.33 -14.26 -4.29
CA LEU D 357 21.91 -13.23 -5.13
C LEU D 357 21.35 -13.42 -6.53
N SER D 358 20.53 -12.47 -6.94
CA SER D 358 20.13 -12.33 -8.34
C SER D 358 21.30 -11.67 -9.05
N VAL D 359 22.13 -12.46 -9.72
CA VAL D 359 23.18 -11.90 -10.55
C VAL D 359 22.55 -11.02 -11.61
N GLY D 360 23.08 -9.81 -11.77
CA GLY D 360 22.63 -8.86 -12.77
C GLY D 360 23.52 -8.65 -13.97
N VAL D 361 23.41 -7.46 -14.56
CA VAL D 361 23.98 -7.18 -15.87
C VAL D 361 25.18 -6.24 -15.79
N GLU D 362 25.43 -5.63 -14.64
CA GLU D 362 26.55 -4.71 -14.50
C GLU D 362 27.86 -5.45 -14.80
N ALA D 363 28.91 -4.67 -15.06
CA ALA D 363 30.19 -5.25 -15.45
C ALA D 363 30.70 -6.21 -14.38
N SER D 364 31.11 -7.41 -14.80
CA SER D 364 31.52 -8.44 -13.84
C SER D 364 32.62 -7.96 -12.89
N ASP D 365 33.59 -7.20 -13.39
CA ASP D 365 34.67 -6.71 -12.53
C ASP D 365 34.12 -5.90 -11.35
N ASP D 366 33.17 -5.00 -11.62
CA ASP D 366 32.60 -4.17 -10.56
C ASP D 366 31.81 -4.97 -9.54
N LEU D 367 31.28 -6.13 -9.94
CA LEU D 367 30.50 -6.97 -9.04
C LEU D 367 31.40 -7.73 -8.08
N LEU D 368 32.45 -8.36 -8.60
CA LEU D 368 33.38 -9.08 -7.74
C LEU D 368 34.03 -8.14 -6.74
N ALA D 369 34.48 -6.98 -7.22
CA ALA D 369 35.01 -5.94 -6.33
C ALA D 369 34.01 -5.58 -5.25
N ASP D 370 32.72 -5.58 -5.59
CA ASP D 370 31.70 -5.20 -4.62
C ASP D 370 31.49 -6.32 -3.60
N LEU D 371 31.31 -7.55 -4.09
CA LEU D 371 31.18 -8.70 -3.18
C LEU D 371 32.38 -8.79 -2.25
N GLU D 372 33.55 -8.37 -2.70
CA GLU D 372 34.71 -8.33 -1.82
C GLU D 372 34.47 -7.35 -0.68
N ARG D 373 33.85 -6.20 -0.97
CA ARG D 373 33.51 -5.22 0.07
C ARG D 373 32.67 -5.87 1.17
N GLY D 374 31.80 -6.79 0.80
CA GLY D 374 30.98 -7.47 1.79
C GLY D 374 31.69 -8.58 2.52
N PHE D 375 32.61 -9.28 1.85
CA PHE D 375 33.40 -10.26 2.57
C PHE D 375 34.35 -9.57 3.53
N ALA D 376 34.89 -8.43 3.10
CA ALA D 376 35.81 -7.69 3.94
C ALA D 376 35.18 -7.25 5.24
N SER D 377 33.87 -7.03 5.23
CA SER D 377 33.18 -6.50 6.39
C SER D 377 32.86 -7.54 7.45
N ILE D 378 33.14 -8.82 7.19
CA ILE D 378 32.86 -9.91 8.13
C ILE D 378 34.10 -10.71 8.47
N GLN D 379 35.23 -10.31 7.85
CA GLN D 379 36.67 -10.58 7.97
C GLN D 379 37.13 -11.81 7.18
N ALA D 380 36.96 -11.77 5.86
CA ALA D 380 37.40 -12.90 5.02
C ALA D 380 37.59 -12.62 3.52
N MET E 1 8.59 17.63 26.70
CA MET E 1 7.95 17.00 27.84
C MET E 1 8.78 15.84 28.24
N LYS E 2 9.63 16.07 29.23
CA LYS E 2 10.73 15.31 29.84
C LYS E 2 10.18 14.19 30.74
N PHE E 3 11.05 13.27 31.12
CA PHE E 3 10.58 12.04 31.80
C PHE E 3 9.94 12.34 33.15
N GLU E 4 10.53 13.25 33.94
CA GLU E 4 9.94 13.57 35.23
C GLU E 4 8.52 14.10 35.07
N THR E 5 8.26 14.84 33.97
CA THR E 5 6.95 15.44 33.74
C THR E 5 5.96 14.40 33.26
N GLN E 6 6.43 13.34 32.60
CA GLN E 6 5.55 12.28 32.13
C GLN E 6 4.97 11.47 33.29
N LEU E 7 5.72 11.32 34.38
CA LEU E 7 5.21 10.62 35.57
C LEU E 7 4.02 11.34 36.15
N ILE E 8 4.06 12.68 36.18
CA ILE E 8 3.01 13.47 36.81
C ILE E 8 1.80 13.56 35.89
N HIS E 9 2.01 13.64 34.58
CA HIS E 9 0.97 14.05 33.64
C HIS E 9 0.72 13.06 32.52
N GLY E 10 1.61 12.10 32.29
CA GLY E 10 1.49 11.15 31.19
C GLY E 10 0.45 10.07 31.44
N GLY E 11 0.42 9.10 30.54
CA GLY E 11 -0.69 8.17 30.51
C GLY E 11 -2.00 8.91 30.42
N ILE E 12 -3.02 8.39 31.10
CA ILE E 12 -4.18 9.18 31.48
C ILE E 12 -4.00 9.52 32.94
N SER E 13 -3.95 10.81 33.26
CA SER E 13 -3.64 11.22 34.62
C SER E 13 -4.71 12.12 35.23
N GLU E 14 -5.85 12.29 34.56
CA GLU E 14 -6.95 13.07 35.08
C GLU E 14 -8.26 12.53 34.49
N ASP E 15 -9.34 13.29 34.70
CA ASP E 15 -10.68 12.86 34.31
C ASP E 15 -11.26 13.90 33.36
N ALA E 16 -11.51 13.50 32.12
CA ALA E 16 -11.87 14.46 31.09
C ALA E 16 -13.10 15.28 31.50
N THR E 17 -14.15 14.62 32.02
CA THR E 17 -15.41 15.33 32.23
C THR E 17 -15.37 16.29 33.42
N THR E 18 -14.75 15.90 34.54
CA THR E 18 -14.82 16.70 35.75
C THR E 18 -13.64 17.63 35.94
N GLY E 19 -12.47 17.26 35.40
CA GLY E 19 -11.22 17.92 35.68
C GLY E 19 -10.44 17.30 36.81
N ALA E 20 -11.00 16.27 37.45
CA ALA E 20 -10.39 15.64 38.60
C ALA E 20 -8.93 15.39 38.35
N THR E 21 -8.09 15.81 39.31
CA THR E 21 -6.63 15.69 39.17
C THR E 21 -6.16 14.32 39.61
N SER E 22 -7.00 13.31 39.39
CA SER E 22 -6.77 11.95 39.82
C SER E 22 -7.81 11.05 39.18
N VAL E 23 -7.36 10.13 38.34
CA VAL E 23 -8.22 9.12 37.73
C VAL E 23 -9.13 8.49 38.78
N PRO E 24 -10.44 8.60 38.63
CA PRO E 24 -11.35 8.02 39.63
C PRO E 24 -11.21 6.52 39.70
N ILE E 25 -11.59 5.97 40.83
CA ILE E 25 -11.48 4.52 41.05
C ILE E 25 -12.83 3.96 40.64
N TYR E 26 -12.83 3.27 39.50
CA TYR E 26 -14.07 2.79 38.88
C TYR E 26 -14.23 1.38 39.41
N MET E 27 -14.94 1.27 40.54
CA MET E 27 -15.17 -0.02 41.13
C MET E 27 -16.23 -0.82 40.38
N ALA E 28 -17.04 -0.19 39.52
CA ALA E 28 -18.11 -0.90 38.83
C ALA E 28 -17.59 -2.14 38.12
N SER E 29 -18.34 -3.23 38.23
CA SER E 29 -17.98 -4.44 37.52
C SER E 29 -18.43 -4.37 36.08
N THR E 30 -19.55 -3.70 35.84
CA THR E 30 -20.12 -3.65 34.49
C THR E 30 -20.59 -2.23 34.24
N PHE E 31 -20.88 -1.96 32.97
CA PHE E 31 -21.23 -0.65 32.45
C PHE E 31 -22.51 -0.78 31.63
N ARG E 32 -23.49 0.10 31.88
CA ARG E 32 -24.70 0.12 31.08
C ARG E 32 -24.39 0.52 29.63
N GLN E 33 -25.22 0.05 28.72
CA GLN E 33 -25.06 0.35 27.29
C GLN E 33 -26.37 0.90 26.73
N THR E 34 -26.27 2.01 25.98
CA THR E 34 -27.45 2.58 25.31
C THR E 34 -27.81 1.78 24.06
N LYS E 35 -26.87 1.61 23.14
CA LYS E 35 -26.96 0.66 22.05
C LYS E 35 -25.84 -0.37 22.19
N ILE E 36 -26.13 -1.65 21.90
CA ILE E 36 -25.20 -2.75 22.08
C ILE E 36 -23.95 -2.53 21.23
N GLY E 37 -22.79 -2.91 21.77
CA GLY E 37 -21.52 -2.77 21.07
C GLY E 37 -20.93 -1.38 21.11
N GLN E 38 -21.85 -0.39 21.02
CA GLN E 38 -21.62 1.06 20.96
C GLN E 38 -21.03 1.65 22.25
N ASN E 39 -20.90 0.86 23.35
CA ASN E 39 -20.41 1.34 24.64
C ASN E 39 -18.88 1.35 24.69
N GLN E 40 -18.31 2.37 25.32
CA GLN E 40 -16.86 2.48 25.35
C GLN E 40 -16.24 1.42 26.26
N TYR E 41 -16.78 1.24 27.46
CA TYR E 41 -16.40 0.17 28.35
C TYR E 41 -17.57 -0.79 28.52
N GLU E 42 -17.29 -2.06 28.85
CA GLU E 42 -18.38 -3.02 29.00
C GLU E 42 -18.25 -3.93 30.22
N TYR E 43 -17.06 -4.26 30.69
CA TYR E 43 -16.91 -5.15 31.84
C TYR E 43 -15.54 -4.90 32.43
N SER E 44 -15.48 -4.79 33.76
CA SER E 44 -14.31 -4.25 34.41
C SER E 44 -13.07 -5.10 34.15
N ARG E 45 -13.27 -6.40 33.93
CA ARG E 45 -12.15 -7.28 33.60
C ARG E 45 -11.59 -6.95 32.24
N THR E 46 -12.47 -6.74 31.25
CA THR E 46 -12.02 -6.42 29.90
C THR E 46 -11.32 -5.07 29.84
N GLY E 47 -11.67 -4.16 30.74
CA GLY E 47 -10.98 -2.88 30.86
C GLY E 47 -11.91 -1.83 31.44
N ASN E 48 -11.32 -0.90 32.17
CA ASN E 48 -12.06 0.12 32.91
C ASN E 48 -11.21 1.37 32.95
N PRO E 49 -11.82 2.55 33.18
CA PRO E 49 -11.02 3.77 33.20
C PRO E 49 -9.86 3.76 34.19
N THR E 50 -9.99 3.10 35.35
CA THR E 50 -8.91 3.15 36.34
C THR E 50 -7.67 2.37 35.87
N ARG E 51 -7.84 1.08 35.57
CA ARG E 51 -6.71 0.30 35.07
C ARG E 51 -6.25 0.76 33.70
N ALA E 52 -7.16 1.27 32.87
CA ALA E 52 -6.76 1.81 31.57
C ALA E 52 -5.69 2.88 31.71
N ALA E 53 -5.80 3.70 32.77
CA ALA E 53 -4.89 4.83 32.93
C ALA E 53 -3.52 4.38 33.39
N VAL E 54 -3.46 3.42 34.31
CA VAL E 54 -2.17 2.88 34.73
C VAL E 54 -1.50 2.22 33.54
N GLU E 55 -2.30 1.55 32.71
CA GLU E 55 -1.78 0.89 31.51
C GLU E 55 -1.19 1.91 30.57
N ALA E 56 -1.92 2.99 30.33
CA ALA E 56 -1.40 4.09 29.52
C ALA E 56 -0.05 4.59 30.03
N LEU E 57 0.07 4.77 31.35
CA LEU E 57 1.27 5.41 31.90
C LEU E 57 2.50 4.53 31.75
N ILE E 58 2.40 3.26 32.14
CA ILE E 58 3.59 2.41 32.04
C ILE E 58 4.07 2.32 30.61
N ALA E 59 3.16 2.47 29.65
CA ALA E 59 3.54 2.38 28.24
C ALA E 59 4.22 3.66 27.73
N THR E 60 3.75 4.86 28.09
CA THR E 60 4.49 6.04 27.65
C THR E 60 5.84 6.10 28.33
N LEU E 61 5.92 5.62 29.58
CA LEU E 61 7.18 5.59 30.29
C LEU E 61 8.16 4.62 29.65
N GLU E 62 7.67 3.51 29.09
CA GLU E 62 8.57 2.52 28.54
C GLU E 62 8.85 2.72 27.07
N HIS E 63 8.35 3.80 26.47
CA HIS E 63 8.53 4.08 25.05
C HIS E 63 7.97 2.93 24.20
N GLY E 64 6.82 2.40 24.66
CA GLY E 64 6.07 1.41 23.93
C GLY E 64 4.68 1.90 23.52
N SER E 65 3.92 0.99 22.93
CA SER E 65 2.62 1.31 22.35
C SER E 65 1.44 0.93 23.23
N ALA E 66 1.55 -0.10 24.06
CA ALA E 66 0.40 -0.56 24.82
C ALA E 66 0.82 -1.07 26.18
N GLY E 67 0.08 -0.67 27.22
CA GLY E 67 0.28 -1.18 28.56
C GLY E 67 -0.76 -2.22 28.92
N PHE E 68 -0.38 -3.13 29.82
CA PHE E 68 -1.30 -4.14 30.33
C PHE E 68 -0.97 -4.41 31.80
N ALA E 69 -1.92 -4.15 32.69
CA ALA E 69 -1.71 -4.30 34.13
C ALA E 69 -2.29 -5.62 34.62
N PHE E 70 -1.52 -6.34 35.44
CA PHE E 70 -1.87 -7.67 35.90
C PHE E 70 -1.83 -7.74 37.43
N ALA E 71 -2.42 -8.81 37.96
CA ALA E 71 -2.65 -8.94 39.39
C ALA E 71 -1.35 -9.05 40.17
N SER E 72 -0.28 -9.49 39.51
CA SER E 72 1.04 -9.67 40.09
C SER E 72 2.01 -9.81 38.94
N GLY E 73 3.29 -9.60 39.22
CA GLY E 73 4.31 -9.81 38.19
C GLY E 73 4.31 -11.24 37.69
N SER E 74 4.15 -12.19 38.60
CA SER E 74 3.98 -13.59 38.24
C SER E 74 2.83 -13.78 37.25
N ALA E 75 1.68 -13.19 37.55
CA ALA E 75 0.51 -13.30 36.67
C ALA E 75 0.77 -12.67 35.30
N ALA E 76 1.56 -11.59 35.25
CA ALA E 76 1.96 -11.01 33.98
C ALA E 76 2.83 -11.98 33.19
N ILE E 77 3.86 -12.52 33.84
CA ILE E 77 4.72 -13.50 33.20
C ILE E 77 3.90 -14.68 32.68
N ASN E 78 2.93 -15.13 33.46
CA ASN E 78 2.19 -16.33 33.08
C ASN E 78 1.40 -16.08 31.80
N THR E 79 0.73 -14.92 31.67
CA THR E 79 -0.07 -14.78 30.47
C THR E 79 0.76 -14.31 29.27
N VAL E 80 1.95 -13.75 29.52
CA VAL E 80 2.89 -13.53 28.42
C VAL E 80 3.35 -14.85 27.85
N PHE E 81 3.74 -15.80 28.71
CA PHE E 81 4.13 -17.11 28.22
C PHE E 81 2.96 -17.87 27.63
N SER E 82 1.72 -17.45 27.91
CA SER E 82 0.56 -18.06 27.28
C SER E 82 0.46 -17.74 25.80
N LEU E 83 1.29 -16.83 25.27
CA LEU E 83 1.44 -16.72 23.82
C LEU E 83 1.92 -18.03 23.20
N PHE E 84 2.76 -18.79 23.91
CA PHE E 84 3.40 -19.98 23.35
C PHE E 84 2.54 -21.23 23.55
N SER E 85 2.77 -22.21 22.68
CA SER E 85 2.01 -23.45 22.65
C SER E 85 2.97 -24.62 22.81
N ALA E 86 2.41 -25.81 23.05
CA ALA E 86 3.21 -27.03 23.16
C ALA E 86 4.02 -27.25 21.89
N GLY E 87 5.28 -27.65 22.08
CA GLY E 87 6.24 -27.74 21.01
C GLY E 87 7.25 -26.60 21.01
N ASP E 88 6.83 -25.43 21.48
CA ASP E 88 7.70 -24.26 21.46
C ASP E 88 8.84 -24.43 22.44
N HIS E 89 10.01 -23.91 22.05
CA HIS E 89 11.19 -23.90 22.89
C HIS E 89 11.53 -22.45 23.21
N ILE E 90 11.86 -22.17 24.47
CA ILE E 90 12.26 -20.83 24.91
C ILE E 90 13.64 -20.92 25.51
N ILE E 91 14.49 -19.97 25.15
CA ILE E 91 15.77 -19.75 25.81
C ILE E 91 15.54 -18.81 26.98
N VAL E 92 16.03 -19.17 28.16
CA VAL E 92 15.90 -18.37 29.36
C VAL E 92 17.29 -18.06 29.93
N GLY E 93 17.35 -17.02 30.75
CA GLY E 93 18.60 -16.69 31.45
C GLY E 93 18.89 -17.63 32.62
N ASN E 94 20.18 -17.93 32.81
CA ASN E 94 20.60 -18.85 33.86
C ASN E 94 20.29 -18.32 35.26
N ASP E 95 20.10 -17.01 35.43
CA ASP E 95 19.78 -16.39 36.72
C ASP E 95 18.52 -15.57 36.57
N VAL E 96 17.39 -16.14 36.97
CA VAL E 96 16.14 -15.40 37.03
C VAL E 96 15.53 -15.63 38.40
N TYR E 97 14.61 -14.72 38.74
CA TYR E 97 13.86 -14.83 39.98
C TYR E 97 13.32 -16.25 40.14
N GLY E 98 13.45 -16.78 41.36
CA GLY E 98 13.13 -18.18 41.60
C GLY E 98 11.72 -18.56 41.19
N GLY E 99 10.79 -17.61 41.27
CA GLY E 99 9.44 -17.88 40.82
C GLY E 99 9.32 -18.07 39.32
N THR E 100 10.06 -17.25 38.55
CA THR E 100 10.08 -17.49 37.11
C THR E 100 10.62 -18.88 36.80
N PHE E 101 11.65 -19.29 37.56
CA PHE E 101 12.13 -20.67 37.51
C PHE E 101 11.01 -21.64 37.85
N ARG E 102 10.26 -21.36 38.91
CA ARG E 102 9.19 -22.25 39.36
C ARG E 102 8.06 -22.34 38.33
N LEU E 103 7.57 -21.19 37.83
CA LEU E 103 6.49 -21.22 36.86
C LEU E 103 6.87 -22.03 35.63
N ILE E 104 8.13 -21.93 35.22
CA ILE E 104 8.62 -22.69 34.07
C ILE E 104 8.61 -24.19 34.37
N ASP E 105 9.30 -24.59 35.44
CA ASP E 105 9.48 -26.01 35.76
C ASP E 105 8.17 -26.67 36.15
N ALA E 106 7.40 -26.01 37.01
CA ALA E 106 6.22 -26.61 37.63
C ALA E 106 4.95 -26.41 36.81
N VAL E 107 4.90 -25.41 35.94
CA VAL E 107 3.69 -25.22 35.16
C VAL E 107 3.96 -25.29 33.66
N LEU E 108 4.88 -24.46 33.17
CA LEU E 108 4.96 -24.26 31.72
C LEU E 108 5.40 -25.52 31.00
N LYS E 109 6.33 -26.28 31.60
CA LYS E 109 6.76 -27.53 30.97
C LYS E 109 5.64 -28.56 30.92
N HIS E 110 4.63 -28.46 31.80
CA HIS E 110 3.43 -29.27 31.66
C HIS E 110 2.73 -29.02 30.35
N PHE E 111 2.86 -27.81 29.81
CA PHE E 111 2.11 -27.40 28.64
C PHE E 111 2.83 -27.71 27.34
N GLY E 112 3.83 -28.59 27.38
CA GLY E 112 4.59 -28.92 26.18
C GLY E 112 5.66 -27.93 25.81
N MET E 113 5.93 -26.95 26.67
CA MET E 113 6.96 -25.95 26.41
C MET E 113 8.30 -26.43 26.98
N THR E 114 9.37 -26.25 26.19
CA THR E 114 10.71 -26.71 26.54
C THR E 114 11.59 -25.50 26.80
N PHE E 115 12.57 -25.67 27.69
CA PHE E 115 13.41 -24.53 28.07
C PHE E 115 14.88 -24.94 28.11
N THR E 116 15.73 -23.95 27.82
CA THR E 116 17.18 -24.05 27.90
C THR E 116 17.70 -22.84 28.65
N ALA E 117 18.41 -23.07 29.77
CA ALA E 117 19.04 -21.99 30.53
C ALA E 117 20.40 -21.62 29.97
N VAL E 118 20.66 -20.32 29.90
CA VAL E 118 21.80 -19.77 29.17
C VAL E 118 22.25 -18.48 29.84
N ASP E 119 23.55 -18.35 30.08
CA ASP E 119 24.12 -17.07 30.52
C ASP E 119 24.08 -16.10 29.37
N THR E 120 23.04 -15.29 29.31
CA THR E 120 22.84 -14.42 28.16
C THR E 120 23.84 -13.27 28.08
N ARG E 121 24.82 -13.20 28.97
CA ARG E 121 25.98 -12.34 28.75
C ARG E 121 26.89 -12.90 27.67
N ASP E 122 27.00 -14.23 27.58
CA ASP E 122 27.68 -14.92 26.49
C ASP E 122 26.71 -15.04 25.33
N LEU E 123 26.90 -14.21 24.30
CA LEU E 123 25.97 -14.24 23.17
C LEU E 123 26.13 -15.50 22.34
N ALA E 124 27.35 -16.05 22.26
CA ALA E 124 27.53 -17.31 21.55
C ALA E 124 26.76 -18.44 22.22
N ALA E 125 26.77 -18.47 23.56
CA ALA E 125 25.93 -19.42 24.28
C ALA E 125 24.47 -19.28 23.87
N VAL E 126 23.98 -18.03 23.78
CA VAL E 126 22.61 -17.78 23.37
C VAL E 126 22.41 -18.22 21.93
N GLU E 127 23.26 -17.72 21.03
CA GLU E 127 23.18 -18.11 19.63
C GLU E 127 23.15 -19.62 19.46
N ALA E 128 23.95 -20.34 20.26
CA ALA E 128 24.05 -21.78 20.14
C ALA E 128 22.81 -22.51 20.65
N ALA E 129 21.98 -21.85 21.45
CA ALA E 129 20.83 -22.50 22.05
C ALA E 129 19.61 -22.51 21.15
N ILE E 130 19.67 -21.81 20.01
CA ILE E 130 18.51 -21.55 19.16
C ILE E 130 18.23 -22.76 18.28
N THR E 131 17.12 -23.44 18.53
CA THR E 131 16.69 -24.61 17.79
C THR E 131 15.56 -24.23 16.82
N PRO E 132 15.23 -25.11 15.87
CA PRO E 132 14.15 -24.78 14.92
C PRO E 132 12.79 -24.55 15.57
N THR E 133 12.55 -25.13 16.74
CA THR E 133 11.32 -24.88 17.48
C THR E 133 11.46 -23.75 18.50
N THR E 134 12.59 -23.07 18.55
CA THR E 134 12.73 -21.94 19.46
C THR E 134 11.91 -20.76 18.97
N LYS E 135 11.23 -20.11 19.91
CA LYS E 135 10.29 -19.04 19.60
C LYS E 135 10.55 -17.73 20.33
N ALA E 136 11.37 -17.74 21.38
CA ALA E 136 11.58 -16.52 22.16
C ALA E 136 12.83 -16.64 23.00
N ILE E 137 13.27 -15.50 23.52
CA ILE E 137 14.39 -15.36 24.45
C ILE E 137 13.89 -14.55 25.63
N TYR E 138 13.90 -15.15 26.83
CA TYR E 138 13.41 -14.50 28.04
C TYR E 138 14.57 -14.32 29.01
N LEU E 139 14.73 -13.10 29.53
CA LEU E 139 15.84 -12.82 30.43
C LEU E 139 15.52 -11.62 31.30
N GLU E 140 16.22 -11.53 32.43
CA GLU E 140 16.24 -10.33 33.25
C GLU E 140 17.64 -9.71 33.25
N THR E 141 17.66 -8.40 33.37
CA THR E 141 18.88 -7.62 33.58
C THR E 141 18.49 -6.32 34.28
N PRO E 142 18.99 -6.08 35.49
CA PRO E 142 19.84 -7.03 36.23
C PRO E 142 19.09 -8.26 36.74
N THR E 143 19.80 -9.37 36.88
CA THR E 143 19.18 -10.62 37.27
C THR E 143 18.95 -10.66 38.78
N ASN E 144 17.96 -11.44 39.18
CA ASN E 144 17.60 -11.66 40.57
C ASN E 144 18.29 -12.95 41.04
N PRO E 145 19.24 -12.89 41.98
CA PRO E 145 19.76 -11.75 42.75
C PRO E 145 21.20 -11.36 42.40
N LEU E 146 21.82 -12.01 41.41
CA LEU E 146 23.23 -11.79 41.18
C LEU E 146 23.51 -10.56 40.33
N LEU E 147 22.48 -9.96 39.74
CA LEU E 147 22.59 -8.68 39.04
C LEU E 147 23.54 -8.78 37.84
N HIS E 148 23.49 -9.92 37.15
CA HIS E 148 24.22 -10.05 35.90
C HIS E 148 23.64 -9.09 34.86
N ILE E 149 24.48 -8.25 34.28
CA ILE E 149 24.02 -7.29 33.28
C ILE E 149 24.17 -7.92 31.90
N THR E 150 23.05 -8.01 31.16
CA THR E 150 22.99 -8.58 29.84
C THR E 150 22.91 -7.46 28.81
N ASP E 151 23.41 -7.72 27.60
CA ASP E 151 23.39 -6.70 26.54
C ASP E 151 22.05 -6.78 25.83
N ILE E 152 21.17 -5.82 26.13
CA ILE E 152 19.80 -5.91 25.65
C ILE E 152 19.77 -5.80 24.13
N ALA E 153 20.35 -4.73 23.58
CA ALA E 153 20.35 -4.54 22.14
C ALA E 153 21.02 -5.69 21.40
N ALA E 154 22.03 -6.30 22.01
CA ALA E 154 22.61 -7.48 21.40
C ALA E 154 21.60 -8.61 21.33
N ILE E 155 20.94 -8.91 22.44
CA ILE E 155 19.99 -10.02 22.45
C ILE E 155 18.83 -9.72 21.52
N ALA E 156 18.41 -8.46 21.46
CA ALA E 156 17.35 -8.07 20.54
C ALA E 156 17.72 -8.36 19.08
N LYS E 157 18.93 -7.96 18.66
CA LYS E 157 19.36 -8.22 17.28
C LYS E 157 19.41 -9.72 17.00
N LEU E 158 19.96 -10.50 17.93
CA LEU E 158 19.92 -11.95 17.80
C LEU E 158 18.50 -12.43 17.57
N ALA E 159 17.55 -11.87 18.32
CA ALA E 159 16.16 -12.32 18.25
C ALA E 159 15.57 -12.04 16.87
N GLN E 160 15.74 -10.82 16.36
CA GLN E 160 15.16 -10.46 15.06
C GLN E 160 15.78 -11.27 13.95
N ALA E 161 17.08 -11.53 14.04
CA ALA E 161 17.80 -12.32 13.06
C ALA E 161 17.23 -13.72 12.91
N HIS E 162 16.50 -14.21 13.90
CA HIS E 162 16.03 -15.58 13.90
C HIS E 162 14.52 -15.67 14.09
N ASP E 163 13.80 -14.55 13.92
CA ASP E 163 12.33 -14.50 14.03
C ASP E 163 11.88 -15.02 15.39
N LEU E 164 12.60 -14.59 16.43
CA LEU E 164 12.34 -14.84 17.84
C LEU E 164 11.73 -13.60 18.50
N LEU E 165 11.07 -13.84 19.64
CA LEU E 165 10.58 -12.76 20.49
C LEU E 165 11.56 -12.51 21.62
N SER E 166 11.79 -11.24 21.93
CA SER E 166 12.64 -10.85 23.05
C SER E 166 11.74 -10.39 24.19
N ILE E 167 11.88 -11.05 25.34
CA ILE E 167 11.13 -10.70 26.54
C ILE E 167 12.14 -10.37 27.63
N ILE E 168 12.17 -9.10 28.05
CA ILE E 168 13.07 -8.62 29.11
C ILE E 168 12.24 -8.29 30.34
N ASP E 169 12.67 -8.80 31.50
CA ASP E 169 12.04 -8.55 32.80
C ASP E 169 12.75 -7.35 33.44
N ASN E 170 12.13 -6.16 33.31
CA ASN E 170 12.77 -4.88 33.62
C ASN E 170 12.51 -4.44 35.06
N THR E 171 12.25 -5.39 35.95
CA THR E 171 11.78 -5.04 37.29
C THR E 171 12.84 -4.28 38.08
N PHE E 172 14.10 -4.74 38.03
CA PHE E 172 15.12 -4.15 38.89
C PHE E 172 15.56 -2.78 38.38
N ALA E 173 15.62 -2.59 37.07
CA ALA E 173 16.06 -1.28 36.60
C ALA E 173 14.94 -0.26 36.70
N SER E 174 13.75 -0.58 36.15
CA SER E 174 12.57 0.27 35.97
C SER E 174 12.80 1.25 34.83
N PRO E 175 11.75 1.84 34.25
CA PRO E 175 11.98 2.68 33.07
C PRO E 175 12.86 3.87 33.35
N TYR E 176 13.05 4.25 34.62
CA TYR E 176 13.96 5.35 34.92
C TYR E 176 15.40 4.98 34.58
N VAL E 177 15.75 3.70 34.66
CA VAL E 177 17.11 3.24 34.41
C VAL E 177 17.26 2.62 33.02
N GLN E 178 16.28 1.81 32.57
CA GLN E 178 16.33 1.06 31.31
C GLN E 178 14.97 1.15 30.64
N LYS E 179 14.97 1.29 29.31
CA LYS E 179 13.74 1.21 28.51
C LYS E 179 14.00 0.24 27.38
N PRO E 180 14.00 -1.07 27.69
CA PRO E 180 14.39 -2.09 26.69
C PRO E 180 13.67 -2.03 25.35
N LEU E 181 12.46 -1.47 25.27
CA LEU E 181 11.80 -1.38 23.96
C LEU E 181 12.54 -0.48 23.01
N ASP E 182 13.39 0.40 23.54
CA ASP E 182 14.23 1.31 22.79
C ASP E 182 15.50 0.65 22.27
N LEU E 183 15.72 -0.62 22.59
CA LEU E 183 16.91 -1.36 22.13
C LEU E 183 16.54 -2.53 21.23
N GLY E 184 15.27 -2.65 20.86
CA GLY E 184 14.83 -3.62 19.88
C GLY E 184 13.97 -4.74 20.39
N VAL E 185 13.57 -4.68 21.66
CA VAL E 185 12.81 -5.75 22.29
C VAL E 185 11.34 -5.62 21.91
N ASP E 186 10.62 -6.75 21.93
CA ASP E 186 9.21 -6.81 21.60
C ASP E 186 8.29 -6.65 22.80
N ILE E 187 8.67 -7.24 23.94
CA ILE E 187 7.83 -7.28 25.13
C ILE E 187 8.68 -6.86 26.32
N VAL E 188 8.17 -5.94 27.13
CA VAL E 188 8.78 -5.55 28.41
C VAL E 188 7.77 -5.82 29.52
N LEU E 189 8.24 -6.39 30.63
CA LEU E 189 7.35 -6.77 31.72
C LEU E 189 7.99 -6.42 33.06
N HIS E 190 7.15 -6.14 34.04
CA HIS E 190 7.55 -5.60 35.33
C HIS E 190 6.83 -6.34 36.45
N SER E 191 7.53 -6.56 37.55
CA SER E 191 6.88 -6.76 38.84
C SER E 191 6.72 -5.38 39.45
N ALA E 192 5.53 -4.79 39.27
CA ALA E 192 5.25 -3.46 39.77
C ALA E 192 5.15 -3.42 41.28
N SER E 193 5.27 -4.58 41.95
CA SER E 193 5.40 -4.63 43.39
C SER E 193 6.68 -3.97 43.85
N ALA E 194 7.68 -3.95 42.98
CA ALA E 194 8.97 -3.37 43.31
C ALA E 194 8.94 -1.86 43.18
N TYR E 195 9.65 -1.31 42.21
CA TYR E 195 9.94 0.10 42.25
C TYR E 195 8.80 0.95 41.71
N LEU E 196 7.90 0.40 40.91
CA LEU E 196 6.91 1.23 40.26
C LEU E 196 5.81 1.63 41.21
N GLY E 197 5.37 0.69 42.05
CA GLY E 197 4.56 1.06 43.20
C GLY E 197 5.39 1.73 44.29
N GLY E 198 6.61 1.22 44.52
CA GLY E 198 7.62 1.82 45.37
C GLY E 198 7.35 1.99 46.86
N HIS E 199 6.13 1.74 47.29
CA HIS E 199 5.74 2.02 48.66
C HIS E 199 5.50 0.77 49.48
N SER E 200 5.79 -0.40 48.94
CA SER E 200 5.67 -1.63 49.70
C SER E 200 4.23 -1.91 50.09
N ASP E 201 3.28 -1.47 49.26
CA ASP E 201 1.88 -1.76 49.55
C ASP E 201 1.07 -2.07 48.29
N VAL E 202 1.68 -2.66 47.28
CA VAL E 202 0.98 -3.04 46.06
C VAL E 202 1.68 -4.23 45.46
N ILE E 203 0.91 -5.28 45.16
CA ILE E 203 1.34 -6.38 44.30
C ILE E 203 0.72 -6.15 42.93
N GLY E 204 1.52 -6.27 41.89
CA GLY E 204 1.00 -6.09 40.56
C GLY E 204 2.08 -6.29 39.54
N GLY E 205 1.65 -6.57 38.31
CA GLY E 205 2.55 -6.70 37.19
C GLY E 205 2.13 -5.81 36.05
N LEU E 206 3.10 -5.51 35.18
CA LEU E 206 2.87 -4.69 34.01
C LEU E 206 3.55 -5.32 32.83
N VAL E 207 2.89 -5.27 31.68
CA VAL E 207 3.50 -5.64 30.41
C VAL E 207 3.31 -4.47 29.46
N VAL E 208 4.36 -4.16 28.70
CA VAL E 208 4.29 -3.13 27.67
C VAL E 208 4.89 -3.71 26.40
N THR E 209 4.15 -3.59 25.32
CA THR E 209 4.49 -4.16 24.04
C THR E 209 4.81 -2.99 23.11
N LYS E 210 5.69 -3.21 22.14
CA LYS E 210 6.04 -2.10 21.26
C LYS E 210 5.22 -2.10 19.97
N THR E 211 5.17 -3.23 19.27
CA THR E 211 4.33 -3.33 18.10
C THR E 211 2.86 -3.25 18.52
N PRO E 212 1.99 -2.83 17.61
CA PRO E 212 0.56 -2.81 17.94
C PRO E 212 -0.10 -4.17 17.77
N ALA E 213 0.45 -5.06 16.93
CA ALA E 213 -0.15 -6.37 16.71
C ALA E 213 0.13 -7.35 17.84
N LEU E 214 1.17 -7.12 18.61
CA LEU E 214 1.47 -7.91 19.80
C LEU E 214 0.76 -7.36 21.04
N GLY E 215 0.47 -6.05 21.05
CA GLY E 215 -0.49 -5.53 22.00
C GLY E 215 -1.86 -6.18 21.87
N GLU E 216 -2.31 -6.44 20.63
CA GLU E 216 -3.56 -7.17 20.43
C GLU E 216 -3.49 -8.55 21.09
N LYS E 217 -2.37 -9.26 20.93
CA LYS E 217 -2.24 -10.61 21.45
C LYS E 217 -2.19 -10.63 22.97
N ILE E 218 -1.37 -9.76 23.57
CA ILE E 218 -1.25 -9.69 25.02
C ILE E 218 -2.56 -9.24 25.64
N GLY E 219 -3.27 -8.34 24.96
CA GLY E 219 -4.57 -7.91 25.45
C GLY E 219 -5.59 -9.03 25.43
N TYR E 220 -5.69 -9.75 24.30
CA TYR E 220 -6.64 -10.85 24.19
C TYR E 220 -6.43 -11.86 25.31
N LEU E 221 -5.17 -12.10 25.67
CA LEU E 221 -4.85 -13.02 26.75
C LEU E 221 -5.15 -12.42 28.11
N GLN E 222 -4.82 -11.14 28.31
CA GLN E 222 -5.14 -10.47 29.57
C GLN E 222 -6.61 -10.65 29.91
N ASN E 223 -7.47 -10.44 28.92
CA ASN E 223 -8.91 -10.54 29.15
C ASN E 223 -9.41 -11.98 29.19
N ALA E 224 -8.85 -12.86 28.36
CA ALA E 224 -9.33 -14.24 28.33
C ALA E 224 -8.90 -15.02 29.57
N ILE E 225 -7.70 -14.72 30.08
CA ILE E 225 -7.21 -15.36 31.30
C ILE E 225 -7.64 -14.57 32.55
N GLY E 226 -7.75 -13.24 32.46
CA GLY E 226 -8.35 -12.45 33.51
C GLY E 226 -7.47 -12.14 34.71
N SER E 227 -6.20 -12.49 34.70
CA SER E 227 -5.36 -12.19 35.85
C SER E 227 -5.04 -10.68 35.91
N ILE E 228 -6.08 -9.85 35.96
CA ILE E 228 -5.95 -8.40 35.85
C ILE E 228 -5.66 -7.77 37.20
N LEU E 229 -5.11 -6.55 37.16
CA LEU E 229 -4.92 -5.70 38.33
C LEU E 229 -6.20 -4.93 38.65
N ALA E 230 -6.63 -5.00 39.90
CA ALA E 230 -7.92 -4.47 40.30
C ALA E 230 -7.89 -2.94 40.43
N PRO E 231 -9.07 -2.31 40.44
CA PRO E 231 -9.11 -0.83 40.40
C PRO E 231 -8.38 -0.12 41.52
N GLN E 232 -8.58 -0.49 42.78
CA GLN E 232 -7.88 0.19 43.87
C GLN E 232 -6.38 0.10 43.69
N GLU E 233 -5.88 -1.08 43.32
CA GLU E 233 -4.44 -1.27 43.27
C GLU E 233 -3.86 -0.79 41.96
N SER E 234 -4.66 -0.74 40.89
CA SER E 234 -4.25 0.03 39.73
C SER E 234 -4.07 1.48 40.13
N TRP E 235 -5.01 2.02 40.89
CA TRP E 235 -4.92 3.41 41.31
C TRP E 235 -3.71 3.66 42.21
N LEU E 236 -3.38 2.71 43.08
CA LEU E 236 -2.23 2.91 43.94
C LEU E 236 -0.92 2.84 43.16
N LEU E 237 -0.78 1.85 42.27
CA LEU E 237 0.38 1.81 41.38
C LEU E 237 0.61 3.17 40.74
N GLN E 238 -0.40 3.66 40.03
CA GLN E 238 -0.21 4.93 39.35
C GLN E 238 0.12 6.03 40.33
N ARG E 239 -0.43 5.97 41.55
CA ARG E 239 -0.07 6.96 42.56
C ARG E 239 1.41 6.83 42.94
N GLY E 240 1.88 5.60 43.18
CA GLY E 240 3.28 5.40 43.51
C GLY E 240 4.21 5.67 42.36
N MET E 241 3.72 5.54 41.13
CA MET E 241 4.54 5.78 39.96
C MET E 241 4.90 7.24 39.80
N LYS E 242 4.04 8.16 40.27
CA LYS E 242 4.29 9.57 40.09
C LYS E 242 5.60 10.02 40.76
N THR E 243 6.05 9.32 41.81
CA THR E 243 7.28 9.69 42.50
C THR E 243 8.47 8.85 42.08
N LEU E 244 8.32 8.02 41.05
CA LEU E 244 9.38 7.09 40.65
C LEU E 244 10.70 7.80 40.49
N ALA E 245 10.71 8.94 39.79
CA ALA E 245 11.97 9.62 39.54
C ALA E 245 12.60 10.07 40.85
N LEU E 246 11.85 10.79 41.68
CA LEU E 246 12.37 11.25 42.97
C LEU E 246 12.87 10.09 43.82
N ARG E 247 12.09 9.02 43.90
CA ARG E 247 12.47 7.86 44.71
C ARG E 247 13.68 7.17 44.11
N MET E 248 13.72 7.03 42.79
CA MET E 248 14.78 6.24 42.18
C MET E 248 16.14 6.93 42.31
N GLN E 249 16.20 8.27 42.21
CA GLN E 249 17.47 8.94 42.47
C GLN E 249 17.94 8.64 43.87
N ALA E 250 17.06 8.75 44.85
CA ALA E 250 17.43 8.52 46.23
C ALA E 250 17.97 7.11 46.41
N HIS E 251 17.30 6.13 45.78
CA HIS E 251 17.78 4.74 45.80
C HIS E 251 19.17 4.62 45.20
N LEU E 252 19.34 5.11 43.97
CA LEU E 252 20.62 4.96 43.26
C LEU E 252 21.76 5.58 44.04
N ASN E 253 21.53 6.77 44.59
CA ASN E 253 22.56 7.50 45.32
C ASN E 253 22.94 6.75 46.58
N ASN E 254 21.94 6.36 47.37
CA ASN E 254 22.19 5.55 48.55
C ASN E 254 22.98 4.30 48.20
N ALA E 255 22.68 3.67 47.05
CA ALA E 255 23.34 2.42 46.70
C ALA E 255 24.79 2.64 46.33
N ALA E 256 25.08 3.72 45.60
CA ALA E 256 26.48 4.11 45.43
C ALA E 256 27.19 4.16 46.78
N LYS E 257 26.55 4.79 47.77
CA LYS E 257 27.18 4.95 49.09
C LYS E 257 27.32 3.60 49.79
N ILE E 258 26.35 2.71 49.63
CA ILE E 258 26.42 1.41 50.30
C ILE E 258 27.51 0.54 49.66
N PHE E 259 27.69 0.63 48.35
CA PHE E 259 28.72 -0.18 47.70
C PHE E 259 30.11 0.24 48.13
N THR E 260 30.47 1.52 47.97
CA THR E 260 31.76 2.00 48.45
C THR E 260 31.98 1.59 49.90
N TYR E 261 30.91 1.63 50.71
CA TYR E 261 30.99 1.26 52.12
C TYR E 261 31.24 -0.24 52.29
N LEU E 262 30.53 -1.08 51.54
CA LEU E 262 30.72 -2.52 51.70
C LEU E 262 32.07 -2.96 51.15
N LYS E 263 32.56 -2.28 50.11
CA LYS E 263 33.85 -2.62 49.51
C LYS E 263 34.98 -2.41 50.50
N SER E 264 34.90 -1.35 51.30
CA SER E 264 35.83 -1.03 52.38
C SER E 264 35.67 -1.93 53.61
N HIS E 265 34.89 -3.00 53.53
CA HIS E 265 34.78 -3.96 54.63
C HIS E 265 35.46 -5.26 54.25
N PRO E 266 36.44 -5.70 55.05
CA PRO E 266 37.10 -6.97 54.76
C PRO E 266 36.24 -8.16 55.12
N ALA E 267 35.27 -7.96 56.01
CA ALA E 267 34.26 -8.98 56.29
C ALA E 267 33.49 -9.38 55.03
N VAL E 268 33.42 -8.48 54.04
CA VAL E 268 32.66 -8.69 52.81
C VAL E 268 33.61 -9.24 51.76
N THR E 269 33.41 -10.51 51.40
CA THR E 269 34.33 -11.26 50.55
C THR E 269 34.05 -11.12 49.05
N LYS E 270 32.78 -10.95 48.64
CA LYS E 270 32.38 -10.73 47.26
C LYS E 270 31.18 -9.80 47.23
N ILE E 271 31.07 -9.01 46.15
CA ILE E 271 29.97 -8.06 46.01
C ILE E 271 29.42 -8.11 44.58
N TYR E 272 28.11 -8.04 44.48
CA TYR E 272 27.43 -8.00 43.19
C TYR E 272 26.76 -6.63 43.07
N TYR E 273 27.27 -5.81 42.16
CA TYR E 273 26.79 -4.46 41.91
C TYR E 273 27.15 -4.09 40.47
N PRO E 274 26.17 -3.74 39.65
CA PRO E 274 26.48 -3.40 38.25
C PRO E 274 27.43 -2.22 38.12
N GLY E 275 27.67 -1.47 39.18
CA GLY E 275 28.61 -0.38 39.15
C GLY E 275 29.96 -0.71 39.73
N ASP E 276 30.16 -1.94 40.18
CA ASP E 276 31.48 -2.43 40.53
C ASP E 276 32.37 -2.33 39.29
N PRO E 277 33.47 -1.60 39.34
CA PRO E 277 34.27 -1.38 38.12
C PRO E 277 35.19 -2.54 37.73
N ASP E 278 35.56 -3.42 38.66
CA ASP E 278 36.24 -4.65 38.27
C ASP E 278 35.27 -5.71 37.76
N ASN E 279 33.98 -5.55 38.01
CA ASN E 279 32.93 -6.38 37.44
C ASN E 279 32.95 -6.26 35.92
N PRO E 280 33.12 -7.36 35.18
CA PRO E 280 33.17 -7.26 33.71
C PRO E 280 31.89 -6.73 33.10
N ASP E 281 30.76 -6.83 33.79
CA ASP E 281 29.54 -6.26 33.28
C ASP E 281 29.55 -4.74 33.30
N PHE E 282 30.60 -4.12 33.86
CA PHE E 282 30.56 -2.70 34.18
C PHE E 282 30.28 -1.83 32.96
N SER E 283 30.80 -2.23 31.80
CA SER E 283 30.72 -1.29 30.70
C SER E 283 29.39 -1.37 29.96
N ILE E 284 28.86 -2.59 29.77
CA ILE E 284 27.53 -2.73 29.17
C ILE E 284 26.49 -2.12 30.09
N ALA E 285 26.79 -2.08 31.39
CA ALA E 285 25.89 -1.42 32.33
C ALA E 285 25.86 0.08 32.09
N LYS E 286 27.03 0.72 32.04
CA LYS E 286 27.10 2.15 31.75
C LYS E 286 26.39 2.50 30.47
N GLN E 287 26.50 1.62 29.47
CA GLN E 287 26.05 1.91 28.12
C GLN E 287 24.54 1.90 28.02
N GLN E 288 23.88 0.99 28.75
CA GLN E 288 22.44 0.80 28.62
C GLN E 288 21.66 1.11 29.89
N MET E 289 22.30 1.63 30.94
CA MET E 289 21.63 1.87 32.21
C MET E 289 21.90 3.27 32.72
N ASN E 290 20.82 4.00 33.01
CA ASN E 290 20.92 5.36 33.55
C ASN E 290 20.91 5.22 35.07
N GLY E 291 22.10 5.08 35.63
CA GLY E 291 22.28 4.58 36.98
C GLY E 291 22.62 3.10 36.96
N PHE E 292 23.08 2.61 38.10
CA PHE E 292 23.49 1.21 38.19
C PHE E 292 22.52 0.34 38.99
N GLY E 293 21.29 0.82 39.22
CA GLY E 293 20.36 0.16 40.10
C GLY E 293 20.65 0.42 41.57
N ALA E 294 19.75 -0.07 42.42
CA ALA E 294 19.86 0.11 43.86
C ALA E 294 19.74 -1.23 44.56
N MET E 295 20.20 -2.28 43.90
CA MET E 295 20.33 -3.62 44.46
C MET E 295 21.81 -3.97 44.54
N ILE E 296 22.22 -4.45 45.71
CA ILE E 296 23.56 -4.94 45.94
C ILE E 296 23.42 -6.30 46.60
N SER E 297 24.09 -7.30 46.06
CA SER E 297 24.22 -8.57 46.75
C SER E 297 25.68 -8.77 47.14
N PHE E 298 25.89 -9.42 48.28
CA PHE E 298 27.25 -9.56 48.80
C PHE E 298 27.34 -10.79 49.67
N GLU E 299 28.57 -11.29 49.82
CA GLU E 299 28.89 -12.46 50.63
C GLU E 299 29.82 -12.04 51.76
N LEU E 300 29.64 -12.66 52.92
CA LEU E 300 30.53 -12.45 54.06
C LEU E 300 31.58 -13.55 54.11
N GLN E 301 32.56 -13.39 55.00
CA GLN E 301 33.65 -14.36 55.05
C GLN E 301 33.11 -15.71 55.54
N PRO E 302 33.62 -16.82 55.01
CA PRO E 302 32.87 -18.08 55.08
C PRO E 302 32.50 -18.53 56.48
N GLY E 303 33.30 -18.16 57.47
CA GLY E 303 32.88 -18.45 58.82
C GLY E 303 31.83 -17.54 59.40
N MET E 304 31.38 -16.52 58.66
CA MET E 304 30.49 -15.49 59.20
C MET E 304 29.04 -15.80 58.83
N ASN E 305 28.16 -15.68 59.82
CA ASN E 305 26.77 -16.11 59.72
C ASN E 305 25.88 -15.00 59.17
N PRO E 306 25.29 -15.16 57.98
CA PRO E 306 24.50 -14.07 57.40
C PRO E 306 23.17 -13.87 58.08
N GLN E 307 22.67 -14.88 58.77
CA GLN E 307 21.42 -14.71 59.47
C GLN E 307 21.63 -13.92 60.75
N THR E 308 22.74 -14.16 61.42
CA THR E 308 23.11 -13.29 62.53
C THR E 308 23.21 -11.85 62.06
N PHE E 309 23.93 -11.63 60.94
CA PHE E 309 24.11 -10.29 60.39
C PHE E 309 22.76 -9.64 60.13
N VAL E 310 21.84 -10.40 59.56
CA VAL E 310 20.59 -9.84 59.10
C VAL E 310 19.60 -9.64 60.24
N GLU E 311 19.50 -10.60 61.14
CA GLU E 311 18.62 -10.51 62.29
C GLU E 311 19.09 -9.48 63.31
N HIS E 312 20.20 -8.81 63.06
CA HIS E 312 20.68 -7.77 63.97
C HIS E 312 20.68 -6.38 63.32
N LEU E 313 20.17 -6.26 62.10
CA LEU E 313 19.85 -4.96 61.52
C LEU E 313 18.51 -4.50 62.07
N GLN E 314 18.32 -3.17 62.16
CA GLN E 314 17.17 -2.61 62.85
C GLN E 314 16.49 -1.44 62.16
N VAL E 315 17.22 -0.74 61.31
CA VAL E 315 16.60 0.16 60.34
C VAL E 315 16.30 -0.59 59.05
N ILE E 316 17.28 -1.34 58.55
CA ILE E 316 17.04 -2.29 57.47
C ILE E 316 16.14 -3.41 57.98
N THR E 317 15.33 -3.96 57.08
CA THR E 317 14.19 -4.79 57.46
C THR E 317 14.24 -6.13 56.75
N LEU E 318 14.21 -7.20 57.53
CA LEU E 318 14.35 -8.55 57.01
C LEU E 318 13.02 -9.02 56.45
N ALA E 319 12.92 -9.09 55.12
CA ALA E 319 11.70 -9.48 54.44
C ALA E 319 12.02 -9.76 52.98
N GLU E 320 11.07 -10.41 52.31
CA GLU E 320 11.15 -10.55 50.86
C GLU E 320 10.68 -9.26 50.22
N SER E 321 10.69 -9.24 48.88
CA SER E 321 10.35 -8.08 48.05
C SER E 321 11.53 -7.10 48.04
N LEU E 322 11.34 -6.00 47.31
CA LEU E 322 12.42 -5.10 46.91
C LEU E 322 11.78 -3.91 46.22
N GLY E 323 12.59 -2.89 45.96
CA GLY E 323 12.05 -1.71 45.32
C GLY E 323 11.26 -0.81 46.23
N ALA E 324 11.29 -1.04 47.54
CA ALA E 324 10.47 -0.31 48.51
C ALA E 324 11.25 0.86 49.07
N LEU E 325 10.50 1.88 49.53
CA LEU E 325 11.13 3.04 50.17
C LEU E 325 12.02 2.59 51.32
N GLU E 326 11.53 1.67 52.14
CA GLU E 326 12.31 0.98 53.16
C GLU E 326 13.36 0.04 52.55
N SER E 327 14.55 0.04 53.12
CA SER E 327 15.59 -0.86 52.66
C SER E 327 15.29 -2.25 53.20
N LEU E 328 14.89 -3.16 52.32
CA LEU E 328 14.68 -4.55 52.64
C LEU E 328 15.99 -5.31 52.45
N ILE E 329 16.16 -6.41 53.20
CA ILE E 329 17.32 -7.30 53.07
C ILE E 329 16.84 -8.74 53.21
N GLU E 330 17.60 -9.68 52.63
CA GLU E 330 17.12 -11.06 52.48
C GLU E 330 18.28 -11.98 52.10
N ILE E 331 18.13 -13.25 52.45
CA ILE E 331 19.06 -14.32 52.11
C ILE E 331 18.43 -15.20 51.02
N PRO E 332 18.78 -15.04 49.74
CA PRO E 332 17.97 -15.68 48.69
C PRO E 332 17.88 -17.19 48.78
N ALA E 333 18.90 -17.89 49.30
CA ALA E 333 18.78 -19.34 49.43
C ALA E 333 17.68 -19.72 50.43
N LEU E 334 17.54 -18.97 51.51
CA LEU E 334 16.53 -19.22 52.52
C LEU E 334 15.22 -18.50 52.28
N MET E 335 15.09 -17.81 51.15
CA MET E 335 13.89 -16.99 50.94
C MET E 335 13.47 -17.00 49.47
N THR E 336 13.79 -15.94 48.70
CA THR E 336 13.18 -15.74 47.38
C THR E 336 13.56 -16.79 46.36
N HIS E 337 14.63 -17.56 46.60
CA HIS E 337 15.10 -18.56 45.65
C HIS E 337 15.11 -19.95 46.25
N GLY E 338 14.41 -20.15 47.36
CA GLY E 338 14.20 -21.50 47.86
C GLY E 338 13.44 -22.38 46.89
N ALA E 339 12.76 -21.78 45.93
CA ALA E 339 12.04 -22.51 44.89
C ALA E 339 12.98 -23.16 43.87
N ILE E 340 14.26 -22.88 43.93
CA ILE E 340 15.27 -23.50 43.07
C ILE E 340 16.03 -24.52 43.89
N PRO E 341 16.20 -25.75 43.40
CA PRO E 341 16.90 -26.76 44.20
C PRO E 341 18.33 -26.34 44.50
N ARG E 342 18.76 -26.64 45.73
CA ARG E 342 20.05 -26.14 46.20
C ARG E 342 21.19 -26.43 45.21
N THR E 343 21.16 -27.60 44.57
CA THR E 343 22.25 -27.96 43.66
C THR E 343 22.26 -27.08 42.42
N ILE E 344 21.08 -26.72 41.92
CA ILE E 344 21.00 -25.81 40.77
C ILE E 344 21.38 -24.41 41.20
N ARG E 345 21.10 -24.05 42.46
CA ARG E 345 21.44 -22.73 42.97
C ARG E 345 22.95 -22.54 43.03
N LEU E 346 23.64 -23.45 43.73
CA LEU E 346 25.09 -23.36 43.79
C LEU E 346 25.72 -23.46 42.41
N GLN E 347 25.07 -24.19 41.50
CA GLN E 347 25.61 -24.36 40.15
C GLN E 347 25.52 -23.06 39.35
N ASN E 348 24.53 -22.22 39.64
CA ASN E 348 24.27 -21.00 38.87
C ASN E 348 24.79 -19.74 39.53
N GLY E 349 25.31 -19.82 40.75
CA GLY E 349 26.02 -18.71 41.38
C GLY E 349 25.52 -18.28 42.73
N ILE E 350 24.58 -19.03 43.31
CA ILE E 350 23.89 -18.57 44.50
C ILE E 350 24.28 -19.43 45.70
N LYS E 351 25.35 -19.03 46.37
CA LYS E 351 25.78 -19.73 47.57
C LYS E 351 24.75 -19.55 48.69
N ASP E 352 24.79 -20.46 49.66
CA ASP E 352 23.86 -20.37 50.78
C ASP E 352 24.12 -19.17 51.68
N GLU E 353 25.26 -18.50 51.55
CA GLU E 353 25.61 -17.35 52.39
C GLU E 353 25.39 -16.02 51.69
N LEU E 354 24.74 -16.02 50.53
CA LEU E 354 24.53 -14.77 49.80
C LEU E 354 23.50 -13.92 50.51
N ILE E 355 23.76 -12.61 50.56
CA ILE E 355 22.84 -11.62 51.09
C ILE E 355 22.43 -10.66 49.96
N ARG E 356 21.15 -10.33 49.89
CA ARG E 356 20.66 -9.39 48.89
C ARG E 356 20.01 -8.20 49.57
N LEU E 357 20.52 -7.02 49.27
CA LEU E 357 20.14 -5.78 49.93
C LEU E 357 19.49 -4.89 48.89
N SER E 358 18.19 -4.69 49.02
CA SER E 358 17.48 -3.64 48.31
C SER E 358 17.79 -2.34 49.03
N VAL E 359 18.73 -1.56 48.50
CA VAL E 359 18.98 -0.24 49.04
C VAL E 359 17.71 0.59 48.92
N GLY E 360 17.35 1.25 50.01
CA GLY E 360 16.19 2.12 50.05
C GLY E 360 16.44 3.62 50.07
N VAL E 361 15.50 4.35 50.65
CA VAL E 361 15.44 5.79 50.53
C VAL E 361 15.80 6.51 51.82
N GLU E 362 15.90 5.78 52.93
CA GLU E 362 16.22 6.40 54.21
C GLU E 362 17.57 7.09 54.13
N ALA E 363 17.84 7.97 55.08
CA ALA E 363 19.07 8.76 55.05
C ALA E 363 20.29 7.85 55.05
N SER E 364 21.24 8.12 54.15
CA SER E 364 22.40 7.24 54.00
C SER E 364 23.16 7.04 55.32
N ASP E 365 23.33 8.10 56.10
CA ASP E 365 24.04 7.97 57.37
C ASP E 365 23.41 6.91 58.28
N ASP E 366 22.08 6.92 58.40
CA ASP E 366 21.40 5.95 59.25
C ASP E 366 21.54 4.52 58.74
N LEU E 367 21.73 4.34 57.43
CA LEU E 367 21.88 3.01 56.86
C LEU E 367 23.25 2.42 57.14
N LEU E 368 24.30 3.21 56.91
CA LEU E 368 25.66 2.72 57.19
C LEU E 368 25.81 2.39 58.67
N ALA E 369 25.32 3.29 59.53
CA ALA E 369 25.30 3.02 60.97
C ALA E 369 24.58 1.72 61.27
N ASP E 370 23.53 1.42 60.52
CA ASP E 370 22.77 0.22 60.79
C ASP E 370 23.53 -1.02 60.31
N LEU E 371 24.02 -0.99 59.06
CA LEU E 371 24.84 -2.10 58.56
C LEU E 371 26.02 -2.36 59.48
N GLU E 372 26.54 -1.33 60.14
CA GLU E 372 27.60 -1.55 61.10
C GLU E 372 27.10 -2.41 62.27
N ARG E 373 25.86 -2.17 62.71
CA ARG E 373 25.25 -2.97 63.77
C ARG E 373 25.28 -4.44 63.40
N GLY E 374 25.09 -4.75 62.12
CA GLY E 374 25.12 -6.14 61.68
C GLY E 374 26.51 -6.71 61.52
N PHE E 375 27.47 -5.87 61.10
CA PHE E 375 28.84 -6.36 61.07
C PHE E 375 29.36 -6.58 62.46
N ALA E 376 28.98 -5.69 63.38
CA ALA E 376 29.43 -5.79 64.76
C ALA E 376 28.99 -7.12 65.39
N SER E 377 27.87 -7.65 64.95
CA SER E 377 27.29 -8.83 65.57
C SER E 377 27.93 -10.13 65.11
N ILE E 378 28.87 -10.09 64.16
CA ILE E 378 29.53 -11.28 63.64
C ILE E 378 31.05 -11.20 63.78
N GLN E 379 31.41 -10.81 65.00
CA GLN E 379 32.48 -11.53 65.71
C GLN E 379 31.96 -12.46 66.83
N ALA E 380 32.49 -13.71 66.87
CA ALA E 380 32.19 -14.67 67.97
C ALA E 380 33.13 -15.96 68.12
N MET F 1 -23.21 -23.41 63.64
CA MET F 1 -24.11 -22.29 63.36
C MET F 1 -24.86 -22.44 62.01
N LYS F 2 -26.10 -21.93 61.95
CA LYS F 2 -26.90 -21.98 60.73
C LYS F 2 -26.26 -21.14 59.62
N PHE F 3 -26.73 -21.31 58.38
CA PHE F 3 -26.03 -20.72 57.25
C PHE F 3 -26.05 -19.20 57.28
N GLU F 4 -27.18 -18.59 57.63
CA GLU F 4 -27.24 -17.14 57.70
C GLU F 4 -26.21 -16.60 58.69
N THR F 5 -25.96 -17.33 59.78
CA THR F 5 -25.03 -16.89 60.81
C THR F 5 -23.58 -17.07 60.37
N GLN F 6 -23.33 -18.04 59.47
CA GLN F 6 -21.97 -18.25 58.97
C GLN F 6 -21.52 -17.11 58.07
N LEU F 7 -22.45 -16.48 57.34
CA LEU F 7 -22.10 -15.33 56.51
C LEU F 7 -21.58 -14.18 57.34
N ILE F 8 -22.20 -13.95 58.50
CA ILE F 8 -21.85 -12.82 59.36
C ILE F 8 -20.56 -13.10 60.13
N HIS F 9 -20.36 -14.34 60.55
CA HIS F 9 -19.35 -14.67 61.55
C HIS F 9 -18.36 -15.73 61.11
N GLY F 10 -18.62 -16.47 60.04
CA GLY F 10 -17.77 -17.55 59.60
C GLY F 10 -16.51 -17.07 58.89
N GLY F 11 -15.78 -18.04 58.32
CA GLY F 11 -14.43 -17.74 57.86
C GLY F 11 -13.61 -17.13 58.98
N ILE F 12 -12.74 -16.20 58.63
CA ILE F 12 -12.21 -15.22 59.59
C ILE F 12 -12.99 -13.95 59.37
N SER F 13 -13.68 -13.47 60.39
CA SER F 13 -14.55 -12.31 60.20
C SER F 13 -14.23 -11.17 61.16
N GLU F 14 -13.13 -11.26 61.90
CA GLU F 14 -12.70 -10.19 62.80
C GLU F 14 -11.18 -10.25 62.93
N ASP F 15 -10.64 -9.49 63.88
CA ASP F 15 -9.22 -9.33 64.07
C ASP F 15 -8.86 -9.76 65.48
N ALA F 16 -8.07 -10.83 65.60
CA ALA F 16 -7.83 -11.43 66.90
C ALA F 16 -7.28 -10.40 67.90
N THR F 17 -6.29 -9.62 67.50
CA THR F 17 -5.58 -8.77 68.47
C THR F 17 -6.41 -7.56 68.92
N THR F 18 -7.13 -6.90 68.01
CA THR F 18 -7.81 -5.66 68.36
C THR F 18 -9.26 -5.84 68.73
N GLY F 19 -9.91 -6.87 68.20
CA GLY F 19 -11.35 -7.03 68.29
C GLY F 19 -12.10 -6.46 67.12
N ALA F 20 -11.40 -5.83 66.19
CA ALA F 20 -12.01 -5.17 65.06
C ALA F 20 -13.07 -6.05 64.44
N THR F 21 -14.27 -5.49 64.23
CA THR F 21 -15.40 -6.25 63.70
C THR F 21 -15.35 -6.29 62.17
N SER F 22 -14.14 -6.29 61.64
CA SER F 22 -13.91 -6.24 60.20
C SER F 22 -12.44 -6.52 59.94
N VAL F 23 -12.15 -7.61 59.25
CA VAL F 23 -10.80 -7.96 58.83
C VAL F 23 -10.10 -6.74 58.23
N PRO F 24 -8.99 -6.31 58.81
CA PRO F 24 -8.29 -5.14 58.26
C PRO F 24 -7.81 -5.38 56.86
N ILE F 25 -7.61 -4.30 56.12
CA ILE F 25 -7.16 -4.39 54.75
C ILE F 25 -5.65 -4.29 54.81
N TYR F 26 -4.98 -5.41 54.56
CA TYR F 26 -3.54 -5.52 54.73
C TYR F 26 -2.96 -5.22 53.36
N MET F 27 -2.68 -3.93 53.14
CA MET F 27 -2.12 -3.51 51.87
C MET F 27 -0.65 -3.87 51.74
N ALA F 28 0.03 -4.19 52.84
CA ALA F 28 1.48 -4.46 52.78
C ALA F 28 1.79 -5.53 51.74
N SER F 29 2.86 -5.29 50.97
CA SER F 29 3.30 -6.27 50.01
C SER F 29 4.10 -7.36 50.69
N THR F 30 4.85 -7.00 51.71
CA THR F 30 5.74 -7.93 52.39
C THR F 30 5.62 -7.73 53.89
N PHE F 31 6.16 -8.70 54.62
CA PHE F 31 6.06 -8.78 56.07
C PHE F 31 7.47 -8.99 56.63
N ARG F 32 7.84 -8.21 57.65
CA ARG F 32 9.11 -8.41 58.32
C ARG F 32 9.14 -9.76 59.04
N GLN F 33 10.35 -10.30 59.19
CA GLN F 33 10.54 -11.58 59.86
C GLN F 33 11.59 -11.44 60.96
N THR F 34 11.29 -11.96 62.15
CA THR F 34 12.25 -11.96 63.25
C THR F 34 13.29 -13.06 63.07
N LYS F 35 12.82 -14.28 62.85
CA LYS F 35 13.65 -15.34 62.35
C LYS F 35 13.13 -15.76 61.00
N ILE F 36 14.03 -16.27 60.18
CA ILE F 36 13.65 -16.69 58.83
C ILE F 36 12.78 -17.93 58.90
N GLY F 37 11.79 -18.01 58.00
CA GLY F 37 10.88 -19.15 57.94
C GLY F 37 9.77 -19.14 58.98
N GLN F 38 10.08 -18.65 60.20
CA GLN F 38 9.17 -18.59 61.37
C GLN F 38 8.00 -17.65 61.19
N ASN F 39 8.08 -16.77 60.23
CA ASN F 39 7.05 -15.75 60.09
C ASN F 39 5.73 -16.36 59.58
N GLN F 40 4.61 -15.87 60.11
CA GLN F 40 3.32 -16.44 59.71
C GLN F 40 2.97 -16.07 58.28
N TYR F 41 3.11 -14.80 57.92
CA TYR F 41 2.95 -14.34 56.55
C TYR F 41 4.29 -13.86 56.02
N GLU F 42 4.43 -13.85 54.70
CA GLU F 42 5.71 -13.47 54.12
C GLU F 42 5.51 -12.43 53.02
N TYR F 43 4.63 -12.73 52.07
CA TYR F 43 4.52 -11.92 50.86
C TYR F 43 3.07 -11.93 50.45
N SER F 44 2.54 -10.75 50.09
CA SER F 44 1.10 -10.56 49.99
C SER F 44 0.52 -11.48 48.92
N ARG F 45 1.30 -11.80 47.89
CA ARG F 45 0.83 -12.71 46.86
C ARG F 45 0.65 -14.11 47.41
N THR F 46 1.63 -14.59 48.20
CA THR F 46 1.55 -15.92 48.76
C THR F 46 0.40 -16.04 49.77
N GLY F 47 0.03 -14.94 50.40
CA GLY F 47 -1.13 -14.91 51.27
C GLY F 47 -0.99 -13.84 52.31
N ASN F 48 -2.13 -13.27 52.72
CA ASN F 48 -2.16 -12.14 53.62
C ASN F 48 -3.44 -12.25 54.45
N PRO F 49 -3.49 -11.58 55.61
CA PRO F 49 -4.70 -11.69 56.45
C PRO F 49 -5.99 -11.31 55.73
N THR F 50 -5.98 -10.35 54.81
CA THR F 50 -7.23 -9.90 54.19
C THR F 50 -7.79 -10.97 53.24
N ARG F 51 -7.00 -11.39 52.25
CA ARG F 51 -7.46 -12.45 51.35
C ARG F 51 -7.60 -13.79 52.05
N ALA F 52 -6.79 -14.06 53.07
CA ALA F 52 -6.94 -15.29 53.85
C ALA F 52 -8.34 -15.42 54.41
N ALA F 53 -8.94 -14.31 54.82
CA ALA F 53 -10.23 -14.36 55.49
C ALA F 53 -11.36 -14.61 54.49
N VAL F 54 -11.29 -13.97 53.33
CA VAL F 54 -12.28 -14.25 52.29
C VAL F 54 -12.20 -15.69 51.86
N GLU F 55 -10.96 -16.21 51.79
CA GLU F 55 -10.73 -17.60 51.42
C GLU F 55 -11.36 -18.52 52.44
N ALA F 56 -11.14 -18.25 53.71
CA ALA F 56 -11.78 -19.00 54.79
C ALA F 56 -13.30 -19.03 54.63
N LEU F 57 -13.90 -17.89 54.32
CA LEU F 57 -15.36 -17.79 54.33
C LEU F 57 -15.97 -18.60 53.20
N ILE F 58 -15.48 -18.42 51.96
CA ILE F 58 -16.09 -19.15 50.86
C ILE F 58 -16.00 -20.65 51.08
N ALA F 59 -14.98 -21.09 51.84
CA ALA F 59 -14.81 -22.52 52.07
C ALA F 59 -15.78 -23.05 53.15
N THR F 60 -15.99 -22.33 54.26
CA THR F 60 -16.98 -22.84 55.21
C THR F 60 -18.37 -22.80 54.60
N LEU F 61 -18.63 -21.79 53.76
CA LEU F 61 -19.92 -21.70 53.08
C LEU F 61 -20.13 -22.85 52.11
N GLU F 62 -19.06 -23.33 51.47
CA GLU F 62 -19.22 -24.36 50.47
C GLU F 62 -19.07 -25.76 51.01
N HIS F 63 -18.92 -25.89 52.35
CA HIS F 63 -18.73 -27.19 52.99
C HIS F 63 -17.50 -27.90 52.42
N GLY F 64 -16.44 -27.10 52.18
CA GLY F 64 -15.14 -27.59 51.79
C GLY F 64 -14.05 -27.27 52.80
N SER F 65 -12.84 -27.65 52.42
CA SER F 65 -11.69 -27.56 53.32
C SER F 65 -10.81 -26.33 53.08
N ALA F 66 -10.73 -25.82 51.86
CA ALA F 66 -9.80 -24.73 51.58
C ALA F 66 -10.38 -23.78 50.56
N GLY F 67 -10.27 -22.48 50.82
CA GLY F 67 -10.65 -21.45 49.87
C GLY F 67 -9.44 -20.86 49.16
N PHE F 68 -9.67 -20.37 47.95
CA PHE F 68 -8.63 -19.70 47.17
C PHE F 68 -9.26 -18.59 46.36
N ALA F 69 -8.84 -17.34 46.61
CA ALA F 69 -9.43 -16.18 45.94
C ALA F 69 -8.54 -15.71 44.80
N PHE F 70 -9.14 -15.43 43.65
CA PHE F 70 -8.43 -15.08 42.42
C PHE F 70 -8.93 -13.77 41.87
N ALA F 71 -8.14 -13.22 40.94
CA ALA F 71 -8.36 -11.87 40.42
C ALA F 71 -9.67 -11.74 39.66
N SER F 72 -10.16 -12.86 39.13
CA SER F 72 -11.40 -12.93 38.35
C SER F 72 -11.78 -14.39 38.29
N GLY F 73 -13.05 -14.66 37.96
CA GLY F 73 -13.48 -16.04 37.78
C GLY F 73 -12.72 -16.72 36.67
N SER F 74 -12.47 -15.99 35.59
CA SER F 74 -11.61 -16.48 34.51
C SER F 74 -10.24 -16.92 35.03
N ALA F 75 -9.61 -16.05 35.84
CA ALA F 75 -8.30 -16.36 36.41
C ALA F 75 -8.34 -17.59 37.31
N ALA F 76 -9.45 -17.78 38.04
CA ALA F 76 -9.63 -18.99 38.84
C ALA F 76 -9.71 -20.22 37.95
N ILE F 77 -10.55 -20.16 36.92
CA ILE F 77 -10.65 -21.27 35.96
C ILE F 77 -9.29 -21.58 35.36
N ASN F 78 -8.53 -20.54 35.01
CA ASN F 78 -7.27 -20.78 34.33
C ASN F 78 -6.29 -21.53 35.21
N THR F 79 -6.18 -21.18 36.50
CA THR F 79 -5.17 -21.88 37.28
C THR F 79 -5.69 -23.22 37.79
N VAL F 80 -7.01 -23.41 37.84
CA VAL F 80 -7.55 -24.74 38.08
C VAL F 80 -7.19 -25.68 36.94
N PHE F 81 -7.40 -25.23 35.70
CA PHE F 81 -7.01 -26.06 34.57
C PHE F 81 -5.51 -26.21 34.45
N SER F 82 -4.74 -25.37 35.14
CA SER F 82 -3.29 -25.53 35.17
C SER F 82 -2.85 -26.75 35.97
N LEU F 83 -3.78 -27.43 36.67
CA LEU F 83 -3.49 -28.76 37.19
C LEU F 83 -3.13 -29.74 36.07
N PHE F 84 -3.75 -29.59 34.90
CA PHE F 84 -3.59 -30.56 33.82
C PHE F 84 -2.40 -30.23 32.91
N SER F 85 -1.90 -31.26 32.25
CA SER F 85 -0.72 -31.18 31.40
C SER F 85 -1.08 -31.64 29.99
N ALA F 86 -0.17 -31.39 29.04
CA ALA F 86 -0.38 -31.83 27.66
C ALA F 86 -0.57 -33.33 27.61
N GLY F 87 -1.52 -33.77 26.80
CA GLY F 87 -1.95 -35.15 26.73
C GLY F 87 -3.28 -35.38 27.42
N ASP F 88 -3.58 -34.59 28.44
CA ASP F 88 -4.80 -34.79 29.22
C ASP F 88 -6.01 -34.43 28.38
N HIS F 89 -7.10 -35.17 28.58
CA HIS F 89 -8.38 -34.93 27.94
C HIS F 89 -9.38 -34.55 29.03
N ILE F 90 -10.18 -33.52 28.76
CA ILE F 90 -11.23 -33.07 29.68
C ILE F 90 -12.56 -33.13 28.95
N ILE F 91 -13.57 -33.66 29.63
CA ILE F 91 -14.95 -33.57 29.20
C ILE F 91 -15.54 -32.28 29.75
N VAL F 92 -16.18 -31.49 28.87
CA VAL F 92 -16.80 -30.23 29.25
C VAL F 92 -18.29 -30.27 28.88
N GLY F 93 -19.05 -29.39 29.52
CA GLY F 93 -20.47 -29.24 29.19
C GLY F 93 -20.69 -28.48 27.89
N ASN F 94 -21.71 -28.91 27.15
CA ASN F 94 -22.02 -28.30 25.85
C ASN F 94 -22.43 -26.83 25.96
N ASP F 95 -22.88 -26.39 27.14
CA ASP F 95 -23.30 -25.00 27.38
C ASP F 95 -22.53 -24.46 28.56
N VAL F 96 -21.47 -23.72 28.30
CA VAL F 96 -20.74 -23.02 29.34
C VAL F 96 -20.57 -21.58 28.90
N TYR F 97 -20.28 -20.73 29.88
CA TYR F 97 -20.00 -19.32 29.64
C TYR F 97 -18.99 -19.19 28.50
N GLY F 98 -19.27 -18.26 27.58
CA GLY F 98 -18.48 -18.14 26.37
C GLY F 98 -17.00 -17.97 26.63
N GLY F 99 -16.64 -17.34 27.75
CA GLY F 99 -15.23 -17.22 28.09
C GLY F 99 -14.58 -18.53 28.45
N THR F 100 -15.29 -19.40 29.17
CA THR F 100 -14.75 -20.73 29.42
C THR F 100 -14.51 -21.46 28.11
N PHE F 101 -15.45 -21.30 27.17
CA PHE F 101 -15.26 -21.77 25.81
C PHE F 101 -14.00 -21.15 25.19
N ARG F 102 -13.83 -19.85 25.34
CA ARG F 102 -12.69 -19.15 24.76
C ARG F 102 -11.37 -19.60 25.37
N LEU F 103 -11.28 -19.64 26.71
CA LEU F 103 -10.05 -20.05 27.35
C LEU F 103 -9.62 -21.44 26.90
N ILE F 104 -10.60 -22.33 26.72
CA ILE F 104 -10.32 -23.69 26.25
C ILE F 104 -9.77 -23.66 24.83
N ASP F 105 -10.53 -23.07 23.90
CA ASP F 105 -10.18 -23.10 22.48
C ASP F 105 -8.92 -22.31 22.18
N ALA F 106 -8.82 -21.10 22.75
CA ALA F 106 -7.76 -20.16 22.40
C ALA F 106 -6.52 -20.31 23.25
N VAL F 107 -6.62 -20.90 24.44
CA VAL F 107 -5.43 -21.05 25.25
C VAL F 107 -5.14 -22.51 25.58
N LEU F 108 -6.11 -23.19 26.18
CA LEU F 108 -5.80 -24.48 26.80
C LEU F 108 -5.40 -25.52 25.76
N LYS F 109 -6.06 -25.52 24.61
CA LYS F 109 -5.68 -26.46 23.55
C LYS F 109 -4.28 -26.21 23.02
N HIS F 110 -3.76 -24.98 23.15
CA HIS F 110 -2.36 -24.73 22.85
C HIS F 110 -1.45 -25.57 23.74
N PHE F 111 -1.90 -25.89 24.95
CA PHE F 111 -1.06 -26.55 25.93
C PHE F 111 -1.12 -28.07 25.83
N GLY F 112 -1.60 -28.61 24.71
CA GLY F 112 -1.71 -30.03 24.56
C GLY F 112 -2.92 -30.66 25.22
N MET F 113 -3.85 -29.85 25.73
CA MET F 113 -5.07 -30.35 26.35
C MET F 113 -6.17 -30.49 25.32
N THR F 114 -6.89 -31.61 25.37
CA THR F 114 -7.94 -31.94 24.43
C THR F 114 -9.29 -31.89 25.13
N PHE F 115 -10.34 -31.54 24.37
CA PHE F 115 -11.65 -31.36 24.98
C PHE F 115 -12.74 -32.02 24.14
N THR F 116 -13.78 -32.47 24.84
CA THR F 116 -14.98 -33.03 24.25
C THR F 116 -16.20 -32.38 24.92
N ALA F 117 -17.05 -31.73 24.12
CA ALA F 117 -18.28 -31.13 24.63
C ALA F 117 -19.42 -32.14 24.70
N VAL F 118 -20.16 -32.11 25.80
CA VAL F 118 -21.12 -33.15 26.14
C VAL F 118 -22.27 -32.52 26.93
N ASP F 119 -23.51 -32.84 26.55
CA ASP F 119 -24.68 -32.47 27.35
C ASP F 119 -24.67 -33.33 28.61
N THR F 120 -24.13 -32.79 29.69
CA THR F 120 -23.96 -33.59 30.89
C THR F 120 -25.27 -33.89 31.62
N ARG F 121 -26.42 -33.49 31.07
CA ARG F 121 -27.68 -34.05 31.54
C ARG F 121 -27.87 -35.49 31.08
N ASP F 122 -27.37 -35.83 29.90
CA ASP F 122 -27.30 -37.21 29.41
C ASP F 122 -26.05 -37.85 30.00
N LEU F 123 -26.23 -38.70 31.01
CA LEU F 123 -25.07 -39.33 31.64
C LEU F 123 -24.40 -40.34 30.73
N ALA F 124 -25.17 -41.02 29.87
CA ALA F 124 -24.56 -41.94 28.93
C ALA F 124 -23.65 -41.21 27.95
N ALA F 125 -24.07 -40.02 27.50
CA ALA F 125 -23.19 -39.19 26.69
C ALA F 125 -21.88 -38.91 27.42
N VAL F 126 -21.98 -38.58 28.72
CA VAL F 126 -20.79 -38.32 29.52
C VAL F 126 -19.97 -39.59 29.66
N GLU F 127 -20.60 -40.66 30.11
CA GLU F 127 -19.92 -41.95 30.25
C GLU F 127 -19.20 -42.32 28.97
N ALA F 128 -19.83 -42.08 27.81
CA ALA F 128 -19.26 -42.47 26.54
C ALA F 128 -18.08 -41.61 26.13
N ALA F 129 -17.91 -40.44 26.72
CA ALA F 129 -16.85 -39.53 26.32
C ALA F 129 -15.52 -39.82 26.99
N ILE F 130 -15.50 -40.73 27.96
CA ILE F 130 -14.36 -40.95 28.86
C ILE F 130 -13.32 -41.82 28.15
N THR F 131 -12.17 -41.24 27.83
CA THR F 131 -11.07 -41.92 27.18
C THR F 131 -9.97 -42.23 28.18
N PRO F 132 -9.01 -43.09 27.82
CA PRO F 132 -7.93 -43.42 28.76
C PRO F 132 -7.09 -42.23 29.19
N THR F 133 -7.02 -41.18 28.38
CA THR F 133 -6.33 -39.96 28.76
C THR F 133 -7.25 -38.92 29.40
N THR F 134 -8.51 -39.25 29.63
CA THR F 134 -9.41 -38.30 30.29
C THR F 134 -9.05 -38.19 31.77
N LYS F 135 -9.05 -36.96 32.27
CA LYS F 135 -8.61 -36.66 33.61
C LYS F 135 -9.63 -35.91 34.46
N ALA F 136 -10.67 -35.32 33.85
CA ALA F 136 -11.60 -34.50 34.61
C ALA F 136 -12.89 -34.32 33.82
N ILE F 137 -13.92 -33.86 34.54
CA ILE F 137 -15.22 -33.47 34.00
C ILE F 137 -15.52 -32.06 34.50
N TYR F 138 -15.65 -31.10 33.58
CA TYR F 138 -15.92 -29.71 33.92
C TYR F 138 -17.29 -29.31 33.39
N LEU F 139 -18.10 -28.71 34.26
CA LEU F 139 -19.44 -28.33 33.85
C LEU F 139 -19.97 -27.22 34.75
N GLU F 140 -20.97 -26.49 34.23
CA GLU F 140 -21.76 -25.57 35.04
C GLU F 140 -23.20 -26.06 35.13
N THR F 141 -23.82 -25.74 36.25
CA THR F 141 -25.25 -25.95 36.48
C THR F 141 -25.70 -24.95 37.54
N PRO F 142 -26.63 -24.04 37.20
CA PRO F 142 -27.17 -23.89 35.84
C PRO F 142 -26.17 -23.33 34.82
N THR F 143 -26.35 -23.70 33.56
CA THR F 143 -25.41 -23.28 32.52
C THR F 143 -25.70 -21.86 32.09
N ASN F 144 -24.65 -21.21 31.57
CA ASN F 144 -24.70 -19.86 31.05
C ASN F 144 -24.89 -19.94 29.53
N PRO F 145 -26.03 -19.50 28.96
CA PRO F 145 -27.19 -18.84 29.57
C PRO F 145 -28.46 -19.70 29.56
N LEU F 146 -28.38 -20.94 29.10
CA LEU F 146 -29.61 -21.72 28.92
C LEU F 146 -30.09 -22.39 30.19
N LEU F 147 -29.28 -22.38 31.25
CA LEU F 147 -29.70 -22.84 32.58
C LEU F 147 -30.07 -24.32 32.56
N HIS F 148 -29.32 -25.10 31.79
CA HIS F 148 -29.47 -26.55 31.83
C HIS F 148 -29.06 -27.07 33.21
N ILE F 149 -29.95 -27.79 33.87
CA ILE F 149 -29.63 -28.34 35.19
C ILE F 149 -29.05 -29.73 35.04
N THR F 150 -27.84 -29.93 35.55
CA THR F 150 -27.11 -31.18 35.50
C THR F 150 -27.19 -31.88 36.85
N ASP F 151 -27.11 -33.20 36.84
CA ASP F 151 -27.18 -33.97 38.10
C ASP F 151 -25.79 -34.03 38.70
N ILE F 152 -25.56 -33.24 39.74
CA ILE F 152 -24.20 -33.11 40.25
C ILE F 152 -23.73 -34.43 40.84
N ALA F 153 -24.50 -34.98 41.79
CA ALA F 153 -24.11 -36.23 42.42
C ALA F 153 -23.95 -37.36 41.42
N ALA F 154 -24.74 -37.35 40.36
CA ALA F 154 -24.54 -38.35 39.31
C ALA F 154 -23.18 -38.18 38.66
N ILE F 155 -22.85 -36.94 38.26
CA ILE F 155 -21.58 -36.72 37.57
C ILE F 155 -20.42 -37.01 38.51
N ALA F 156 -20.58 -36.67 39.78
CA ALA F 156 -19.56 -36.98 40.78
C ALA F 156 -19.28 -38.48 40.87
N LYS F 157 -20.33 -39.30 40.96
CA LYS F 157 -20.14 -40.76 41.04
C LYS F 157 -19.46 -41.29 39.79
N LEU F 158 -19.90 -40.83 38.61
CA LEU F 158 -19.20 -41.16 37.38
C LEU F 158 -17.72 -40.84 37.48
N ALA F 159 -17.39 -39.68 38.05
CA ALA F 159 -16.01 -39.23 38.12
C ALA F 159 -15.18 -40.15 39.00
N GLN F 160 -15.69 -40.47 40.20
CA GLN F 160 -14.93 -41.32 41.12
C GLN F 160 -14.75 -42.71 40.57
N ALA F 161 -15.77 -43.23 39.87
CA ALA F 161 -15.72 -44.54 39.26
C ALA F 161 -14.59 -44.67 38.25
N HIS F 162 -14.10 -43.55 37.73
CA HIS F 162 -13.10 -43.59 36.67
C HIS F 162 -11.85 -42.78 37.02
N ASP F 163 -11.67 -42.45 38.30
CA ASP F 163 -10.49 -41.72 38.78
C ASP F 163 -10.32 -40.41 38.04
N LEU F 164 -11.44 -39.72 37.85
CA LEU F 164 -11.57 -38.39 37.26
C LEU F 164 -11.80 -37.34 38.33
N LEU F 165 -11.51 -36.09 37.98
CA LEU F 165 -11.82 -34.94 38.81
C LEU F 165 -13.13 -34.31 38.36
N SER F 166 -13.96 -33.92 39.31
CA SER F 166 -15.21 -33.22 39.01
C SER F 166 -15.01 -31.75 39.35
N ILE F 167 -15.22 -30.89 38.36
CA ILE F 167 -15.12 -29.45 38.52
C ILE F 167 -16.47 -28.85 38.14
N ILE F 168 -17.17 -28.27 39.13
CA ILE F 168 -18.46 -27.63 38.92
C ILE F 168 -18.30 -26.13 39.08
N ASP F 169 -18.83 -25.36 38.12
CA ASP F 169 -18.82 -23.89 38.12
C ASP F 169 -20.13 -23.43 38.77
N ASN F 170 -20.07 -23.09 40.06
CA ASN F 170 -21.26 -22.86 40.89
C ASN F 170 -21.70 -21.40 40.90
N THR F 171 -21.36 -20.64 39.85
CA THR F 171 -21.55 -19.20 39.88
C THR F 171 -23.02 -18.82 39.97
N PHE F 172 -23.87 -19.47 39.17
CA PHE F 172 -25.26 -19.04 39.08
C PHE F 172 -26.05 -19.45 40.32
N ALA F 173 -25.76 -20.61 40.88
CA ALA F 173 -26.54 -20.99 42.06
C ALA F 173 -26.05 -20.26 43.31
N SER F 174 -24.74 -20.31 43.58
CA SER F 174 -24.05 -19.82 44.77
C SER F 174 -24.29 -20.77 45.94
N PRO F 175 -23.46 -20.74 46.99
CA PRO F 175 -23.63 -21.75 48.05
C PRO F 175 -24.99 -21.67 48.73
N TYR F 176 -25.71 -20.57 48.60
CA TYR F 176 -27.04 -20.50 49.18
C TYR F 176 -27.99 -21.48 48.50
N VAL F 177 -27.77 -21.76 47.22
CA VAL F 177 -28.65 -22.64 46.45
C VAL F 177 -28.06 -24.05 46.30
N GLN F 178 -26.75 -24.15 46.04
CA GLN F 178 -26.05 -25.42 45.77
C GLN F 178 -24.72 -25.44 46.50
N LYS F 179 -24.36 -26.59 47.05
CA LYS F 179 -23.04 -26.80 47.64
C LYS F 179 -22.46 -28.09 47.04
N PRO F 180 -22.01 -28.03 45.79
CA PRO F 180 -21.58 -29.24 45.07
C PRO F 180 -20.57 -30.13 45.79
N LEU F 181 -19.76 -29.59 46.71
CA LEU F 181 -18.82 -30.45 47.43
C LEU F 181 -19.52 -31.48 48.29
N ASP F 182 -20.78 -31.21 48.62
CA ASP F 182 -21.64 -32.07 49.41
C ASP F 182 -22.27 -33.19 48.59
N LEU F 183 -22.02 -33.22 47.26
CA LEU F 183 -22.55 -34.25 46.38
C LEU F 183 -21.46 -35.09 45.74
N GLY F 184 -20.21 -34.90 46.17
CA GLY F 184 -19.11 -35.76 45.77
C GLY F 184 -18.07 -35.12 44.88
N VAL F 185 -18.16 -33.80 44.67
CA VAL F 185 -17.28 -33.11 43.75
C VAL F 185 -15.96 -32.81 44.46
N ASP F 186 -14.88 -32.67 43.69
CA ASP F 186 -13.55 -32.37 44.20
C ASP F 186 -13.24 -30.89 44.24
N ILE F 187 -13.67 -30.14 43.24
CA ILE F 187 -13.32 -28.73 43.09
C ILE F 187 -14.62 -27.96 42.81
N VAL F 188 -14.83 -26.86 43.54
CA VAL F 188 -15.91 -25.92 43.27
C VAL F 188 -15.31 -24.55 43.00
N LEU F 189 -15.82 -23.85 41.98
CA LEU F 189 -15.26 -22.57 41.58
C LEU F 189 -16.38 -21.60 41.25
N HIS F 190 -16.11 -20.31 41.46
CA HIS F 190 -17.09 -19.25 41.40
C HIS F 190 -16.53 -18.06 40.60
N SER F 191 -17.38 -17.43 39.83
CA SER F 191 -17.16 -16.03 39.44
C SER F 191 -17.81 -15.19 40.53
N ALA F 192 -17.01 -14.76 41.49
CA ALA F 192 -17.50 -13.97 42.62
C ALA F 192 -17.91 -12.56 42.19
N SER F 193 -17.73 -12.22 40.91
CA SER F 193 -18.29 -10.99 40.37
C SER F 193 -19.79 -11.02 40.38
N ALA F 194 -20.38 -12.22 40.35
CA ALA F 194 -21.82 -12.38 40.34
C ALA F 194 -22.39 -12.22 41.74
N TYR F 195 -22.91 -13.30 42.31
CA TYR F 195 -23.77 -13.14 43.46
C TYR F 195 -23.00 -13.00 44.76
N LEU F 196 -21.74 -13.42 44.81
CA LEU F 196 -21.05 -13.45 46.09
C LEU F 196 -20.60 -12.06 46.50
N GLY F 197 -20.10 -11.29 45.53
CA GLY F 197 -19.94 -9.86 45.75
C GLY F 197 -21.28 -9.14 45.73
N GLY F 198 -22.16 -9.52 44.80
CA GLY F 198 -23.55 -9.10 44.74
C GLY F 198 -23.87 -7.63 44.50
N HIS F 199 -22.87 -6.77 44.53
CA HIS F 199 -23.10 -5.34 44.47
C HIS F 199 -22.64 -4.72 43.17
N SER F 200 -22.20 -5.52 42.20
CA SER F 200 -21.83 -4.99 40.90
C SER F 200 -20.61 -4.09 41.00
N ASP F 201 -19.73 -4.34 41.97
CA ASP F 201 -18.52 -3.55 42.07
C ASP F 201 -17.29 -4.37 42.46
N VAL F 202 -17.23 -5.64 42.07
CA VAL F 202 -16.08 -6.48 42.36
C VAL F 202 -15.98 -7.51 41.25
N ILE F 203 -14.79 -7.64 40.68
CA ILE F 203 -14.41 -8.76 39.83
C ILE F 203 -13.54 -9.68 40.66
N GLY F 204 -13.83 -10.97 40.64
CA GLY F 204 -13.04 -11.89 41.40
C GLY F 204 -13.54 -13.30 41.19
N GLY F 205 -12.65 -14.26 41.49
CA GLY F 205 -13.00 -15.66 41.44
C GLY F 205 -12.67 -16.34 42.75
N LEU F 206 -13.32 -17.48 42.96
CA LEU F 206 -13.10 -18.28 44.15
C LEU F 206 -13.03 -19.73 43.75
N VAL F 207 -12.12 -20.46 44.37
CA VAL F 207 -12.06 -21.91 44.25
C VAL F 207 -12.10 -22.49 45.66
N VAL F 208 -12.87 -23.55 45.85
CA VAL F 208 -12.92 -24.27 47.11
C VAL F 208 -12.77 -25.75 46.81
N THR F 209 -11.84 -26.38 47.51
CA THR F 209 -11.48 -27.76 47.31
C THR F 209 -11.94 -28.52 48.54
N LYS F 210 -12.29 -29.80 48.37
CA LYS F 210 -12.77 -30.54 49.54
C LYS F 210 -11.67 -31.35 50.21
N THR F 211 -10.91 -32.14 49.45
CA THR F 211 -9.77 -32.83 50.01
C THR F 211 -8.71 -31.83 50.41
N PRO F 212 -7.86 -32.19 51.36
CA PRO F 212 -6.76 -31.31 51.74
C PRO F 212 -5.57 -31.39 50.80
N ALA F 213 -5.39 -32.52 50.10
CA ALA F 213 -4.25 -32.68 49.21
C ALA F 213 -4.44 -31.96 47.88
N LEU F 214 -5.67 -31.68 47.49
CA LEU F 214 -5.96 -30.87 46.32
C LEU F 214 -5.98 -29.39 46.64
N GLY F 215 -6.31 -29.04 47.89
CA GLY F 215 -6.03 -27.69 48.37
C GLY F 215 -4.56 -27.33 48.26
N GLU F 216 -3.67 -28.29 48.58
CA GLU F 216 -2.23 -28.06 48.40
C GLU F 216 -1.91 -27.73 46.94
N LYS F 217 -2.52 -28.47 46.00
CA LYS F 217 -2.21 -28.29 44.58
C LYS F 217 -2.73 -26.95 44.06
N ILE F 218 -3.99 -26.63 44.38
CA ILE F 218 -4.58 -25.38 43.93
C ILE F 218 -3.87 -24.19 44.57
N GLY F 219 -3.43 -24.35 45.81
CA GLY F 219 -2.67 -23.29 46.45
C GLY F 219 -1.33 -23.06 45.79
N TYR F 220 -0.58 -24.15 45.56
CA TYR F 220 0.73 -24.03 44.92
C TYR F 220 0.62 -23.30 43.60
N LEU F 221 -0.46 -23.55 42.86
CA LEU F 221 -0.69 -22.88 41.59
C LEU F 221 -1.13 -21.43 41.77
N GLN F 222 -2.02 -21.18 42.74
CA GLN F 222 -2.44 -19.81 43.04
C GLN F 222 -1.23 -18.91 43.25
N ASN F 223 -0.26 -19.39 44.02
CA ASN F 223 0.92 -18.60 44.34
C ASN F 223 1.94 -18.59 43.20
N ALA F 224 2.11 -19.72 42.50
CA ALA F 224 3.11 -19.78 41.43
C ALA F 224 2.68 -18.99 40.22
N ILE F 225 1.38 -18.98 39.92
CA ILE F 225 0.85 -18.20 38.81
C ILE F 225 0.47 -16.79 39.24
N GLY F 226 0.02 -16.61 40.49
CA GLY F 226 -0.15 -15.28 41.04
C GLY F 226 -1.40 -14.52 40.67
N SER F 227 -2.34 -15.13 39.93
CA SER F 227 -3.55 -14.42 39.56
C SER F 227 -4.47 -14.25 40.77
N ILE F 228 -3.96 -13.61 41.83
CA ILE F 228 -4.67 -13.53 43.12
C ILE F 228 -5.61 -12.34 43.15
N LEU F 229 -6.58 -12.41 44.07
CA LEU F 229 -7.47 -11.30 44.39
C LEU F 229 -6.82 -10.35 45.38
N ALA F 230 -6.83 -9.07 45.07
CA ALA F 230 -6.11 -8.08 45.82
C ALA F 230 -6.82 -7.72 47.13
N PRO F 231 -6.10 -7.11 48.08
CA PRO F 231 -6.67 -6.87 49.41
C PRO F 231 -7.96 -6.07 49.45
N GLN F 232 -8.03 -4.93 48.77
CA GLN F 232 -9.26 -4.14 48.81
C GLN F 232 -10.44 -4.95 48.29
N GLU F 233 -10.24 -5.68 47.20
CA GLU F 233 -11.35 -6.37 46.58
C GLU F 233 -11.63 -7.70 47.25
N SER F 234 -10.63 -8.31 47.89
CA SER F 234 -10.93 -9.38 48.81
C SER F 234 -11.83 -8.86 49.92
N TRP F 235 -11.51 -7.69 50.46
CA TRP F 235 -12.31 -7.13 51.53
C TRP F 235 -13.74 -6.80 51.07
N LEU F 236 -13.88 -6.32 49.84
CA LEU F 236 -15.22 -6.01 49.36
C LEU F 236 -16.05 -7.27 49.13
N LEU F 237 -15.47 -8.29 48.47
CA LEU F 237 -16.14 -9.59 48.37
C LEU F 237 -16.70 -10.02 49.70
N GLN F 238 -15.83 -10.14 50.70
CA GLN F 238 -16.31 -10.62 51.98
C GLN F 238 -17.38 -9.70 52.55
N ARG F 239 -17.28 -8.40 52.27
CA ARG F 239 -18.33 -7.48 52.71
C ARG F 239 -19.65 -7.79 51.99
N GLY F 240 -19.60 -7.97 50.67
CA GLY F 240 -20.80 -8.31 49.93
C GLY F 240 -21.33 -9.69 50.23
N MET F 241 -20.47 -10.59 50.68
CA MET F 241 -20.89 -11.94 51.00
C MET F 241 -21.76 -11.99 52.23
N LYS F 242 -21.57 -11.06 53.17
CA LYS F 242 -22.33 -11.09 54.41
C LYS F 242 -23.84 -10.97 54.17
N THR F 243 -24.26 -10.35 53.07
CA THR F 243 -25.68 -10.18 52.76
C THR F 243 -26.19 -11.20 51.77
N LEU F 244 -25.38 -12.20 51.42
CA LEU F 244 -25.75 -13.16 50.37
C LEU F 244 -27.13 -13.76 50.62
N ALA F 245 -27.39 -14.18 51.85
CA ALA F 245 -28.67 -14.82 52.13
C ALA F 245 -29.82 -13.85 51.91
N LEU F 246 -29.76 -12.67 52.54
CA LEU F 246 -30.80 -11.66 52.36
C LEU F 246 -31.01 -11.32 50.88
N ARG F 247 -29.91 -11.09 50.16
CA ARG F 247 -30.01 -10.73 48.75
C ARG F 247 -30.55 -11.90 47.93
N MET F 248 -30.09 -13.11 48.23
CA MET F 248 -30.46 -14.23 47.37
C MET F 248 -31.94 -14.58 47.50
N GLN F 249 -32.52 -14.47 48.70
CA GLN F 249 -33.97 -14.66 48.81
C GLN F 249 -34.70 -13.66 47.93
N ALA F 250 -34.31 -12.40 48.01
CA ALA F 250 -34.97 -11.37 47.24
C ALA F 250 -34.89 -11.68 45.74
N HIS F 251 -33.70 -12.11 45.29
CA HIS F 251 -33.51 -12.54 43.90
C HIS F 251 -34.46 -13.68 43.53
N LEU F 252 -34.42 -14.77 44.31
CA LEU F 252 -35.20 -15.95 43.99
C LEU F 252 -36.67 -15.64 43.91
N ASN F 253 -37.17 -14.86 44.87
CA ASN F 253 -38.58 -14.52 44.95
C ASN F 253 -38.99 -13.69 43.75
N ASN F 254 -38.23 -12.62 43.47
CA ASN F 254 -38.48 -11.81 42.30
C ASN F 254 -38.51 -12.67 41.04
N ALA F 255 -37.62 -13.67 40.96
CA ALA F 255 -37.52 -14.47 39.73
C ALA F 255 -38.73 -15.39 39.58
N ALA F 256 -39.20 -15.98 40.68
CA ALA F 256 -40.49 -16.64 40.63
C ALA F 256 -41.54 -15.74 40.01
N LYS F 257 -41.59 -14.48 40.46
CA LYS F 257 -42.61 -13.55 39.97
C LYS F 257 -42.39 -13.21 38.51
N ILE F 258 -41.14 -13.09 38.07
CA ILE F 258 -40.85 -12.75 36.68
C ILE F 258 -41.20 -13.91 35.75
N PHE F 259 -40.97 -15.15 36.21
CA PHE F 259 -41.29 -16.30 35.36
C PHE F 259 -42.79 -16.44 35.13
N THR F 260 -43.58 -16.52 36.23
CA THR F 260 -45.04 -16.56 36.06
C THR F 260 -45.51 -15.42 35.16
N TYR F 261 -44.89 -14.24 35.28
CA TYR F 261 -45.25 -13.09 34.47
C TYR F 261 -44.88 -13.28 33.00
N LEU F 262 -43.68 -13.80 32.73
CA LEU F 262 -43.28 -13.98 31.34
C LEU F 262 -44.05 -15.11 30.68
N LYS F 263 -44.42 -16.14 31.47
CA LYS F 263 -45.16 -17.27 30.94
C LYS F 263 -46.54 -16.83 30.44
N SER F 264 -47.18 -15.91 31.15
CA SER F 264 -48.44 -15.29 30.78
C SER F 264 -48.33 -14.27 29.64
N HIS F 265 -47.19 -14.19 28.95
CA HIS F 265 -47.05 -13.33 27.80
C HIS F 265 -46.95 -14.17 26.54
N PRO F 266 -47.84 -13.95 25.57
CA PRO F 266 -47.76 -14.71 24.31
C PRO F 266 -46.65 -14.22 23.42
N ALA F 267 -46.20 -12.98 23.63
CA ALA F 267 -45.00 -12.48 22.97
C ALA F 267 -43.78 -13.34 23.27
N VAL F 268 -43.77 -14.03 24.40
CA VAL F 268 -42.64 -14.84 24.86
C VAL F 268 -42.88 -16.28 24.40
N THR F 269 -42.05 -16.73 23.46
CA THR F 269 -42.25 -18.00 22.76
C THR F 269 -41.57 -19.19 23.46
N LYS F 270 -40.44 -18.97 24.15
CA LYS F 270 -39.76 -20.01 24.92
C LYS F 270 -39.12 -19.38 26.15
N ILE F 271 -39.02 -20.16 27.23
CA ILE F 271 -38.45 -19.66 28.49
C ILE F 271 -37.51 -20.70 29.08
N TYR F 272 -36.40 -20.23 29.60
CA TYR F 272 -35.42 -21.08 30.28
C TYR F 272 -35.40 -20.67 31.74
N TYR F 273 -35.89 -21.55 32.60
CA TYR F 273 -35.97 -21.35 34.05
C TYR F 273 -35.96 -22.72 34.72
N PRO F 274 -35.03 -22.98 35.61
CA PRO F 274 -34.98 -24.30 36.26
C PRO F 274 -36.24 -24.63 37.05
N GLY F 275 -37.11 -23.65 37.29
CA GLY F 275 -38.36 -23.90 37.96
C GLY F 275 -39.55 -24.01 37.04
N ASP F 276 -39.33 -23.89 35.74
CA ASP F 276 -40.35 -24.24 34.76
C ASP F 276 -40.74 -25.70 34.97
N PRO F 277 -42.01 -25.99 35.25
CA PRO F 277 -42.38 -27.38 35.57
C PRO F 277 -42.54 -28.31 34.37
N ASP F 278 -42.79 -27.79 33.16
CA ASP F 278 -42.71 -28.62 31.98
C ASP F 278 -41.27 -28.85 31.50
N ASN F 279 -40.33 -28.05 31.99
CA ASN F 279 -38.90 -28.26 31.78
C ASN F 279 -38.47 -29.60 32.37
N PRO F 280 -37.90 -30.51 31.57
CA PRO F 280 -37.53 -31.83 32.12
C PRO F 280 -36.47 -31.74 33.20
N ASP F 281 -35.71 -30.66 33.25
CA ASP F 281 -34.74 -30.50 34.34
C ASP F 281 -35.41 -30.23 35.67
N PHE F 282 -36.74 -30.08 35.70
CA PHE F 282 -37.41 -29.53 36.87
C PHE F 282 -37.16 -30.36 38.12
N SER F 283 -37.05 -31.68 37.98
CA SER F 283 -37.03 -32.47 39.20
C SER F 283 -35.63 -32.57 39.79
N ILE F 284 -34.60 -32.72 38.95
CA ILE F 284 -33.22 -32.71 39.43
C ILE F 284 -32.90 -31.35 40.02
N ALA F 285 -33.59 -30.31 39.55
CA ALA F 285 -33.41 -28.99 40.12
C ALA F 285 -33.95 -28.93 41.54
N LYS F 286 -35.20 -29.37 41.74
CA LYS F 286 -35.77 -29.42 43.09
C LYS F 286 -34.89 -30.21 44.04
N GLN F 287 -34.30 -31.29 43.55
CA GLN F 287 -33.62 -32.25 44.39
C GLN F 287 -32.29 -31.70 44.90
N GLN F 288 -31.59 -30.92 44.07
CA GLN F 288 -30.24 -30.46 44.41
C GLN F 288 -30.12 -28.95 44.53
N MET F 289 -31.22 -28.20 44.45
CA MET F 289 -31.16 -26.75 44.46
C MET F 289 -32.16 -26.17 45.46
N ASN F 290 -31.66 -25.33 46.36
CA ASN F 290 -32.48 -24.66 47.37
C ASN F 290 -32.91 -23.33 46.75
N GLY F 291 -34.03 -23.36 46.07
CA GLY F 291 -34.40 -22.31 45.14
C GLY F 291 -34.06 -22.73 43.72
N PHE F 292 -34.62 -21.99 42.76
CA PHE F 292 -34.40 -22.31 41.35
C PHE F 292 -33.46 -21.33 40.64
N GLY F 293 -32.70 -20.53 41.39
CA GLY F 293 -31.91 -19.47 40.82
C GLY F 293 -32.75 -18.24 40.48
N ALA F 294 -32.05 -17.18 40.07
CA ALA F 294 -32.69 -15.92 39.73
C ALA F 294 -32.24 -15.46 38.34
N MET F 295 -31.96 -16.43 37.48
CA MET F 295 -31.68 -16.21 36.07
C MET F 295 -32.81 -16.81 35.24
N ILE F 296 -33.34 -16.03 34.31
CA ILE F 296 -34.34 -16.48 33.36
C ILE F 296 -33.85 -16.06 31.99
N SER F 297 -33.81 -16.99 31.06
CA SER F 297 -33.61 -16.65 29.66
C SER F 297 -34.88 -16.95 28.88
N PHE F 298 -35.16 -16.13 27.87
CA PHE F 298 -36.41 -16.27 27.14
C PHE F 298 -36.24 -15.74 25.73
N GLU F 299 -37.12 -16.21 24.84
CA GLU F 299 -37.15 -15.82 23.44
C GLU F 299 -38.48 -15.14 23.14
N LEU F 300 -38.44 -14.13 22.28
CA LEU F 300 -39.65 -13.46 21.81
C LEU F 300 -40.08 -14.05 20.47
N GLN F 301 -41.27 -13.65 20.01
CA GLN F 301 -41.79 -14.22 18.77
C GLN F 301 -40.92 -13.79 17.60
N PRO F 302 -40.72 -14.66 16.61
CA PRO F 302 -39.56 -14.49 15.71
C PRO F 302 -39.52 -13.17 14.98
N GLY F 303 -40.66 -12.55 14.74
CA GLY F 303 -40.62 -11.23 14.17
C GLY F 303 -40.30 -10.11 15.14
N MET F 304 -40.12 -10.41 16.43
CA MET F 304 -39.97 -9.39 17.46
C MET F 304 -38.50 -9.15 17.78
N ASN F 305 -38.12 -7.87 17.85
CA ASN F 305 -36.73 -7.45 17.95
C ASN F 305 -36.28 -7.38 19.41
N PRO F 306 -35.33 -8.21 19.83
CA PRO F 306 -34.94 -8.21 21.25
C PRO F 306 -34.12 -7.00 21.64
N GLN F 307 -33.49 -6.36 20.68
CA GLN F 307 -32.73 -5.16 21.01
C GLN F 307 -33.65 -3.99 21.24
N THR F 308 -34.71 -3.89 20.44
CA THR F 308 -35.75 -2.92 20.74
C THR F 308 -36.30 -3.14 22.14
N PHE F 309 -36.63 -4.40 22.46
CA PHE F 309 -37.18 -4.74 23.77
C PHE F 309 -36.23 -4.30 24.88
N VAL F 310 -34.95 -4.53 24.68
CA VAL F 310 -33.98 -4.33 25.73
C VAL F 310 -33.60 -2.86 25.87
N GLU F 311 -33.39 -2.18 24.76
CA GLU F 311 -33.06 -0.76 24.75
C GLU F 311 -34.22 0.13 25.18
N HIS F 312 -35.38 -0.46 25.51
CA HIS F 312 -36.51 0.31 25.97
C HIS F 312 -36.89 -0.03 27.42
N LEU F 313 -36.11 -0.88 28.09
CA LEU F 313 -36.22 -1.04 29.53
C LEU F 313 -35.46 0.10 30.21
N GLN F 314 -35.89 0.47 31.41
CA GLN F 314 -35.38 1.68 32.07
C GLN F 314 -35.08 1.54 33.55
N VAL F 315 -35.72 0.60 34.22
CA VAL F 315 -35.26 0.14 35.53
C VAL F 315 -34.27 -1.01 35.37
N ILE F 316 -34.62 -1.99 34.54
CA ILE F 316 -33.66 -3.00 34.13
C ILE F 316 -32.59 -2.35 33.26
N THR F 317 -31.39 -2.90 33.32
CA THR F 317 -30.20 -2.23 32.83
C THR F 317 -29.43 -3.11 31.86
N LEU F 318 -29.20 -2.58 30.66
CA LEU F 318 -28.58 -3.32 29.58
C LEU F 318 -27.07 -3.34 29.78
N ALA F 319 -26.53 -4.49 30.18
CA ALA F 319 -25.11 -4.64 30.44
C ALA F 319 -24.79 -6.12 30.56
N GLU F 320 -23.51 -6.43 30.50
CA GLU F 320 -23.04 -7.77 30.82
C GLU F 320 -22.98 -7.93 32.33
N SER F 321 -22.57 -9.12 32.78
CA SER F 321 -22.51 -9.52 34.18
C SER F 321 -23.91 -9.87 34.68
N LEU F 322 -24.00 -10.25 35.94
CA LEU F 322 -25.15 -10.92 36.52
C LEU F 322 -24.91 -11.06 38.02
N GLY F 323 -25.94 -11.47 38.73
CA GLY F 323 -25.77 -11.61 40.17
C GLY F 323 -25.78 -10.32 40.95
N ALA F 324 -26.13 -9.20 40.30
CA ALA F 324 -26.07 -7.87 40.90
C ALA F 324 -27.40 -7.51 41.52
N LEU F 325 -27.35 -6.60 42.51
CA LEU F 325 -28.58 -6.11 43.13
C LEU F 325 -29.52 -5.53 42.08
N GLU F 326 -28.97 -4.75 41.16
CA GLU F 326 -29.68 -4.29 39.96
C GLU F 326 -29.96 -5.43 38.99
N SER F 327 -31.15 -5.43 38.42
CA SER F 327 -31.50 -6.44 37.41
C SER F 327 -30.83 -6.06 36.10
N LEU F 328 -29.82 -6.83 35.71
CA LEU F 328 -29.16 -6.68 34.44
C LEU F 328 -29.87 -7.55 33.40
N ILE F 329 -29.78 -7.13 32.12
CA ILE F 329 -30.35 -7.88 30.99
C ILE F 329 -29.37 -7.79 29.82
N GLU F 330 -29.43 -8.79 28.93
CA GLU F 330 -28.40 -8.95 27.92
C GLU F 330 -28.86 -9.93 26.85
N ILE F 331 -28.30 -9.78 25.65
CA ILE F 331 -28.53 -10.65 24.49
C ILE F 331 -27.27 -11.50 24.27
N PRO F 332 -27.22 -12.75 24.72
CA PRO F 332 -25.93 -13.46 24.74
C PRO F 332 -25.24 -13.59 23.40
N ALA F 333 -25.97 -13.68 22.28
CA ALA F 333 -25.29 -13.75 20.99
C ALA F 333 -24.51 -12.47 20.68
N LEU F 334 -25.08 -11.31 21.05
CA LEU F 334 -24.44 -10.03 20.83
C LEU F 334 -23.56 -9.57 21.98
N MET F 335 -23.37 -10.40 23.00
CA MET F 335 -22.65 -9.95 24.18
C MET F 335 -21.82 -11.09 24.78
N THR F 336 -22.29 -11.72 25.87
CA THR F 336 -21.43 -12.60 26.67
C THR F 336 -20.97 -13.85 25.93
N HIS F 337 -21.62 -14.22 24.83
CA HIS F 337 -21.29 -15.43 24.10
C HIS F 337 -20.91 -15.14 22.66
N GLY F 338 -20.59 -13.88 22.35
CA GLY F 338 -19.99 -13.57 21.05
C GLY F 338 -18.66 -14.26 20.83
N ALA F 339 -18.03 -14.74 21.91
CA ALA F 339 -16.78 -15.48 21.81
C ALA F 339 -16.97 -16.89 21.26
N ILE F 340 -18.20 -17.33 21.08
CA ILE F 340 -18.50 -18.63 20.48
C ILE F 340 -18.97 -18.39 19.06
N PRO F 341 -18.44 -19.10 18.07
CA PRO F 341 -18.85 -18.87 16.68
C PRO F 341 -20.33 -19.12 16.49
N ARG F 342 -20.97 -18.26 15.69
CA ARG F 342 -22.44 -18.31 15.57
C ARG F 342 -22.95 -19.72 15.26
N THR F 343 -22.22 -20.48 14.44
CA THR F 343 -22.70 -21.81 14.05
C THR F 343 -22.68 -22.77 15.23
N ILE F 344 -21.67 -22.65 16.10
CA ILE F 344 -21.62 -23.48 17.30
C ILE F 344 -22.68 -23.03 18.29
N ARG F 345 -22.99 -21.73 18.29
CA ARG F 345 -24.02 -21.19 19.19
C ARG F 345 -25.38 -21.75 18.84
N LEU F 346 -25.82 -21.58 17.59
CA LEU F 346 -27.10 -22.13 17.19
C LEU F 346 -27.14 -23.64 17.33
N GLN F 347 -25.99 -24.30 17.18
CA GLN F 347 -25.94 -25.75 17.29
C GLN F 347 -26.16 -26.21 18.72
N ASN F 348 -25.77 -25.39 19.71
CA ASN F 348 -25.81 -25.77 21.12
C ASN F 348 -27.01 -25.18 21.87
N GLY F 349 -27.80 -24.32 21.23
CA GLY F 349 -29.08 -23.89 21.78
C GLY F 349 -29.29 -22.39 21.89
N ILE F 350 -28.35 -21.61 21.35
CA ILE F 350 -28.34 -20.18 21.60
C ILE F 350 -28.70 -19.42 20.32
N LYS F 351 -29.99 -19.21 20.11
CA LYS F 351 -30.45 -18.44 18.96
C LYS F 351 -30.02 -16.98 19.10
N ASP F 352 -29.97 -16.29 17.96
CA ASP F 352 -29.59 -14.88 17.98
C ASP F 352 -30.60 -13.99 18.68
N GLU F 353 -31.82 -14.47 18.96
CA GLU F 353 -32.86 -13.69 19.59
C GLU F 353 -33.02 -13.99 21.07
N LEU F 354 -32.10 -14.75 21.66
CA LEU F 354 -32.22 -15.10 23.06
C LEU F 354 -31.93 -13.89 23.93
N ILE F 355 -32.73 -13.74 24.99
CA ILE F 355 -32.54 -12.70 26.01
C ILE F 355 -32.25 -13.38 27.35
N ARG F 356 -31.28 -12.85 28.08
CA ARG F 356 -30.94 -13.37 29.40
C ARG F 356 -31.11 -12.28 30.45
N LEU F 357 -31.95 -12.58 31.43
CA LEU F 357 -32.37 -11.61 32.44
C LEU F 357 -31.87 -12.12 33.79
N SER F 358 -30.89 -11.41 34.34
CA SER F 358 -30.51 -11.57 35.73
C SER F 358 -31.55 -10.84 36.56
N VAL F 359 -32.51 -11.59 37.12
CA VAL F 359 -33.46 -10.99 38.03
C VAL F 359 -32.70 -10.43 39.21
N GLY F 360 -33.03 -9.19 39.58
CA GLY F 360 -32.43 -8.52 40.72
C GLY F 360 -33.29 -8.36 41.95
N VAL F 361 -32.99 -7.31 42.72
CA VAL F 361 -33.52 -7.16 44.07
C VAL F 361 -34.54 -6.04 44.18
N GLU F 362 -34.67 -5.20 43.14
CA GLU F 362 -35.61 -4.10 43.17
C GLU F 362 -37.03 -4.64 43.36
N ALA F 363 -37.94 -3.75 43.76
CA ALA F 363 -39.31 -4.17 44.08
C ALA F 363 -39.95 -4.83 42.87
N SER F 364 -40.58 -6.00 43.09
CA SER F 364 -41.13 -6.77 41.98
C SER F 364 -42.12 -5.96 41.13
N ASP F 365 -42.97 -5.15 41.77
CA ASP F 365 -43.92 -4.34 41.01
C ASP F 365 -43.22 -3.45 39.98
N ASP F 366 -42.14 -2.78 40.38
CA ASP F 366 -41.43 -1.89 39.46
C ASP F 366 -40.78 -2.64 38.31
N LEU F 367 -40.45 -3.91 38.51
CA LEU F 367 -39.82 -4.72 37.47
C LEU F 367 -40.81 -5.15 36.41
N LEU F 368 -41.96 -5.67 36.83
CA LEU F 368 -43.00 -6.07 35.87
C LEU F 368 -43.46 -4.87 35.05
N ALA F 369 -43.71 -3.74 35.73
CA ALA F 369 -44.04 -2.50 35.04
C ALA F 369 -42.98 -2.14 34.02
N ASP F 370 -41.71 -2.42 34.34
CA ASP F 370 -40.65 -2.06 33.42
C ASP F 370 -40.60 -3.02 32.23
N LEU F 371 -40.64 -4.33 32.50
CA LEU F 371 -40.70 -5.30 31.42
C LEU F 371 -41.88 -5.04 30.49
N GLU F 372 -42.97 -4.50 31.04
CA GLU F 372 -44.08 -4.12 30.18
C GLU F 372 -43.67 -3.02 29.21
N ARG F 373 -42.88 -2.07 29.68
CA ARG F 373 -42.36 -1.00 28.83
C ARG F 373 -41.63 -1.58 27.62
N GLY F 374 -40.93 -2.69 27.81
CA GLY F 374 -40.22 -3.32 26.72
C GLY F 374 -41.11 -4.15 25.82
N PHE F 375 -42.13 -4.80 26.38
CA PHE F 375 -43.08 -5.49 25.52
C PHE F 375 -43.87 -4.50 24.70
N ALA F 376 -44.22 -3.37 25.32
CA ALA F 376 -45.00 -2.36 24.64
C ALA F 376 -44.27 -1.83 23.41
N SER F 377 -42.95 -1.83 23.44
CA SER F 377 -42.16 -1.24 22.37
C SER F 377 -42.00 -2.14 21.15
N ILE F 378 -42.51 -3.37 21.20
CA ILE F 378 -42.41 -4.31 20.09
C ILE F 378 -43.76 -4.82 19.63
N GLN F 379 -44.81 -4.28 20.28
CA GLN F 379 -46.27 -4.23 20.07
C GLN F 379 -46.98 -5.43 20.71
N ALA F 380 -46.97 -5.48 22.05
CA ALA F 380 -47.34 -6.70 22.80
C ALA F 380 -48.00 -6.55 24.20
#